data_5PAL
# 
_entry.id   5PAL 
# 
_audit_conform.dict_name       mmcif_pdbx.dic 
_audit_conform.dict_version    5.387 
_audit_conform.dict_location   http://mmcif.pdb.org/dictionaries/ascii/mmcif_pdbx.dic 
# 
loop_
_database_2.database_id 
_database_2.database_code 
_database_2.pdbx_database_accession 
_database_2.pdbx_DOI 
PDB   5PAL         pdb_00005pal 10.2210/pdb5pal/pdb 
WWPDB D_1000179751 ?            ?                   
# 
loop_
_pdbx_audit_revision_history.ordinal 
_pdbx_audit_revision_history.data_content_type 
_pdbx_audit_revision_history.major_revision 
_pdbx_audit_revision_history.minor_revision 
_pdbx_audit_revision_history.revision_date 
1 'Structure model' 1 0 1993-10-31 
2 'Structure model' 1 1 2008-03-03 
3 'Structure model' 1 2 2011-07-13 
4 'Structure model' 1 3 2017-11-29 
5 'Structure model' 1 4 2024-03-06 
# 
_pdbx_audit_revision_details.ordinal             1 
_pdbx_audit_revision_details.revision_ordinal    1 
_pdbx_audit_revision_details.data_content_type   'Structure model' 
_pdbx_audit_revision_details.provider            repository 
_pdbx_audit_revision_details.type                'Initial release' 
_pdbx_audit_revision_details.description         ? 
_pdbx_audit_revision_details.details             ? 
# 
loop_
_pdbx_audit_revision_group.ordinal 
_pdbx_audit_revision_group.revision_ordinal 
_pdbx_audit_revision_group.data_content_type 
_pdbx_audit_revision_group.group 
1 2 'Structure model' 'Version format compliance' 
2 3 'Structure model' 'Version format compliance' 
3 4 'Structure model' Advisory                    
4 4 'Structure model' 'Derived calculations'      
5 4 'Structure model' Other                       
6 5 'Structure model' Advisory                    
7 5 'Structure model' 'Data collection'           
8 5 'Structure model' 'Database references'       
9 5 'Structure model' 'Derived calculations'      
# 
loop_
_pdbx_audit_revision_category.ordinal 
_pdbx_audit_revision_category.revision_ordinal 
_pdbx_audit_revision_category.data_content_type 
_pdbx_audit_revision_category.category 
1  4 'Structure model' pdbx_database_status         
2  4 'Structure model' pdbx_unobs_or_zero_occ_atoms 
3  4 'Structure model' struct_conf                  
4  4 'Structure model' struct_conf_type             
5  5 'Structure model' chem_comp_atom               
6  5 'Structure model' chem_comp_bond               
7  5 'Structure model' database_2                   
8  5 'Structure model' pdbx_struct_conn_angle       
9  5 'Structure model' pdbx_unobs_or_zero_occ_atoms 
10 5 'Structure model' struct_conn                  
11 5 'Structure model' struct_site                  
# 
loop_
_pdbx_audit_revision_item.ordinal 
_pdbx_audit_revision_item.revision_ordinal 
_pdbx_audit_revision_item.data_content_type 
_pdbx_audit_revision_item.item 
1  4 'Structure model' '_pdbx_database_status.process_site'          
2  5 'Structure model' '_database_2.pdbx_DOI'                        
3  5 'Structure model' '_database_2.pdbx_database_accession'         
4  5 'Structure model' '_pdbx_struct_conn_angle.ptnr1_auth_comp_id'  
5  5 'Structure model' '_pdbx_struct_conn_angle.ptnr1_auth_seq_id'   
6  5 'Structure model' '_pdbx_struct_conn_angle.ptnr1_label_asym_id' 
7  5 'Structure model' '_pdbx_struct_conn_angle.ptnr1_label_atom_id' 
8  5 'Structure model' '_pdbx_struct_conn_angle.ptnr1_label_comp_id' 
9  5 'Structure model' '_pdbx_struct_conn_angle.ptnr1_label_seq_id'  
10 5 'Structure model' '_pdbx_struct_conn_angle.ptnr2_auth_seq_id'   
11 5 'Structure model' '_pdbx_struct_conn_angle.ptnr2_label_asym_id' 
12 5 'Structure model' '_pdbx_struct_conn_angle.ptnr3_auth_comp_id'  
13 5 'Structure model' '_pdbx_struct_conn_angle.ptnr3_auth_seq_id'   
14 5 'Structure model' '_pdbx_struct_conn_angle.ptnr3_label_asym_id' 
15 5 'Structure model' '_pdbx_struct_conn_angle.ptnr3_label_atom_id' 
16 5 'Structure model' '_pdbx_struct_conn_angle.ptnr3_label_comp_id' 
17 5 'Structure model' '_pdbx_struct_conn_angle.ptnr3_label_seq_id'  
18 5 'Structure model' '_pdbx_struct_conn_angle.value'               
19 5 'Structure model' '_struct_conn.pdbx_dist_value'                
20 5 'Structure model' '_struct_conn.ptnr1_auth_comp_id'             
21 5 'Structure model' '_struct_conn.ptnr1_auth_seq_id'              
22 5 'Structure model' '_struct_conn.ptnr1_label_asym_id'            
23 5 'Structure model' '_struct_conn.ptnr1_label_atom_id'            
24 5 'Structure model' '_struct_conn.ptnr1_label_comp_id'            
25 5 'Structure model' '_struct_conn.ptnr1_label_seq_id'             
26 5 'Structure model' '_struct_conn.ptnr2_auth_comp_id'             
27 5 'Structure model' '_struct_conn.ptnr2_auth_seq_id'              
28 5 'Structure model' '_struct_conn.ptnr2_label_asym_id'            
29 5 'Structure model' '_struct_conn.ptnr2_label_atom_id'            
30 5 'Structure model' '_struct_conn.ptnr2_label_comp_id'            
31 5 'Structure model' '_struct_conn.ptnr2_label_seq_id'             
32 5 'Structure model' '_struct_site.pdbx_auth_asym_id'              
33 5 'Structure model' '_struct_site.pdbx_auth_comp_id'              
34 5 'Structure model' '_struct_site.pdbx_auth_seq_id'               
# 
_pdbx_database_status.status_code                     REL 
_pdbx_database_status.entry_id                        5PAL 
_pdbx_database_status.recvd_initial_deposition_date   1991-09-25 
_pdbx_database_status.deposit_site                    ? 
_pdbx_database_status.process_site                    BNL 
_pdbx_database_status.SG_entry                        . 
_pdbx_database_status.pdb_format_compatible           Y 
_pdbx_database_status.status_code_mr                  ? 
_pdbx_database_status.status_code_sf                  ? 
_pdbx_database_status.status_code_cs                  ? 
_pdbx_database_status.methods_development_category    ? 
_pdbx_database_status.status_code_nmr_data            ? 
# 
loop_
_audit_author.name 
_audit_author.pdbx_ordinal 
'Roquet, F.'      1 
'Declercq, J.-P.' 2 
'Tinant, B.'      3 
'Rambaud, J.'     4 
'Parello, J.'     5 
# 
loop_
_citation.id 
_citation.title 
_citation.journal_abbrev 
_citation.journal_volume 
_citation.page_first 
_citation.page_last 
_citation.year 
_citation.journal_id_ASTM 
_citation.country 
_citation.journal_id_ISSN 
_citation.journal_id_CSD 
_citation.book_publisher 
_citation.pdbx_database_id_PubMed 
_citation.pdbx_database_id_DOI 
primary 
;Crystal structure of the unique parvalbumin component from muscle of the leopard shark (Triakis semifasciata). The first X-ray study of an alpha-parvalbumin.
;
J.Mol.Biol. 223 705  720 1992 JMOBAK UK 0022-2836 0070 ? 1542115 '10.1016/0022-2836(92)90985-S' 
1       
;Ionic Interactions with Parvalbumins. Crystal Structure Determination of Pike 4(Dot)10 Parvalbumin in Four Different Ionic Environments
;
J.Mol.Biol. 220 1017 ?   1991 JMOBAK UK 0022-2836 0070 ? ?       ?                              
2       'Crystal Structure Determination and Refinement of Pike 4.10 Parvalbumin (Minor Component from Esox Lucius)' J.Mol.Biol. 
202 349  ?   1988 JMOBAK UK 0022-2836 0070 ? ?       ?                              
# 
loop_
_citation_author.citation_id 
_citation_author.name 
_citation_author.ordinal 
_citation_author.identifier_ORCID 
primary 'Roquet, F.'      1  ? 
primary 'Declercq, J.P.'  2  ? 
primary 'Tinant, B.'      3  ? 
primary 'Rambaud, J.'     4  ? 
primary 'Parello, J.'     5  ? 
1       'Declercq, J.-P.' 6  ? 
1       'Tinant, B.'      7  ? 
1       'Parello, J.'     8  ? 
1       'Rambaud, J.'     9  ? 
2       'Declercq, J.-P.' 10 ? 
2       'Tinant, B.'      11 ? 
2       'Parello, J.'     12 ? 
2       'Etienne, G.'     13 ? 
2       'Huber, H.'       14 ? 
# 
loop_
_entity.id 
_entity.type 
_entity.src_method 
_entity.pdbx_description 
_entity.formula_weight 
_entity.pdbx_number_of_molecules 
_entity.pdbx_ec 
_entity.pdbx_mutation 
_entity.pdbx_fragment 
_entity.details 
1 polymer     man PARVALBUMIN   11950.463 1  ? ? ? ? 
2 non-polymer syn 'CALCIUM ION' 40.078    2  ? ? ? ? 
3 water       nat water         18.015    92 ? ? ? ? 
# 
_entity_poly.entity_id                      1 
_entity_poly.type                           'polypeptide(L)' 
_entity_poly.nstd_linkage                   no 
_entity_poly.nstd_monomer                   no 
_entity_poly.pdbx_seq_one_letter_code       
;PMTKVLKADDINKAISAFKDPGTFDYKRFFHLVGLKGKTDAQVKEVFEILDKDQSGFIEEEELKGVLKGFSAHGRDLNDT
ETKALLAAGDSDHDGKIGADEFAKMVAQA
;
_entity_poly.pdbx_seq_one_letter_code_can   
;PMTKVLKADDINKAISAFKDPGTFDYKRFFHLVGLKGKTDAQVKEVFEILDKDQSGFIEEEELKGVLKGFSAHGRDLNDT
ETKALLAAGDSDHDGKIGADEFAKMVAQA
;
_entity_poly.pdbx_strand_id                 A 
_entity_poly.pdbx_target_identifier         ? 
# 
loop_
_pdbx_entity_nonpoly.entity_id 
_pdbx_entity_nonpoly.name 
_pdbx_entity_nonpoly.comp_id 
2 'CALCIUM ION' CA  
3 water         HOH 
# 
loop_
_entity_poly_seq.entity_id 
_entity_poly_seq.num 
_entity_poly_seq.mon_id 
_entity_poly_seq.hetero 
1 1   PRO n 
1 2   MET n 
1 3   THR n 
1 4   LYS n 
1 5   VAL n 
1 6   LEU n 
1 7   LYS n 
1 8   ALA n 
1 9   ASP n 
1 10  ASP n 
1 11  ILE n 
1 12  ASN n 
1 13  LYS n 
1 14  ALA n 
1 15  ILE n 
1 16  SER n 
1 17  ALA n 
1 18  PHE n 
1 19  LYS n 
1 20  ASP n 
1 21  PRO n 
1 22  GLY n 
1 23  THR n 
1 24  PHE n 
1 25  ASP n 
1 26  TYR n 
1 27  LYS n 
1 28  ARG n 
1 29  PHE n 
1 30  PHE n 
1 31  HIS n 
1 32  LEU n 
1 33  VAL n 
1 34  GLY n 
1 35  LEU n 
1 36  LYS n 
1 37  GLY n 
1 38  LYS n 
1 39  THR n 
1 40  ASP n 
1 41  ALA n 
1 42  GLN n 
1 43  VAL n 
1 44  LYS n 
1 45  GLU n 
1 46  VAL n 
1 47  PHE n 
1 48  GLU n 
1 49  ILE n 
1 50  LEU n 
1 51  ASP n 
1 52  LYS n 
1 53  ASP n 
1 54  GLN n 
1 55  SER n 
1 56  GLY n 
1 57  PHE n 
1 58  ILE n 
1 59  GLU n 
1 60  GLU n 
1 61  GLU n 
1 62  GLU n 
1 63  LEU n 
1 64  LYS n 
1 65  GLY n 
1 66  VAL n 
1 67  LEU n 
1 68  LYS n 
1 69  GLY n 
1 70  PHE n 
1 71  SER n 
1 72  ALA n 
1 73  HIS n 
1 74  GLY n 
1 75  ARG n 
1 76  ASP n 
1 77  LEU n 
1 78  ASN n 
1 79  ASP n 
1 80  THR n 
1 81  GLU n 
1 82  THR n 
1 83  LYS n 
1 84  ALA n 
1 85  LEU n 
1 86  LEU n 
1 87  ALA n 
1 88  ALA n 
1 89  GLY n 
1 90  ASP n 
1 91  SER n 
1 92  ASP n 
1 93  HIS n 
1 94  ASP n 
1 95  GLY n 
1 96  LYS n 
1 97  ILE n 
1 98  GLY n 
1 99  ALA n 
1 100 ASP n 
1 101 GLU n 
1 102 PHE n 
1 103 ALA n 
1 104 LYS n 
1 105 MET n 
1 106 VAL n 
1 107 ALA n 
1 108 GLN n 
1 109 ALA n 
# 
_entity_src_gen.entity_id                          1 
_entity_src_gen.pdbx_src_id                        1 
_entity_src_gen.pdbx_alt_source_flag               sample 
_entity_src_gen.pdbx_seq_type                      ? 
_entity_src_gen.pdbx_beg_seq_num                   ? 
_entity_src_gen.pdbx_end_seq_num                   ? 
_entity_src_gen.gene_src_common_name               'leopard shark' 
_entity_src_gen.gene_src_genus                     Triakis 
_entity_src_gen.pdbx_gene_src_gene                 ? 
_entity_src_gen.gene_src_species                   ? 
_entity_src_gen.gene_src_strain                    ? 
_entity_src_gen.gene_src_tissue                    ? 
_entity_src_gen.gene_src_tissue_fraction           ? 
_entity_src_gen.gene_src_details                   ? 
_entity_src_gen.pdbx_gene_src_fragment             ? 
_entity_src_gen.pdbx_gene_src_scientific_name      'Triakis semifasciata' 
_entity_src_gen.pdbx_gene_src_ncbi_taxonomy_id     30493 
_entity_src_gen.pdbx_gene_src_variant              ? 
_entity_src_gen.pdbx_gene_src_cell_line            ? 
_entity_src_gen.pdbx_gene_src_atcc                 ? 
_entity_src_gen.pdbx_gene_src_organ                ? 
_entity_src_gen.pdbx_gene_src_organelle            ? 
_entity_src_gen.pdbx_gene_src_cell                 ? 
_entity_src_gen.pdbx_gene_src_cellular_location    ? 
_entity_src_gen.host_org_common_name               ? 
_entity_src_gen.pdbx_host_org_scientific_name      ? 
_entity_src_gen.pdbx_host_org_ncbi_taxonomy_id     ? 
_entity_src_gen.host_org_genus                     ? 
_entity_src_gen.pdbx_host_org_gene                 ? 
_entity_src_gen.pdbx_host_org_organ                ? 
_entity_src_gen.host_org_species                   ? 
_entity_src_gen.pdbx_host_org_tissue               ? 
_entity_src_gen.pdbx_host_org_tissue_fraction      ? 
_entity_src_gen.pdbx_host_org_strain               ? 
_entity_src_gen.pdbx_host_org_variant              ? 
_entity_src_gen.pdbx_host_org_cell_line            ? 
_entity_src_gen.pdbx_host_org_atcc                 ? 
_entity_src_gen.pdbx_host_org_culture_collection   ? 
_entity_src_gen.pdbx_host_org_cell                 ? 
_entity_src_gen.pdbx_host_org_organelle            ? 
_entity_src_gen.pdbx_host_org_cellular_location    ? 
_entity_src_gen.pdbx_host_org_vector_type          ? 
_entity_src_gen.pdbx_host_org_vector               ? 
_entity_src_gen.host_org_details                   ? 
_entity_src_gen.expression_system_id               ? 
_entity_src_gen.plasmid_name                       ? 
_entity_src_gen.plasmid_details                    ? 
_entity_src_gen.pdbx_description                   ? 
# 
loop_
_chem_comp.id 
_chem_comp.type 
_chem_comp.mon_nstd_flag 
_chem_comp.name 
_chem_comp.pdbx_synonyms 
_chem_comp.formula 
_chem_comp.formula_weight 
ALA 'L-peptide linking' y ALANINE         ? 'C3 H7 N O2'     89.093  
ARG 'L-peptide linking' y ARGININE        ? 'C6 H15 N4 O2 1' 175.209 
ASN 'L-peptide linking' y ASPARAGINE      ? 'C4 H8 N2 O3'    132.118 
ASP 'L-peptide linking' y 'ASPARTIC ACID' ? 'C4 H7 N O4'     133.103 
CA  non-polymer         . 'CALCIUM ION'   ? 'Ca 2'           40.078  
GLN 'L-peptide linking' y GLUTAMINE       ? 'C5 H10 N2 O3'   146.144 
GLU 'L-peptide linking' y 'GLUTAMIC ACID' ? 'C5 H9 N O4'     147.129 
GLY 'peptide linking'   y GLYCINE         ? 'C2 H5 N O2'     75.067  
HIS 'L-peptide linking' y HISTIDINE       ? 'C6 H10 N3 O2 1' 156.162 
HOH non-polymer         . WATER           ? 'H2 O'           18.015  
ILE 'L-peptide linking' y ISOLEUCINE      ? 'C6 H13 N O2'    131.173 
LEU 'L-peptide linking' y LEUCINE         ? 'C6 H13 N O2'    131.173 
LYS 'L-peptide linking' y LYSINE          ? 'C6 H15 N2 O2 1' 147.195 
MET 'L-peptide linking' y METHIONINE      ? 'C5 H11 N O2 S'  149.211 
PHE 'L-peptide linking' y PHENYLALANINE   ? 'C9 H11 N O2'    165.189 
PRO 'L-peptide linking' y PROLINE         ? 'C5 H9 N O2'     115.130 
SER 'L-peptide linking' y SERINE          ? 'C3 H7 N O3'     105.093 
THR 'L-peptide linking' y THREONINE       ? 'C4 H9 N O3'     119.119 
TYR 'L-peptide linking' y TYROSINE        ? 'C9 H11 N O3'    181.189 
VAL 'L-peptide linking' y VALINE          ? 'C5 H11 N O2'    117.146 
# 
loop_
_pdbx_poly_seq_scheme.asym_id 
_pdbx_poly_seq_scheme.entity_id 
_pdbx_poly_seq_scheme.seq_id 
_pdbx_poly_seq_scheme.mon_id 
_pdbx_poly_seq_scheme.ndb_seq_num 
_pdbx_poly_seq_scheme.pdb_seq_num 
_pdbx_poly_seq_scheme.auth_seq_num 
_pdbx_poly_seq_scheme.pdb_mon_id 
_pdbx_poly_seq_scheme.auth_mon_id 
_pdbx_poly_seq_scheme.pdb_strand_id 
_pdbx_poly_seq_scheme.pdb_ins_code 
_pdbx_poly_seq_scheme.hetero 
A 1 1   PRO 1   1   1   PRO PRO A . n 
A 1 2   MET 2   2   2   MET MET A . n 
A 1 3   THR 3   3   3   THR THR A . n 
A 1 4   LYS 4   4   4   LYS LYS A . n 
A 1 5   VAL 5   5   5   VAL VAL A . n 
A 1 6   LEU 6   6   6   LEU LEU A . n 
A 1 7   LYS 7   7   7   LYS LYS A . n 
A 1 8   ALA 8   8   8   ALA ALA A . n 
A 1 9   ASP 9   9   9   ASP ASP A . n 
A 1 10  ASP 10  10  10  ASP ASP A . n 
A 1 11  ILE 11  11  11  ILE ILE A . n 
A 1 12  ASN 12  12  12  ASN ASN A . n 
A 1 13  LYS 13  13  13  LYS LYS A . n 
A 1 14  ALA 14  14  14  ALA ALA A . n 
A 1 15  ILE 15  15  15  ILE ILE A . n 
A 1 16  SER 16  16  16  SER SER A . n 
A 1 17  ALA 17  17  17  ALA ALA A . n 
A 1 18  PHE 18  18  18  PHE PHE A . n 
A 1 19  LYS 19  19  19  LYS LYS A . n 
A 1 20  ASP 20  20  20  ASP ASP A . n 
A 1 21  PRO 21  21  21  PRO PRO A . n 
A 1 22  GLY 22  22  22  GLY GLY A . n 
A 1 23  THR 23  23  23  THR THR A . n 
A 1 24  PHE 24  24  24  PHE PHE A . n 
A 1 25  ASP 25  25  25  ASP ASP A . n 
A 1 26  TYR 26  26  26  TYR TYR A . n 
A 1 27  LYS 27  27  27  LYS LYS A . n 
A 1 28  ARG 28  28  28  ARG ARG A . n 
A 1 29  PHE 29  29  29  PHE PHE A . n 
A 1 30  PHE 30  30  30  PHE PHE A . n 
A 1 31  HIS 31  31  31  HIS HIS A . n 
A 1 32  LEU 32  32  32  LEU LEU A . n 
A 1 33  VAL 33  33  33  VAL VAL A . n 
A 1 34  GLY 34  34  34  GLY GLY A . n 
A 1 35  LEU 35  35  35  LEU LEU A . n 
A 1 36  LYS 36  36  36  LYS LYS A . n 
A 1 37  GLY 37  37  37  GLY GLY A . n 
A 1 38  LYS 38  38  38  LYS LYS A . n 
A 1 39  THR 39  39  39  THR THR A . n 
A 1 40  ASP 40  40  40  ASP ASP A . n 
A 1 41  ALA 41  41  41  ALA ALA A . n 
A 1 42  GLN 42  42  42  GLN GLN A . n 
A 1 43  VAL 43  43  43  VAL VAL A . n 
A 1 44  LYS 44  44  44  LYS LYS A . n 
A 1 45  GLU 45  45  45  GLU GLU A . n 
A 1 46  VAL 46  46  46  VAL VAL A . n 
A 1 47  PHE 47  47  47  PHE PHE A . n 
A 1 48  GLU 48  48  48  GLU GLU A . n 
A 1 49  ILE 49  49  49  ILE ILE A . n 
A 1 50  LEU 50  50  50  LEU LEU A . n 
A 1 51  ASP 51  51  51  ASP ASP A . n 
A 1 52  LYS 52  52  52  LYS LYS A . n 
A 1 53  ASP 53  53  53  ASP ASP A . n 
A 1 54  GLN 54  54  54  GLN GLN A . n 
A 1 55  SER 55  55  55  SER SER A . n 
A 1 56  GLY 56  56  56  GLY GLY A . n 
A 1 57  PHE 57  57  57  PHE PHE A . n 
A 1 58  ILE 58  58  58  ILE ILE A . n 
A 1 59  GLU 59  59  59  GLU GLU A . n 
A 1 60  GLU 60  60  60  GLU GLU A . n 
A 1 61  GLU 61  61  61  GLU GLU A . n 
A 1 62  GLU 62  62  62  GLU GLU A . n 
A 1 63  LEU 63  63  63  LEU LEU A . n 
A 1 64  LYS 64  64  64  LYS LYS A . n 
A 1 65  GLY 65  65  65  GLY GLY A . n 
A 1 66  VAL 66  66  66  VAL VAL A . n 
A 1 67  LEU 67  67  67  LEU LEU A . n 
A 1 68  LYS 68  68  68  LYS LYS A . n 
A 1 69  GLY 69  69  69  GLY GLY A . n 
A 1 70  PHE 70  70  70  PHE PHE A . n 
A 1 71  SER 71  71  71  SER SER A . n 
A 1 72  ALA 72  72  72  ALA ALA A . n 
A 1 73  HIS 73  73  73  HIS HIS A . n 
A 1 74  GLY 74  74  74  GLY GLY A . n 
A 1 75  ARG 75  75  75  ARG ARG A . n 
A 1 76  ASP 76  76  76  ASP ASP A . n 
A 1 77  LEU 77  77  77  LEU LEU A . n 
A 1 78  ASN 78  78  78  ASN ASN A . n 
A 1 79  ASP 79  79  79  ASP ASP A . n 
A 1 80  THR 80  80  80  THR THR A . n 
A 1 81  GLU 81  81  81  GLU GLU A . n 
A 1 82  THR 82  82  82  THR THR A . n 
A 1 83  LYS 83  83  83  LYS LYS A . n 
A 1 84  ALA 84  84  84  ALA ALA A . n 
A 1 85  LEU 85  85  85  LEU LEU A . n 
A 1 86  LEU 86  86  86  LEU LEU A . n 
A 1 87  ALA 87  87  87  ALA ALA A . n 
A 1 88  ALA 88  88  88  ALA ALA A . n 
A 1 89  GLY 89  89  89  GLY GLY A . n 
A 1 90  ASP 90  90  90  ASP ASP A . n 
A 1 91  SER 91  91  91  SER SER A . n 
A 1 92  ASP 92  92  92  ASP ASP A . n 
A 1 93  HIS 93  93  93  HIS HIS A . n 
A 1 94  ASP 94  94  94  ASP ASP A . n 
A 1 95  GLY 95  95  95  GLY GLY A . n 
A 1 96  LYS 96  96  96  LYS LYS A . n 
A 1 97  ILE 97  97  97  ILE ILE A . n 
A 1 98  GLY 98  98  98  GLY GLY A . n 
A 1 99  ALA 99  99  99  ALA ALA A . n 
A 1 100 ASP 100 100 100 ASP ASP A . n 
A 1 101 GLU 101 101 101 GLU GLU A . n 
A 1 102 PHE 102 102 102 PHE PHE A . n 
A 1 103 ALA 103 103 103 ALA ALA A . n 
A 1 104 LYS 104 104 104 LYS LYS A . n 
A 1 105 MET 105 105 105 MET MET A . n 
A 1 106 VAL 106 106 106 VAL VAL A . n 
A 1 107 ALA 107 107 107 ALA ALA A . n 
A 1 108 GLN 108 108 108 GLN GLN A . n 
A 1 109 ALA 109 109 109 ALA ALA A . n 
# 
loop_
_pdbx_nonpoly_scheme.asym_id 
_pdbx_nonpoly_scheme.entity_id 
_pdbx_nonpoly_scheme.mon_id 
_pdbx_nonpoly_scheme.ndb_seq_num 
_pdbx_nonpoly_scheme.pdb_seq_num 
_pdbx_nonpoly_scheme.auth_seq_num 
_pdbx_nonpoly_scheme.pdb_mon_id 
_pdbx_nonpoly_scheme.auth_mon_id 
_pdbx_nonpoly_scheme.pdb_strand_id 
_pdbx_nonpoly_scheme.pdb_ins_code 
B 2 CA  1  110 110 CA  CA  A . 
C 2 CA  1  111 111 CA  CA  A . 
D 3 HOH 1  201 201 HOH HOH A . 
D 3 HOH 2  202 202 HOH HOH A . 
D 3 HOH 3  203 203 HOH HOH A . 
D 3 HOH 4  204 204 HOH HOH A . 
D 3 HOH 5  205 205 HOH HOH A . 
D 3 HOH 6  206 206 HOH HOH A . 
D 3 HOH 7  207 207 HOH HOH A . 
D 3 HOH 8  208 208 HOH HOH A . 
D 3 HOH 9  209 209 HOH HOH A . 
D 3 HOH 10 210 210 HOH HOH A . 
D 3 HOH 11 211 211 HOH HOH A . 
D 3 HOH 12 212 212 HOH HOH A . 
D 3 HOH 13 213 213 HOH HOH A . 
D 3 HOH 14 214 214 HOH HOH A . 
D 3 HOH 15 215 215 HOH HOH A . 
D 3 HOH 16 216 216 HOH HOH A . 
D 3 HOH 17 217 217 HOH HOH A . 
D 3 HOH 18 218 218 HOH HOH A . 
D 3 HOH 19 219 219 HOH HOH A . 
D 3 HOH 20 220 220 HOH HOH A . 
D 3 HOH 21 221 221 HOH HOH A . 
D 3 HOH 22 222 222 HOH HOH A . 
D 3 HOH 23 223 223 HOH HOH A . 
D 3 HOH 24 224 224 HOH HOH A . 
D 3 HOH 25 225 225 HOH HOH A . 
D 3 HOH 26 226 226 HOH HOH A . 
D 3 HOH 27 227 227 HOH HOH A . 
D 3 HOH 28 228 228 HOH HOH A . 
D 3 HOH 29 229 229 HOH HOH A . 
D 3 HOH 30 230 230 HOH HOH A . 
D 3 HOH 31 231 231 HOH HOH A . 
D 3 HOH 32 232 232 HOH HOH A . 
D 3 HOH 33 233 233 HOH HOH A . 
D 3 HOH 34 234 234 HOH HOH A . 
D 3 HOH 35 235 235 HOH HOH A . 
D 3 HOH 36 236 236 HOH HOH A . 
D 3 HOH 37 237 237 HOH HOH A . 
D 3 HOH 38 238 238 HOH HOH A . 
D 3 HOH 39 239 239 HOH HOH A . 
D 3 HOH 40 240 240 HOH HOH A . 
D 3 HOH 41 241 241 HOH HOH A . 
D 3 HOH 42 242 242 HOH HOH A . 
D 3 HOH 43 243 243 HOH HOH A . 
D 3 HOH 44 244 244 HOH HOH A . 
D 3 HOH 45 245 245 HOH HOH A . 
D 3 HOH 46 246 246 HOH HOH A . 
D 3 HOH 47 247 247 HOH HOH A . 
D 3 HOH 48 248 248 HOH HOH A . 
D 3 HOH 49 249 249 HOH HOH A . 
D 3 HOH 50 250 250 HOH HOH A . 
D 3 HOH 51 251 251 HOH HOH A . 
D 3 HOH 52 252 252 HOH HOH A . 
D 3 HOH 53 253 253 HOH HOH A . 
D 3 HOH 54 254 254 HOH HOH A . 
D 3 HOH 55 255 255 HOH HOH A . 
D 3 HOH 56 256 256 HOH HOH A . 
D 3 HOH 57 257 257 HOH HOH A . 
D 3 HOH 58 258 258 HOH HOH A . 
D 3 HOH 59 259 259 HOH HOH A . 
D 3 HOH 60 260 260 HOH HOH A . 
D 3 HOH 61 261 261 HOH HOH A . 
D 3 HOH 62 262 262 HOH HOH A . 
D 3 HOH 63 263 263 HOH HOH A . 
D 3 HOH 64 264 264 HOH HOH A . 
D 3 HOH 65 265 265 HOH HOH A . 
D 3 HOH 66 266 266 HOH HOH A . 
D 3 HOH 67 267 267 HOH HOH A . 
D 3 HOH 68 268 268 HOH HOH A . 
D 3 HOH 69 269 269 HOH HOH A . 
D 3 HOH 70 270 270 HOH HOH A . 
D 3 HOH 71 271 271 HOH HOH A . 
D 3 HOH 72 272 272 HOH HOH A . 
D 3 HOH 73 273 273 HOH HOH A . 
D 3 HOH 74 274 274 HOH HOH A . 
D 3 HOH 75 275 275 HOH HOH A . 
D 3 HOH 76 276 276 HOH HOH A . 
D 3 HOH 77 277 277 HOH HOH A . 
D 3 HOH 78 278 278 HOH HOH A . 
D 3 HOH 79 279 279 HOH HOH A . 
D 3 HOH 80 281 281 HOH HOH A . 
D 3 HOH 81 282 282 HOH HOH A . 
D 3 HOH 82 283 283 HOH HOH A . 
D 3 HOH 83 285 285 HOH HOH A . 
D 3 HOH 84 287 287 HOH HOH A . 
D 3 HOH 85 288 288 HOH HOH A . 
D 3 HOH 86 289 289 HOH HOH A . 
D 3 HOH 87 291 291 HOH HOH A . 
D 3 HOH 88 292 292 HOH HOH A . 
D 3 HOH 89 293 293 HOH HOH A . 
D 3 HOH 90 294 294 HOH HOH A . 
D 3 HOH 91 297 297 HOH HOH A . 
D 3 HOH 92 298 298 HOH HOH A . 
# 
loop_
_pdbx_unobs_or_zero_occ_atoms.id 
_pdbx_unobs_or_zero_occ_atoms.PDB_model_num 
_pdbx_unobs_or_zero_occ_atoms.polymer_flag 
_pdbx_unobs_or_zero_occ_atoms.occupancy_flag 
_pdbx_unobs_or_zero_occ_atoms.auth_asym_id 
_pdbx_unobs_or_zero_occ_atoms.auth_comp_id 
_pdbx_unobs_or_zero_occ_atoms.auth_seq_id 
_pdbx_unobs_or_zero_occ_atoms.PDB_ins_code 
_pdbx_unobs_or_zero_occ_atoms.auth_atom_id 
_pdbx_unobs_or_zero_occ_atoms.label_alt_id 
_pdbx_unobs_or_zero_occ_atoms.label_asym_id 
_pdbx_unobs_or_zero_occ_atoms.label_comp_id 
_pdbx_unobs_or_zero_occ_atoms.label_seq_id 
_pdbx_unobs_or_zero_occ_atoms.label_atom_id 
1  1 Y 0 A PRO 1   ? CB  ? A PRO 1   CB  
2  1 Y 0 A PRO 1   ? CG  ? A PRO 1   CG  
3  1 Y 0 A LYS 4   ? CE  ? A LYS 4   CE  
4  1 Y 0 A LYS 4   ? NZ  ? A LYS 4   NZ  
5  1 Y 0 A LYS 7   ? NZ  ? A LYS 7   NZ  
6  1 Y 0 A LYS 13  ? CE  ? A LYS 13  CE  
7  1 Y 0 A LYS 13  ? NZ  ? A LYS 13  NZ  
8  1 Y 0 A LYS 44  ? CE  ? A LYS 44  CE  
9  1 Y 0 A LYS 44  ? NZ  ? A LYS 44  NZ  
10 1 Y 0 A LYS 52  ? NZ  ? A LYS 52  NZ  
11 1 Y 0 A GLU 61  ? CD  ? A GLU 61  CD  
12 1 Y 0 A GLU 61  ? OE1 ? A GLU 61  OE1 
13 1 Y 0 A GLU 61  ? OE2 ? A GLU 61  OE2 
14 1 Y 0 A LYS 64  ? NZ  ? A LYS 64  NZ  
15 1 Y 0 A ASP 79  ? OD2 ? A ASP 79  OD2 
16 1 Y 0 A LYS 83  ? CE  ? A LYS 83  CE  
17 1 Y 0 A LYS 83  ? NZ  ? A LYS 83  NZ  
18 1 Y 0 A LYS 104 ? NZ  ? A LYS 104 NZ  
# 
loop_
_software.name 
_software.classification 
_software.version 
_software.citation_id 
_software.pdbx_ordinal 
X-PLOR 'model building' . ? 1 
EREF   refinement       . ? 2 
X-PLOR refinement       . ? 3 
X-PLOR phasing          . ? 4 
# 
_cell.entry_id           5PAL 
_cell.length_a           32.120 
_cell.length_b           32.120 
_cell.length_c           149.000 
_cell.angle_alpha        90.00 
_cell.angle_beta         90.00 
_cell.angle_gamma        120.00 
_cell.Z_PDB              6 
_cell.pdbx_unique_axis   ? 
# 
_symmetry.entry_id                         5PAL 
_symmetry.space_group_name_H-M             'P 31 2 1' 
_symmetry.pdbx_full_space_group_name_H-M   ? 
_symmetry.cell_setting                     ? 
_symmetry.Int_Tables_number                152 
# 
_exptl.entry_id          5PAL 
_exptl.method            'X-RAY DIFFRACTION' 
_exptl.crystals_number   ? 
# 
_exptl_crystal.id                    1 
_exptl_crystal.density_meas          ? 
_exptl_crystal.density_Matthews      1.86 
_exptl_crystal.density_percent_sol   33.74 
_exptl_crystal.description           ? 
# 
_refine.entry_id                                 5PAL 
_refine.ls_number_reflns_obs                     ? 
_refine.ls_number_reflns_all                     ? 
_refine.pdbx_ls_sigma_I                          ? 
_refine.pdbx_ls_sigma_F                          ? 
_refine.pdbx_data_cutoff_high_absF               ? 
_refine.pdbx_data_cutoff_low_absF                ? 
_refine.pdbx_data_cutoff_high_rms_absF           ? 
_refine.ls_d_res_low                             ? 
_refine.ls_d_res_high                            1.54 
_refine.ls_percent_reflns_obs                    ? 
_refine.ls_R_factor_obs                          0.1730000 
_refine.ls_R_factor_all                          ? 
_refine.ls_R_factor_R_work                       ? 
_refine.ls_R_factor_R_free                       ? 
_refine.ls_R_factor_R_free_error                 ? 
_refine.ls_R_factor_R_free_error_details         ? 
_refine.ls_percent_reflns_R_free                 ? 
_refine.ls_number_reflns_R_free                  ? 
_refine.ls_number_parameters                     ? 
_refine.ls_number_restraints                     ? 
_refine.occupancy_min                            ? 
_refine.occupancy_max                            ? 
_refine.B_iso_mean                               ? 
_refine.aniso_B[1][1]                            ? 
_refine.aniso_B[2][2]                            ? 
_refine.aniso_B[3][3]                            ? 
_refine.aniso_B[1][2]                            ? 
_refine.aniso_B[1][3]                            ? 
_refine.aniso_B[2][3]                            ? 
_refine.solvent_model_details                    ? 
_refine.solvent_model_param_ksol                 ? 
_refine.solvent_model_param_bsol                 ? 
_refine.pdbx_ls_cross_valid_method               ? 
_refine.details                                  ? 
_refine.pdbx_starting_model                      ? 
_refine.pdbx_method_to_determine_struct          ? 
_refine.pdbx_isotropic_thermal_model             ? 
_refine.pdbx_stereochemistry_target_values       ? 
_refine.pdbx_stereochem_target_val_spec_case     ? 
_refine.pdbx_R_Free_selection_details            ? 
_refine.pdbx_overall_ESU_R                       ? 
_refine.pdbx_overall_ESU_R_Free                  ? 
_refine.overall_SU_ML                            ? 
_refine.overall_SU_B                             ? 
_refine.pdbx_refine_id                           'X-RAY DIFFRACTION' 
_refine.pdbx_diffrn_id                           1 
_refine.pdbx_TLS_residual_ADP_flag               ? 
_refine.correlation_coeff_Fo_to_Fc               ? 
_refine.correlation_coeff_Fo_to_Fc_free          ? 
_refine.pdbx_solvent_vdw_probe_radii             ? 
_refine.pdbx_solvent_ion_probe_radii             ? 
_refine.pdbx_solvent_shrinkage_radii             ? 
_refine.pdbx_overall_phase_error                 ? 
_refine.overall_SU_R_Cruickshank_DPI             ? 
_refine.pdbx_overall_SU_R_free_Cruickshank_DPI   ? 
_refine.pdbx_overall_SU_R_Blow_DPI               ? 
_refine.pdbx_overall_SU_R_free_Blow_DPI          ? 
# 
_refine_hist.pdbx_refine_id                   'X-RAY DIFFRACTION' 
_refine_hist.cycle_id                         LAST 
_refine_hist.pdbx_number_atoms_protein        841 
_refine_hist.pdbx_number_atoms_nucleic_acid   0 
_refine_hist.pdbx_number_atoms_ligand         2 
_refine_hist.number_atoms_solvent             92 
_refine_hist.number_atoms_total               935 
_refine_hist.d_res_high                       1.54 
_refine_hist.d_res_low                        . 
# 
loop_
_refine_ls_restr.type 
_refine_ls_restr.dev_ideal 
_refine_ls_restr.dev_ideal_target 
_refine_ls_restr.weight 
_refine_ls_restr.number 
_refine_ls_restr.pdbx_refine_id 
_refine_ls_restr.pdbx_restraint_function 
o_bond_d                0.011 ? ? ? 'X-RAY DIFFRACTION' ? 
o_bond_d_na             ?     ? ? ? 'X-RAY DIFFRACTION' ? 
o_bond_d_prot           ?     ? ? ? 'X-RAY DIFFRACTION' ? 
o_angle_d               ?     ? ? ? 'X-RAY DIFFRACTION' ? 
o_angle_d_na            ?     ? ? ? 'X-RAY DIFFRACTION' ? 
o_angle_d_prot          ?     ? ? ? 'X-RAY DIFFRACTION' ? 
o_angle_deg             2.33  ? ? ? 'X-RAY DIFFRACTION' ? 
o_angle_deg_na          ?     ? ? ? 'X-RAY DIFFRACTION' ? 
o_angle_deg_prot        ?     ? ? ? 'X-RAY DIFFRACTION' ? 
o_dihedral_angle_d      ?     ? ? ? 'X-RAY DIFFRACTION' ? 
o_dihedral_angle_d_na   ?     ? ? ? 'X-RAY DIFFRACTION' ? 
o_dihedral_angle_d_prot ?     ? ? ? 'X-RAY DIFFRACTION' ? 
o_improper_angle_d      ?     ? ? ? 'X-RAY DIFFRACTION' ? 
o_improper_angle_d_na   ?     ? ? ? 'X-RAY DIFFRACTION' ? 
o_improper_angle_d_prot ?     ? ? ? 'X-RAY DIFFRACTION' ? 
o_mcbond_it             ?     ? ? ? 'X-RAY DIFFRACTION' ? 
o_mcangle_it            ?     ? ? ? 'X-RAY DIFFRACTION' ? 
o_scbond_it             ?     ? ? ? 'X-RAY DIFFRACTION' ? 
o_scangle_it            ?     ? ? ? 'X-RAY DIFFRACTION' ? 
# 
_struct.entry_id                  5PAL 
_struct.title                     
;CRYSTAL STRUCTURE OF THE UNIQUE PARVALBUMIN COMPONENT FROM MUSCLE OF THE LEOPARD SHARK (TRIAKIS SEMIFASCIATA). THE FIRST X-RAY STUDY OF AN ALPHA-PARVALBUMIN
;
_struct.pdbx_model_details        ? 
_struct.pdbx_CASP_flag            ? 
_struct.pdbx_model_type_details   ? 
# 
_struct_keywords.entry_id        5PAL 
_struct_keywords.pdbx_keywords   'CALCIUM-BINDING PROTEIN' 
_struct_keywords.text            'CALCIUM-BINDING PROTEIN' 
# 
loop_
_struct_asym.id 
_struct_asym.pdbx_blank_PDB_chainid_flag 
_struct_asym.pdbx_modified 
_struct_asym.entity_id 
_struct_asym.details 
A N N 1 ? 
B N N 2 ? 
C N N 2 ? 
D N N 3 ? 
# 
_struct_ref.id                         1 
_struct_ref.db_name                    UNP 
_struct_ref.db_code                    PRVA_TRISE 
_struct_ref.entity_id                  1 
_struct_ref.pdbx_db_accession          P30563 
_struct_ref.pdbx_align_begin           1 
_struct_ref.pdbx_seq_one_letter_code   
;PMTKVLKADDINKAISAFKDPGTFDYKRFFHLVGLKGKTDAQVKEVFEILDKDQSGFIEEEELKGVLKGFSAHGRDLNDT
ETKALLAAGDSDHDGKIGADEFAKMVAQA
;
_struct_ref.pdbx_db_isoform            ? 
# 
_struct_ref_seq.align_id                      1 
_struct_ref_seq.ref_id                        1 
_struct_ref_seq.pdbx_PDB_id_code              5PAL 
_struct_ref_seq.pdbx_strand_id                A 
_struct_ref_seq.seq_align_beg                 1 
_struct_ref_seq.pdbx_seq_align_beg_ins_code   ? 
_struct_ref_seq.seq_align_end                 109 
_struct_ref_seq.pdbx_seq_align_end_ins_code   ? 
_struct_ref_seq.pdbx_db_accession             P30563 
_struct_ref_seq.db_align_beg                  1 
_struct_ref_seq.pdbx_db_align_beg_ins_code    ? 
_struct_ref_seq.db_align_end                  109 
_struct_ref_seq.pdbx_db_align_end_ins_code    ? 
_struct_ref_seq.pdbx_auth_seq_align_beg       1 
_struct_ref_seq.pdbx_auth_seq_align_end       109 
# 
_pdbx_struct_assembly.id                   1 
_pdbx_struct_assembly.details              author_defined_assembly 
_pdbx_struct_assembly.method_details       ? 
_pdbx_struct_assembly.oligomeric_details   monomeric 
_pdbx_struct_assembly.oligomeric_count     1 
# 
_pdbx_struct_assembly_gen.assembly_id       1 
_pdbx_struct_assembly_gen.oper_expression   1 
_pdbx_struct_assembly_gen.asym_id_list      A,B,C,D 
# 
_pdbx_struct_oper_list.id                   1 
_pdbx_struct_oper_list.type                 'identity operation' 
_pdbx_struct_oper_list.name                 1_555 
_pdbx_struct_oper_list.symmetry_operation   x,y,z 
_pdbx_struct_oper_list.matrix[1][1]         1.0000000000 
_pdbx_struct_oper_list.matrix[1][2]         0.0000000000 
_pdbx_struct_oper_list.matrix[1][3]         0.0000000000 
_pdbx_struct_oper_list.vector[1]            0.0000000000 
_pdbx_struct_oper_list.matrix[2][1]         0.0000000000 
_pdbx_struct_oper_list.matrix[2][2]         1.0000000000 
_pdbx_struct_oper_list.matrix[2][3]         0.0000000000 
_pdbx_struct_oper_list.vector[2]            0.0000000000 
_pdbx_struct_oper_list.matrix[3][1]         0.0000000000 
_pdbx_struct_oper_list.matrix[3][2]         0.0000000000 
_pdbx_struct_oper_list.matrix[3][3]         1.0000000000 
_pdbx_struct_oper_list.vector[3]            0.0000000000 
# 
_struct_biol.id   1 
# 
loop_
_struct_conf.conf_type_id 
_struct_conf.id 
_struct_conf.pdbx_PDB_helix_id 
_struct_conf.beg_label_comp_id 
_struct_conf.beg_label_asym_id 
_struct_conf.beg_label_seq_id 
_struct_conf.pdbx_beg_PDB_ins_code 
_struct_conf.end_label_comp_id 
_struct_conf.end_label_asym_id 
_struct_conf.end_label_seq_id 
_struct_conf.pdbx_end_PDB_ins_code 
_struct_conf.beg_auth_comp_id 
_struct_conf.beg_auth_asym_id 
_struct_conf.beg_auth_seq_id 
_struct_conf.end_auth_comp_id 
_struct_conf.end_auth_asym_id 
_struct_conf.end_auth_seq_id 
_struct_conf.pdbx_PDB_helix_class 
_struct_conf.details 
_struct_conf.pdbx_PDB_helix_length 
HELX_P HELX_P1 A ALA A 8  ? ALA A 17  ? ALA A 8  ALA A 17  1 ?                       10 
HELX_P HELX_P2 B TYR A 26 ? VAL A 33  ? TYR A 26 VAL A 33  1 ?                       8  
HELX_P HELX_P3 C ASP A 40 ? LEU A 50  ? ASP A 40 LEU A 50  1 ?                       11 
HELX_P HELX_P4 D GLU A 60 ? PHE A 70  ? GLU A 60 PHE A 70  1 'BENDING AT RESIDUE 65' 11 
HELX_P HELX_P5 E ASP A 79 ? GLY A 89  ? ASP A 79 GLY A 89  1 ?                       11 
HELX_P HELX_P6 F ALA A 99 ? ALA A 109 ? ALA A 99 ALA A 109 1 ?                       11 
# 
_struct_conf_type.id          HELX_P 
_struct_conf_type.criteria    ? 
_struct_conf_type.reference   ? 
# 
loop_
_struct_conn.id 
_struct_conn.conn_type_id 
_struct_conn.pdbx_leaving_atom_flag 
_struct_conn.pdbx_PDB_id 
_struct_conn.ptnr1_label_asym_id 
_struct_conn.ptnr1_label_comp_id 
_struct_conn.ptnr1_label_seq_id 
_struct_conn.ptnr1_label_atom_id 
_struct_conn.pdbx_ptnr1_label_alt_id 
_struct_conn.pdbx_ptnr1_PDB_ins_code 
_struct_conn.pdbx_ptnr1_standard_comp_id 
_struct_conn.ptnr1_symmetry 
_struct_conn.ptnr2_label_asym_id 
_struct_conn.ptnr2_label_comp_id 
_struct_conn.ptnr2_label_seq_id 
_struct_conn.ptnr2_label_atom_id 
_struct_conn.pdbx_ptnr2_label_alt_id 
_struct_conn.pdbx_ptnr2_PDB_ins_code 
_struct_conn.ptnr1_auth_asym_id 
_struct_conn.ptnr1_auth_comp_id 
_struct_conn.ptnr1_auth_seq_id 
_struct_conn.ptnr2_auth_asym_id 
_struct_conn.ptnr2_auth_comp_id 
_struct_conn.ptnr2_auth_seq_id 
_struct_conn.ptnr2_symmetry 
_struct_conn.pdbx_ptnr3_label_atom_id 
_struct_conn.pdbx_ptnr3_label_seq_id 
_struct_conn.pdbx_ptnr3_label_comp_id 
_struct_conn.pdbx_ptnr3_label_asym_id 
_struct_conn.pdbx_ptnr3_label_alt_id 
_struct_conn.pdbx_ptnr3_PDB_ins_code 
_struct_conn.details 
_struct_conn.pdbx_dist_value 
_struct_conn.pdbx_value_order 
_struct_conn.pdbx_role 
metalc1  metalc ? ? A ASP 51  OD1 ? ? ? 1_555 C CA  . CA ? ? A ASP 51  A CA  111 1_555 ? ? ? ? ? ? ? 2.376 ? ? 
metalc2  metalc ? ? A ASP 53  OD1 ? ? ? 1_555 C CA  . CA ? ? A ASP 53  A CA  111 1_555 ? ? ? ? ? ? ? 2.358 ? ? 
metalc3  metalc ? ? A SER 55  OG  ? ? ? 1_555 C CA  . CA ? ? A SER 55  A CA  111 1_555 ? ? ? ? ? ? ? 2.500 ? ? 
metalc4  metalc ? ? A PHE 57  O   ? ? ? 1_555 C CA  . CA ? ? A PHE 57  A CA  111 1_555 ? ? ? ? ? ? ? 2.386 ? ? 
metalc5  metalc ? ? A GLU 59  OE1 ? ? ? 1_555 C CA  . CA ? ? A GLU 59  A CA  111 1_555 ? ? ? ? ? ? ? 2.403 ? ? 
metalc6  metalc ? ? A GLU 62  OE2 ? ? ? 1_555 C CA  . CA ? ? A GLU 62  A CA  111 1_555 ? ? ? ? ? ? ? 2.579 ? ? 
metalc7  metalc ? ? A GLU 62  OE1 ? ? ? 1_555 C CA  . CA ? ? A GLU 62  A CA  111 1_555 ? ? ? ? ? ? ? 2.432 ? ? 
metalc8  metalc ? ? A ASP 90  OD1 ? ? ? 1_555 B CA  . CA ? ? A ASP 90  A CA  110 1_555 ? ? ? ? ? ? ? 2.369 ? ? 
metalc9  metalc ? ? A ASP 92  OD1 ? ? ? 1_555 B CA  . CA ? ? A ASP 92  A CA  110 1_555 ? ? ? ? ? ? ? 2.353 ? ? 
metalc10 metalc ? ? A ASP 94  OD1 ? ? ? 1_555 B CA  . CA ? ? A ASP 94  A CA  110 1_555 ? ? ? ? ? ? ? 2.375 ? ? 
metalc11 metalc ? ? A LYS 96  O   ? ? ? 1_555 B CA  . CA ? ? A LYS 96  A CA  110 1_555 ? ? ? ? ? ? ? 2.438 ? ? 
metalc12 metalc ? ? A GLU 101 OE1 ? ? ? 1_555 B CA  . CA ? ? A GLU 101 A CA  110 1_555 ? ? ? ? ? ? ? 2.476 ? ? 
metalc13 metalc ? ? A GLU 101 OE2 ? ? ? 1_555 B CA  . CA ? ? A GLU 101 A CA  110 1_555 ? ? ? ? ? ? ? 2.597 ? ? 
metalc14 metalc ? ? B CA  .   CA  ? ? ? 1_555 D HOH . O  ? ? A CA  110 A HOH 246 1_555 ? ? ? ? ? ? ? 2.556 ? ? 
# 
_struct_conn_type.id          metalc 
_struct_conn_type.criteria    ? 
_struct_conn_type.reference   ? 
# 
loop_
_pdbx_struct_conn_angle.id 
_pdbx_struct_conn_angle.ptnr1_label_atom_id 
_pdbx_struct_conn_angle.ptnr1_label_alt_id 
_pdbx_struct_conn_angle.ptnr1_label_asym_id 
_pdbx_struct_conn_angle.ptnr1_label_comp_id 
_pdbx_struct_conn_angle.ptnr1_label_seq_id 
_pdbx_struct_conn_angle.ptnr1_auth_atom_id 
_pdbx_struct_conn_angle.ptnr1_auth_asym_id 
_pdbx_struct_conn_angle.ptnr1_auth_comp_id 
_pdbx_struct_conn_angle.ptnr1_auth_seq_id 
_pdbx_struct_conn_angle.ptnr1_PDB_ins_code 
_pdbx_struct_conn_angle.ptnr1_symmetry 
_pdbx_struct_conn_angle.ptnr2_label_atom_id 
_pdbx_struct_conn_angle.ptnr2_label_alt_id 
_pdbx_struct_conn_angle.ptnr2_label_asym_id 
_pdbx_struct_conn_angle.ptnr2_label_comp_id 
_pdbx_struct_conn_angle.ptnr2_label_seq_id 
_pdbx_struct_conn_angle.ptnr2_auth_atom_id 
_pdbx_struct_conn_angle.ptnr2_auth_asym_id 
_pdbx_struct_conn_angle.ptnr2_auth_comp_id 
_pdbx_struct_conn_angle.ptnr2_auth_seq_id 
_pdbx_struct_conn_angle.ptnr2_PDB_ins_code 
_pdbx_struct_conn_angle.ptnr2_symmetry 
_pdbx_struct_conn_angle.ptnr3_label_atom_id 
_pdbx_struct_conn_angle.ptnr3_label_alt_id 
_pdbx_struct_conn_angle.ptnr3_label_asym_id 
_pdbx_struct_conn_angle.ptnr3_label_comp_id 
_pdbx_struct_conn_angle.ptnr3_label_seq_id 
_pdbx_struct_conn_angle.ptnr3_auth_atom_id 
_pdbx_struct_conn_angle.ptnr3_auth_asym_id 
_pdbx_struct_conn_angle.ptnr3_auth_comp_id 
_pdbx_struct_conn_angle.ptnr3_auth_seq_id 
_pdbx_struct_conn_angle.ptnr3_PDB_ins_code 
_pdbx_struct_conn_angle.ptnr3_symmetry 
_pdbx_struct_conn_angle.value 
_pdbx_struct_conn_angle.value_esd 
1  OD1 ? A ASP 51  ? A ASP 51  ? 1_555 CA ? C CA . ? A CA 111 ? 1_555 OD1 ? A ASP 53  ? A ASP 53  ? 1_555 84.6  ? 
2  OD1 ? A ASP 51  ? A ASP 51  ? 1_555 CA ? C CA . ? A CA 111 ? 1_555 OG  ? A SER 55  ? A SER 55  ? 1_555 88.5  ? 
3  OD1 ? A ASP 53  ? A ASP 53  ? 1_555 CA ? C CA . ? A CA 111 ? 1_555 OG  ? A SER 55  ? A SER 55  ? 1_555 77.9  ? 
4  OD1 ? A ASP 51  ? A ASP 51  ? 1_555 CA ? C CA . ? A CA 111 ? 1_555 O   ? A PHE 57  ? A PHE 57  ? 1_555 82.0  ? 
5  OD1 ? A ASP 53  ? A ASP 53  ? 1_555 CA ? C CA . ? A CA 111 ? 1_555 O   ? A PHE 57  ? A PHE 57  ? 1_555 152.0 ? 
6  OG  ? A SER 55  ? A SER 55  ? 1_555 CA ? C CA . ? A CA 111 ? 1_555 O   ? A PHE 57  ? A PHE 57  ? 1_555 77.3  ? 
7  OD1 ? A ASP 51  ? A ASP 51  ? 1_555 CA ? C CA . ? A CA 111 ? 1_555 OE1 ? A GLU 59  ? A GLU 59  ? 1_555 165.1 ? 
8  OD1 ? A ASP 53  ? A ASP 53  ? 1_555 CA ? C CA . ? A CA 111 ? 1_555 OE1 ? A GLU 59  ? A GLU 59  ? 1_555 104.5 ? 
9  OG  ? A SER 55  ? A SER 55  ? 1_555 CA ? C CA . ? A CA 111 ? 1_555 OE1 ? A GLU 59  ? A GLU 59  ? 1_555 82.0  ? 
10 O   ? A PHE 57  ? A PHE 57  ? 1_555 CA ? C CA . ? A CA 111 ? 1_555 OE1 ? A GLU 59  ? A GLU 59  ? 1_555 84.7  ? 
11 OD1 ? A ASP 51  ? A ASP 51  ? 1_555 CA ? C CA . ? A CA 111 ? 1_555 OE2 ? A GLU 62  ? A GLU 62  ? 1_555 99.6  ? 
12 OD1 ? A ASP 53  ? A ASP 53  ? 1_555 CA ? C CA . ? A CA 111 ? 1_555 OE2 ? A GLU 62  ? A GLU 62  ? 1_555 76.5  ? 
13 OG  ? A SER 55  ? A SER 55  ? 1_555 CA ? C CA . ? A CA 111 ? 1_555 OE2 ? A GLU 62  ? A GLU 62  ? 1_555 152.2 ? 
14 O   ? A PHE 57  ? A PHE 57  ? 1_555 CA ? C CA . ? A CA 111 ? 1_555 OE2 ? A GLU 62  ? A GLU 62  ? 1_555 130.0 ? 
15 OE1 ? A GLU 59  ? A GLU 59  ? 1_555 CA ? C CA . ? A CA 111 ? 1_555 OE2 ? A GLU 62  ? A GLU 62  ? 1_555 94.1  ? 
16 OD1 ? A ASP 51  ? A ASP 51  ? 1_555 CA ? C CA . ? A CA 111 ? 1_555 OE1 ? A GLU 62  ? A GLU 62  ? 1_555 101.4 ? 
17 OD1 ? A ASP 53  ? A ASP 53  ? 1_555 CA ? C CA . ? A CA 111 ? 1_555 OE1 ? A GLU 62  ? A GLU 62  ? 1_555 125.8 ? 
18 OG  ? A SER 55  ? A SER 55  ? 1_555 CA ? C CA . ? A CA 111 ? 1_555 OE1 ? A GLU 62  ? A GLU 62  ? 1_555 154.7 ? 
19 O   ? A PHE 57  ? A PHE 57  ? 1_555 CA ? C CA . ? A CA 111 ? 1_555 OE1 ? A GLU 62  ? A GLU 62  ? 1_555 81.1  ? 
20 OE1 ? A GLU 59  ? A GLU 59  ? 1_555 CA ? C CA . ? A CA 111 ? 1_555 OE1 ? A GLU 62  ? A GLU 62  ? 1_555 83.0  ? 
21 OE2 ? A GLU 62  ? A GLU 62  ? 1_555 CA ? C CA . ? A CA 111 ? 1_555 OE1 ? A GLU 62  ? A GLU 62  ? 1_555 49.4  ? 
22 OD1 ? A ASP 90  ? A ASP 90  ? 1_555 CA ? B CA . ? A CA 110 ? 1_555 OD1 ? A ASP 92  ? A ASP 92  ? 1_555 84.3  ? 
23 OD1 ? A ASP 90  ? A ASP 90  ? 1_555 CA ? B CA . ? A CA 110 ? 1_555 OD1 ? A ASP 94  ? A ASP 94  ? 1_555 85.2  ? 
24 OD1 ? A ASP 92  ? A ASP 92  ? 1_555 CA ? B CA . ? A CA 110 ? 1_555 OD1 ? A ASP 94  ? A ASP 94  ? 1_555 81.3  ? 
25 OD1 ? A ASP 90  ? A ASP 90  ? 1_555 CA ? B CA . ? A CA 110 ? 1_555 O   ? A LYS 96  ? A LYS 96  ? 1_555 86.8  ? 
26 OD1 ? A ASP 92  ? A ASP 92  ? 1_555 CA ? B CA . ? A CA 110 ? 1_555 O   ? A LYS 96  ? A LYS 96  ? 1_555 157.5 ? 
27 OD1 ? A ASP 94  ? A ASP 94  ? 1_555 CA ? B CA . ? A CA 110 ? 1_555 O   ? A LYS 96  ? A LYS 96  ? 1_555 77.3  ? 
28 OD1 ? A ASP 90  ? A ASP 90  ? 1_555 CA ? B CA . ? A CA 110 ? 1_555 OE1 ? A GLU 101 ? A GLU 101 ? 1_555 112.1 ? 
29 OD1 ? A ASP 92  ? A ASP 92  ? 1_555 CA ? B CA . ? A CA 110 ? 1_555 OE1 ? A GLU 101 ? A GLU 101 ? 1_555 122.2 ? 
30 OD1 ? A ASP 94  ? A ASP 94  ? 1_555 CA ? B CA . ? A CA 110 ? 1_555 OE1 ? A GLU 101 ? A GLU 101 ? 1_555 150.9 ? 
31 O   ? A LYS 96  ? A LYS 96  ? 1_555 CA ? B CA . ? A CA 110 ? 1_555 OE1 ? A GLU 101 ? A GLU 101 ? 1_555 80.4  ? 
32 OD1 ? A ASP 90  ? A ASP 90  ? 1_555 CA ? B CA . ? A CA 110 ? 1_555 OE2 ? A GLU 101 ? A GLU 101 ? 1_555 89.5  ? 
33 OD1 ? A ASP 92  ? A ASP 92  ? 1_555 CA ? B CA . ? A CA 110 ? 1_555 OE2 ? A GLU 101 ? A GLU 101 ? 1_555 78.2  ? 
34 OD1 ? A ASP 94  ? A ASP 94  ? 1_555 CA ? B CA . ? A CA 110 ? 1_555 OE2 ? A GLU 101 ? A GLU 101 ? 1_555 159.3 ? 
35 O   ? A LYS 96  ? A LYS 96  ? 1_555 CA ? B CA . ? A CA 110 ? 1_555 OE2 ? A GLU 101 ? A GLU 101 ? 1_555 122.4 ? 
36 OE1 ? A GLU 101 ? A GLU 101 ? 1_555 CA ? B CA . ? A CA 110 ? 1_555 OE2 ? A GLU 101 ? A GLU 101 ? 1_555 48.7  ? 
37 OD1 ? A ASP 90  ? A ASP 90  ? 1_555 CA ? B CA . ? A CA 110 ? 1_555 O   ? D HOH .   ? A HOH 246 ? 1_555 164.0 ? 
38 OD1 ? A ASP 92  ? A ASP 92  ? 1_555 CA ? B CA . ? A CA 110 ? 1_555 O   ? D HOH .   ? A HOH 246 ? 1_555 98.9  ? 
39 OD1 ? A ASP 94  ? A ASP 94  ? 1_555 CA ? B CA . ? A CA 110 ? 1_555 O   ? D HOH .   ? A HOH 246 ? 1_555 79.8  ? 
40 O   ? A LYS 96  ? A LYS 96  ? 1_555 CA ? B CA . ? A CA 110 ? 1_555 O   ? D HOH .   ? A HOH 246 ? 1_555 84.5  ? 
41 OE1 ? A GLU 101 ? A GLU 101 ? 1_555 CA ? B CA . ? A CA 110 ? 1_555 O   ? D HOH .   ? A HOH 246 ? 1_555 79.6  ? 
42 OE2 ? A GLU 101 ? A GLU 101 ? 1_555 CA ? B CA . ? A CA 110 ? 1_555 O   ? D HOH .   ? A HOH 246 ? 1_555 106.5 ? 
# 
_struct_sheet.id               A 
_struct_sheet.type             ? 
_struct_sheet.number_strands   2 
_struct_sheet.details          ? 
# 
_struct_sheet_order.sheet_id     A 
_struct_sheet_order.range_id_1   1 
_struct_sheet_order.range_id_2   2 
_struct_sheet_order.offset       ? 
_struct_sheet_order.sense        anti-parallel 
# 
loop_
_struct_sheet_range.sheet_id 
_struct_sheet_range.id 
_struct_sheet_range.beg_label_comp_id 
_struct_sheet_range.beg_label_asym_id 
_struct_sheet_range.beg_label_seq_id 
_struct_sheet_range.pdbx_beg_PDB_ins_code 
_struct_sheet_range.end_label_comp_id 
_struct_sheet_range.end_label_asym_id 
_struct_sheet_range.end_label_seq_id 
_struct_sheet_range.pdbx_end_PDB_ins_code 
_struct_sheet_range.beg_auth_comp_id 
_struct_sheet_range.beg_auth_asym_id 
_struct_sheet_range.beg_auth_seq_id 
_struct_sheet_range.end_auth_comp_id 
_struct_sheet_range.end_auth_asym_id 
_struct_sheet_range.end_auth_seq_id 
A 1 PHE A 57 ? ILE A 58 ? PHE A 57 ILE A 58 
A 2 ILE A 97 ? GLY A 98 ? ILE A 97 GLY A 98 
# 
_pdbx_struct_sheet_hbond.sheet_id                A 
_pdbx_struct_sheet_hbond.range_id_1              1 
_pdbx_struct_sheet_hbond.range_id_2              2 
_pdbx_struct_sheet_hbond.range_1_label_atom_id   N 
_pdbx_struct_sheet_hbond.range_1_label_comp_id   ILE 
_pdbx_struct_sheet_hbond.range_1_label_asym_id   A 
_pdbx_struct_sheet_hbond.range_1_label_seq_id    58 
_pdbx_struct_sheet_hbond.range_1_PDB_ins_code    ? 
_pdbx_struct_sheet_hbond.range_1_auth_atom_id    N 
_pdbx_struct_sheet_hbond.range_1_auth_comp_id    ILE 
_pdbx_struct_sheet_hbond.range_1_auth_asym_id    A 
_pdbx_struct_sheet_hbond.range_1_auth_seq_id     58 
_pdbx_struct_sheet_hbond.range_2_label_atom_id   O 
_pdbx_struct_sheet_hbond.range_2_label_comp_id   ILE 
_pdbx_struct_sheet_hbond.range_2_label_asym_id   A 
_pdbx_struct_sheet_hbond.range_2_label_seq_id    97 
_pdbx_struct_sheet_hbond.range_2_PDB_ins_code    ? 
_pdbx_struct_sheet_hbond.range_2_auth_atom_id    O 
_pdbx_struct_sheet_hbond.range_2_auth_comp_id    ILE 
_pdbx_struct_sheet_hbond.range_2_auth_asym_id    A 
_pdbx_struct_sheet_hbond.range_2_auth_seq_id     97 
# 
loop_
_struct_site.id 
_struct_site.pdbx_evidence_code 
_struct_site.pdbx_auth_asym_id 
_struct_site.pdbx_auth_comp_id 
_struct_site.pdbx_auth_seq_id 
_struct_site.pdbx_auth_ins_code 
_struct_site.pdbx_num_residues 
_struct_site.details 
CD  Author   ? ?  ?   ? 12 'CATION BINDING SITE OCCUPIED BY CA 111' 
EF  Author   ? ?  ?   ? 12 'CATION BINDING SITE OCCUPIED BY CA 110' 
AC1 Software A CA 110 ? 6  'BINDING SITE FOR RESIDUE CA A 110'      
AC2 Software A CA 111 ? 6  'BINDING SITE FOR RESIDUE CA A 111'      
# 
loop_
_struct_site_gen.id 
_struct_site_gen.site_id 
_struct_site_gen.pdbx_num_res 
_struct_site_gen.label_comp_id 
_struct_site_gen.label_asym_id 
_struct_site_gen.label_seq_id 
_struct_site_gen.pdbx_auth_ins_code 
_struct_site_gen.auth_comp_id 
_struct_site_gen.auth_asym_id 
_struct_site_gen.auth_seq_id 
_struct_site_gen.label_atom_id 
_struct_site_gen.label_alt_id 
_struct_site_gen.symmetry 
_struct_site_gen.details 
1  CD  12 ASP A 51  ? ASP A 51  . ? 1_555 ? 
2  CD  12 LYS A 52  ? LYS A 52  . ? 1_555 ? 
3  CD  12 ASP A 53  ? ASP A 53  . ? 1_555 ? 
4  CD  12 GLN A 54  ? GLN A 54  . ? 1_555 ? 
5  CD  12 SER A 55  ? SER A 55  . ? 1_555 ? 
6  CD  12 GLY A 56  ? GLY A 56  . ? 1_555 ? 
7  CD  12 PHE A 57  ? PHE A 57  . ? 1_555 ? 
8  CD  12 ILE A 58  ? ILE A 58  . ? 1_555 ? 
9  CD  12 GLU A 59  ? GLU A 59  . ? 1_555 ? 
10 CD  12 GLU A 60  ? GLU A 60  . ? 1_555 ? 
11 CD  12 GLU A 61  ? GLU A 61  . ? 1_555 ? 
12 CD  12 GLU A 62  ? GLU A 62  . ? 1_555 ? 
13 EF  12 ASP A 90  ? ASP A 90  . ? 1_555 ? 
14 EF  12 SER A 91  ? SER A 91  . ? 1_555 ? 
15 EF  12 ASP A 92  ? ASP A 92  . ? 1_555 ? 
16 EF  12 HIS A 93  ? HIS A 93  . ? 1_555 ? 
17 EF  12 ASP A 94  ? ASP A 94  . ? 1_555 ? 
18 EF  12 GLY A 95  ? GLY A 95  . ? 1_555 ? 
19 EF  12 LYS A 96  ? LYS A 96  . ? 1_555 ? 
20 EF  12 ILE A 97  ? ILE A 97  . ? 1_555 ? 
21 EF  12 GLY A 98  ? GLY A 98  . ? 1_555 ? 
22 EF  12 ALA A 99  ? ALA A 99  . ? 1_555 ? 
23 EF  12 ASP A 100 ? ASP A 100 . ? 1_555 ? 
24 EF  12 GLU A 101 ? GLU A 101 . ? 1_555 ? 
25 AC1 6  ASP A 90  ? ASP A 90  . ? 1_555 ? 
26 AC1 6  ASP A 92  ? ASP A 92  . ? 1_555 ? 
27 AC1 6  ASP A 94  ? ASP A 94  . ? 1_555 ? 
28 AC1 6  LYS A 96  ? LYS A 96  . ? 1_555 ? 
29 AC1 6  GLU A 101 ? GLU A 101 . ? 1_555 ? 
30 AC1 6  HOH D .   ? HOH A 246 . ? 1_555 ? 
31 AC2 6  ASP A 51  ? ASP A 51  . ? 1_555 ? 
32 AC2 6  ASP A 53  ? ASP A 53  . ? 1_555 ? 
33 AC2 6  SER A 55  ? SER A 55  . ? 1_555 ? 
34 AC2 6  PHE A 57  ? PHE A 57  . ? 1_555 ? 
35 AC2 6  GLU A 59  ? GLU A 59  . ? 1_555 ? 
36 AC2 6  GLU A 62  ? GLU A 62  . ? 1_555 ? 
# 
_pdbx_validate_rmsd_bond.id                        1 
_pdbx_validate_rmsd_bond.PDB_model_num             1 
_pdbx_validate_rmsd_bond.auth_atom_id_1            NE2 
_pdbx_validate_rmsd_bond.auth_asym_id_1            A 
_pdbx_validate_rmsd_bond.auth_comp_id_1            HIS 
_pdbx_validate_rmsd_bond.auth_seq_id_1             93 
_pdbx_validate_rmsd_bond.PDB_ins_code_1            ? 
_pdbx_validate_rmsd_bond.label_alt_id_1            ? 
_pdbx_validate_rmsd_bond.auth_atom_id_2            CD2 
_pdbx_validate_rmsd_bond.auth_asym_id_2            A 
_pdbx_validate_rmsd_bond.auth_comp_id_2            HIS 
_pdbx_validate_rmsd_bond.auth_seq_id_2             93 
_pdbx_validate_rmsd_bond.PDB_ins_code_2            ? 
_pdbx_validate_rmsd_bond.label_alt_id_2            ? 
_pdbx_validate_rmsd_bond.bond_value                1.306 
_pdbx_validate_rmsd_bond.bond_target_value         1.373 
_pdbx_validate_rmsd_bond.bond_deviation            -0.067 
_pdbx_validate_rmsd_bond.bond_standard_deviation   0.011 
_pdbx_validate_rmsd_bond.linker_flag               N 
# 
loop_
_pdbx_validate_rmsd_angle.id 
_pdbx_validate_rmsd_angle.PDB_model_num 
_pdbx_validate_rmsd_angle.auth_atom_id_1 
_pdbx_validate_rmsd_angle.auth_asym_id_1 
_pdbx_validate_rmsd_angle.auth_comp_id_1 
_pdbx_validate_rmsd_angle.auth_seq_id_1 
_pdbx_validate_rmsd_angle.PDB_ins_code_1 
_pdbx_validate_rmsd_angle.label_alt_id_1 
_pdbx_validate_rmsd_angle.auth_atom_id_2 
_pdbx_validate_rmsd_angle.auth_asym_id_2 
_pdbx_validate_rmsd_angle.auth_comp_id_2 
_pdbx_validate_rmsd_angle.auth_seq_id_2 
_pdbx_validate_rmsd_angle.PDB_ins_code_2 
_pdbx_validate_rmsd_angle.label_alt_id_2 
_pdbx_validate_rmsd_angle.auth_atom_id_3 
_pdbx_validate_rmsd_angle.auth_asym_id_3 
_pdbx_validate_rmsd_angle.auth_comp_id_3 
_pdbx_validate_rmsd_angle.auth_seq_id_3 
_pdbx_validate_rmsd_angle.PDB_ins_code_3 
_pdbx_validate_rmsd_angle.label_alt_id_3 
_pdbx_validate_rmsd_angle.angle_value 
_pdbx_validate_rmsd_angle.angle_target_value 
_pdbx_validate_rmsd_angle.angle_deviation 
_pdbx_validate_rmsd_angle.angle_standard_deviation 
_pdbx_validate_rmsd_angle.linker_flag 
1 1 NE A ARG 28 ? ? CZ A ARG 28 ? ? NH1 A ARG 28 ? ? 125.01 120.30 4.71  0.50 N 
2 1 NE A ARG 28 ? ? CZ A ARG 28 ? ? NH2 A ARG 28 ? ? 116.13 120.30 -4.17 0.50 N 
# 
loop_
_chem_comp_atom.comp_id 
_chem_comp_atom.atom_id 
_chem_comp_atom.type_symbol 
_chem_comp_atom.pdbx_aromatic_flag 
_chem_comp_atom.pdbx_stereo_config 
_chem_comp_atom.pdbx_ordinal 
ALA N    N  N N 1   
ALA CA   C  N S 2   
ALA C    C  N N 3   
ALA O    O  N N 4   
ALA CB   C  N N 5   
ALA OXT  O  N N 6   
ALA H    H  N N 7   
ALA H2   H  N N 8   
ALA HA   H  N N 9   
ALA HB1  H  N N 10  
ALA HB2  H  N N 11  
ALA HB3  H  N N 12  
ALA HXT  H  N N 13  
ARG N    N  N N 14  
ARG CA   C  N S 15  
ARG C    C  N N 16  
ARG O    O  N N 17  
ARG CB   C  N N 18  
ARG CG   C  N N 19  
ARG CD   C  N N 20  
ARG NE   N  N N 21  
ARG CZ   C  N N 22  
ARG NH1  N  N N 23  
ARG NH2  N  N N 24  
ARG OXT  O  N N 25  
ARG H    H  N N 26  
ARG H2   H  N N 27  
ARG HA   H  N N 28  
ARG HB2  H  N N 29  
ARG HB3  H  N N 30  
ARG HG2  H  N N 31  
ARG HG3  H  N N 32  
ARG HD2  H  N N 33  
ARG HD3  H  N N 34  
ARG HE   H  N N 35  
ARG HH11 H  N N 36  
ARG HH12 H  N N 37  
ARG HH21 H  N N 38  
ARG HH22 H  N N 39  
ARG HXT  H  N N 40  
ASN N    N  N N 41  
ASN CA   C  N S 42  
ASN C    C  N N 43  
ASN O    O  N N 44  
ASN CB   C  N N 45  
ASN CG   C  N N 46  
ASN OD1  O  N N 47  
ASN ND2  N  N N 48  
ASN OXT  O  N N 49  
ASN H    H  N N 50  
ASN H2   H  N N 51  
ASN HA   H  N N 52  
ASN HB2  H  N N 53  
ASN HB3  H  N N 54  
ASN HD21 H  N N 55  
ASN HD22 H  N N 56  
ASN HXT  H  N N 57  
ASP N    N  N N 58  
ASP CA   C  N S 59  
ASP C    C  N N 60  
ASP O    O  N N 61  
ASP CB   C  N N 62  
ASP CG   C  N N 63  
ASP OD1  O  N N 64  
ASP OD2  O  N N 65  
ASP OXT  O  N N 66  
ASP H    H  N N 67  
ASP H2   H  N N 68  
ASP HA   H  N N 69  
ASP HB2  H  N N 70  
ASP HB3  H  N N 71  
ASP HD2  H  N N 72  
ASP HXT  H  N N 73  
CA  CA   CA N N 74  
GLN N    N  N N 75  
GLN CA   C  N S 76  
GLN C    C  N N 77  
GLN O    O  N N 78  
GLN CB   C  N N 79  
GLN CG   C  N N 80  
GLN CD   C  N N 81  
GLN OE1  O  N N 82  
GLN NE2  N  N N 83  
GLN OXT  O  N N 84  
GLN H    H  N N 85  
GLN H2   H  N N 86  
GLN HA   H  N N 87  
GLN HB2  H  N N 88  
GLN HB3  H  N N 89  
GLN HG2  H  N N 90  
GLN HG3  H  N N 91  
GLN HE21 H  N N 92  
GLN HE22 H  N N 93  
GLN HXT  H  N N 94  
GLU N    N  N N 95  
GLU CA   C  N S 96  
GLU C    C  N N 97  
GLU O    O  N N 98  
GLU CB   C  N N 99  
GLU CG   C  N N 100 
GLU CD   C  N N 101 
GLU OE1  O  N N 102 
GLU OE2  O  N N 103 
GLU OXT  O  N N 104 
GLU H    H  N N 105 
GLU H2   H  N N 106 
GLU HA   H  N N 107 
GLU HB2  H  N N 108 
GLU HB3  H  N N 109 
GLU HG2  H  N N 110 
GLU HG3  H  N N 111 
GLU HE2  H  N N 112 
GLU HXT  H  N N 113 
GLY N    N  N N 114 
GLY CA   C  N N 115 
GLY C    C  N N 116 
GLY O    O  N N 117 
GLY OXT  O  N N 118 
GLY H    H  N N 119 
GLY H2   H  N N 120 
GLY HA2  H  N N 121 
GLY HA3  H  N N 122 
GLY HXT  H  N N 123 
HIS N    N  N N 124 
HIS CA   C  N S 125 
HIS C    C  N N 126 
HIS O    O  N N 127 
HIS CB   C  N N 128 
HIS CG   C  Y N 129 
HIS ND1  N  Y N 130 
HIS CD2  C  Y N 131 
HIS CE1  C  Y N 132 
HIS NE2  N  Y N 133 
HIS OXT  O  N N 134 
HIS H    H  N N 135 
HIS H2   H  N N 136 
HIS HA   H  N N 137 
HIS HB2  H  N N 138 
HIS HB3  H  N N 139 
HIS HD1  H  N N 140 
HIS HD2  H  N N 141 
HIS HE1  H  N N 142 
HIS HE2  H  N N 143 
HIS HXT  H  N N 144 
HOH O    O  N N 145 
HOH H1   H  N N 146 
HOH H2   H  N N 147 
ILE N    N  N N 148 
ILE CA   C  N S 149 
ILE C    C  N N 150 
ILE O    O  N N 151 
ILE CB   C  N S 152 
ILE CG1  C  N N 153 
ILE CG2  C  N N 154 
ILE CD1  C  N N 155 
ILE OXT  O  N N 156 
ILE H    H  N N 157 
ILE H2   H  N N 158 
ILE HA   H  N N 159 
ILE HB   H  N N 160 
ILE HG12 H  N N 161 
ILE HG13 H  N N 162 
ILE HG21 H  N N 163 
ILE HG22 H  N N 164 
ILE HG23 H  N N 165 
ILE HD11 H  N N 166 
ILE HD12 H  N N 167 
ILE HD13 H  N N 168 
ILE HXT  H  N N 169 
LEU N    N  N N 170 
LEU CA   C  N S 171 
LEU C    C  N N 172 
LEU O    O  N N 173 
LEU CB   C  N N 174 
LEU CG   C  N N 175 
LEU CD1  C  N N 176 
LEU CD2  C  N N 177 
LEU OXT  O  N N 178 
LEU H    H  N N 179 
LEU H2   H  N N 180 
LEU HA   H  N N 181 
LEU HB2  H  N N 182 
LEU HB3  H  N N 183 
LEU HG   H  N N 184 
LEU HD11 H  N N 185 
LEU HD12 H  N N 186 
LEU HD13 H  N N 187 
LEU HD21 H  N N 188 
LEU HD22 H  N N 189 
LEU HD23 H  N N 190 
LEU HXT  H  N N 191 
LYS N    N  N N 192 
LYS CA   C  N S 193 
LYS C    C  N N 194 
LYS O    O  N N 195 
LYS CB   C  N N 196 
LYS CG   C  N N 197 
LYS CD   C  N N 198 
LYS CE   C  N N 199 
LYS NZ   N  N N 200 
LYS OXT  O  N N 201 
LYS H    H  N N 202 
LYS H2   H  N N 203 
LYS HA   H  N N 204 
LYS HB2  H  N N 205 
LYS HB3  H  N N 206 
LYS HG2  H  N N 207 
LYS HG3  H  N N 208 
LYS HD2  H  N N 209 
LYS HD3  H  N N 210 
LYS HE2  H  N N 211 
LYS HE3  H  N N 212 
LYS HZ1  H  N N 213 
LYS HZ2  H  N N 214 
LYS HZ3  H  N N 215 
LYS HXT  H  N N 216 
MET N    N  N N 217 
MET CA   C  N S 218 
MET C    C  N N 219 
MET O    O  N N 220 
MET CB   C  N N 221 
MET CG   C  N N 222 
MET SD   S  N N 223 
MET CE   C  N N 224 
MET OXT  O  N N 225 
MET H    H  N N 226 
MET H2   H  N N 227 
MET HA   H  N N 228 
MET HB2  H  N N 229 
MET HB3  H  N N 230 
MET HG2  H  N N 231 
MET HG3  H  N N 232 
MET HE1  H  N N 233 
MET HE2  H  N N 234 
MET HE3  H  N N 235 
MET HXT  H  N N 236 
PHE N    N  N N 237 
PHE CA   C  N S 238 
PHE C    C  N N 239 
PHE O    O  N N 240 
PHE CB   C  N N 241 
PHE CG   C  Y N 242 
PHE CD1  C  Y N 243 
PHE CD2  C  Y N 244 
PHE CE1  C  Y N 245 
PHE CE2  C  Y N 246 
PHE CZ   C  Y N 247 
PHE OXT  O  N N 248 
PHE H    H  N N 249 
PHE H2   H  N N 250 
PHE HA   H  N N 251 
PHE HB2  H  N N 252 
PHE HB3  H  N N 253 
PHE HD1  H  N N 254 
PHE HD2  H  N N 255 
PHE HE1  H  N N 256 
PHE HE2  H  N N 257 
PHE HZ   H  N N 258 
PHE HXT  H  N N 259 
PRO N    N  N N 260 
PRO CA   C  N S 261 
PRO C    C  N N 262 
PRO O    O  N N 263 
PRO CB   C  N N 264 
PRO CG   C  N N 265 
PRO CD   C  N N 266 
PRO OXT  O  N N 267 
PRO H    H  N N 268 
PRO HA   H  N N 269 
PRO HB2  H  N N 270 
PRO HB3  H  N N 271 
PRO HG2  H  N N 272 
PRO HG3  H  N N 273 
PRO HD2  H  N N 274 
PRO HD3  H  N N 275 
PRO HXT  H  N N 276 
SER N    N  N N 277 
SER CA   C  N S 278 
SER C    C  N N 279 
SER O    O  N N 280 
SER CB   C  N N 281 
SER OG   O  N N 282 
SER OXT  O  N N 283 
SER H    H  N N 284 
SER H2   H  N N 285 
SER HA   H  N N 286 
SER HB2  H  N N 287 
SER HB3  H  N N 288 
SER HG   H  N N 289 
SER HXT  H  N N 290 
THR N    N  N N 291 
THR CA   C  N S 292 
THR C    C  N N 293 
THR O    O  N N 294 
THR CB   C  N R 295 
THR OG1  O  N N 296 
THR CG2  C  N N 297 
THR OXT  O  N N 298 
THR H    H  N N 299 
THR H2   H  N N 300 
THR HA   H  N N 301 
THR HB   H  N N 302 
THR HG1  H  N N 303 
THR HG21 H  N N 304 
THR HG22 H  N N 305 
THR HG23 H  N N 306 
THR HXT  H  N N 307 
TYR N    N  N N 308 
TYR CA   C  N S 309 
TYR C    C  N N 310 
TYR O    O  N N 311 
TYR CB   C  N N 312 
TYR CG   C  Y N 313 
TYR CD1  C  Y N 314 
TYR CD2  C  Y N 315 
TYR CE1  C  Y N 316 
TYR CE2  C  Y N 317 
TYR CZ   C  Y N 318 
TYR OH   O  N N 319 
TYR OXT  O  N N 320 
TYR H    H  N N 321 
TYR H2   H  N N 322 
TYR HA   H  N N 323 
TYR HB2  H  N N 324 
TYR HB3  H  N N 325 
TYR HD1  H  N N 326 
TYR HD2  H  N N 327 
TYR HE1  H  N N 328 
TYR HE2  H  N N 329 
TYR HH   H  N N 330 
TYR HXT  H  N N 331 
VAL N    N  N N 332 
VAL CA   C  N S 333 
VAL C    C  N N 334 
VAL O    O  N N 335 
VAL CB   C  N N 336 
VAL CG1  C  N N 337 
VAL CG2  C  N N 338 
VAL OXT  O  N N 339 
VAL H    H  N N 340 
VAL H2   H  N N 341 
VAL HA   H  N N 342 
VAL HB   H  N N 343 
VAL HG11 H  N N 344 
VAL HG12 H  N N 345 
VAL HG13 H  N N 346 
VAL HG21 H  N N 347 
VAL HG22 H  N N 348 
VAL HG23 H  N N 349 
VAL HXT  H  N N 350 
# 
loop_
_chem_comp_bond.comp_id 
_chem_comp_bond.atom_id_1 
_chem_comp_bond.atom_id_2 
_chem_comp_bond.value_order 
_chem_comp_bond.pdbx_aromatic_flag 
_chem_comp_bond.pdbx_stereo_config 
_chem_comp_bond.pdbx_ordinal 
ALA N   CA   sing N N 1   
ALA N   H    sing N N 2   
ALA N   H2   sing N N 3   
ALA CA  C    sing N N 4   
ALA CA  CB   sing N N 5   
ALA CA  HA   sing N N 6   
ALA C   O    doub N N 7   
ALA C   OXT  sing N N 8   
ALA CB  HB1  sing N N 9   
ALA CB  HB2  sing N N 10  
ALA CB  HB3  sing N N 11  
ALA OXT HXT  sing N N 12  
ARG N   CA   sing N N 13  
ARG N   H    sing N N 14  
ARG N   H2   sing N N 15  
ARG CA  C    sing N N 16  
ARG CA  CB   sing N N 17  
ARG CA  HA   sing N N 18  
ARG C   O    doub N N 19  
ARG C   OXT  sing N N 20  
ARG CB  CG   sing N N 21  
ARG CB  HB2  sing N N 22  
ARG CB  HB3  sing N N 23  
ARG CG  CD   sing N N 24  
ARG CG  HG2  sing N N 25  
ARG CG  HG3  sing N N 26  
ARG CD  NE   sing N N 27  
ARG CD  HD2  sing N N 28  
ARG CD  HD3  sing N N 29  
ARG NE  CZ   sing N N 30  
ARG NE  HE   sing N N 31  
ARG CZ  NH1  sing N N 32  
ARG CZ  NH2  doub N N 33  
ARG NH1 HH11 sing N N 34  
ARG NH1 HH12 sing N N 35  
ARG NH2 HH21 sing N N 36  
ARG NH2 HH22 sing N N 37  
ARG OXT HXT  sing N N 38  
ASN N   CA   sing N N 39  
ASN N   H    sing N N 40  
ASN N   H2   sing N N 41  
ASN CA  C    sing N N 42  
ASN CA  CB   sing N N 43  
ASN CA  HA   sing N N 44  
ASN C   O    doub N N 45  
ASN C   OXT  sing N N 46  
ASN CB  CG   sing N N 47  
ASN CB  HB2  sing N N 48  
ASN CB  HB3  sing N N 49  
ASN CG  OD1  doub N N 50  
ASN CG  ND2  sing N N 51  
ASN ND2 HD21 sing N N 52  
ASN ND2 HD22 sing N N 53  
ASN OXT HXT  sing N N 54  
ASP N   CA   sing N N 55  
ASP N   H    sing N N 56  
ASP N   H2   sing N N 57  
ASP CA  C    sing N N 58  
ASP CA  CB   sing N N 59  
ASP CA  HA   sing N N 60  
ASP C   O    doub N N 61  
ASP C   OXT  sing N N 62  
ASP CB  CG   sing N N 63  
ASP CB  HB2  sing N N 64  
ASP CB  HB3  sing N N 65  
ASP CG  OD1  doub N N 66  
ASP CG  OD2  sing N N 67  
ASP OD2 HD2  sing N N 68  
ASP OXT HXT  sing N N 69  
GLN N   CA   sing N N 70  
GLN N   H    sing N N 71  
GLN N   H2   sing N N 72  
GLN CA  C    sing N N 73  
GLN CA  CB   sing N N 74  
GLN CA  HA   sing N N 75  
GLN C   O    doub N N 76  
GLN C   OXT  sing N N 77  
GLN CB  CG   sing N N 78  
GLN CB  HB2  sing N N 79  
GLN CB  HB3  sing N N 80  
GLN CG  CD   sing N N 81  
GLN CG  HG2  sing N N 82  
GLN CG  HG3  sing N N 83  
GLN CD  OE1  doub N N 84  
GLN CD  NE2  sing N N 85  
GLN NE2 HE21 sing N N 86  
GLN NE2 HE22 sing N N 87  
GLN OXT HXT  sing N N 88  
GLU N   CA   sing N N 89  
GLU N   H    sing N N 90  
GLU N   H2   sing N N 91  
GLU CA  C    sing N N 92  
GLU CA  CB   sing N N 93  
GLU CA  HA   sing N N 94  
GLU C   O    doub N N 95  
GLU C   OXT  sing N N 96  
GLU CB  CG   sing N N 97  
GLU CB  HB2  sing N N 98  
GLU CB  HB3  sing N N 99  
GLU CG  CD   sing N N 100 
GLU CG  HG2  sing N N 101 
GLU CG  HG3  sing N N 102 
GLU CD  OE1  doub N N 103 
GLU CD  OE2  sing N N 104 
GLU OE2 HE2  sing N N 105 
GLU OXT HXT  sing N N 106 
GLY N   CA   sing N N 107 
GLY N   H    sing N N 108 
GLY N   H2   sing N N 109 
GLY CA  C    sing N N 110 
GLY CA  HA2  sing N N 111 
GLY CA  HA3  sing N N 112 
GLY C   O    doub N N 113 
GLY C   OXT  sing N N 114 
GLY OXT HXT  sing N N 115 
HIS N   CA   sing N N 116 
HIS N   H    sing N N 117 
HIS N   H2   sing N N 118 
HIS CA  C    sing N N 119 
HIS CA  CB   sing N N 120 
HIS CA  HA   sing N N 121 
HIS C   O    doub N N 122 
HIS C   OXT  sing N N 123 
HIS CB  CG   sing N N 124 
HIS CB  HB2  sing N N 125 
HIS CB  HB3  sing N N 126 
HIS CG  ND1  sing Y N 127 
HIS CG  CD2  doub Y N 128 
HIS ND1 CE1  doub Y N 129 
HIS ND1 HD1  sing N N 130 
HIS CD2 NE2  sing Y N 131 
HIS CD2 HD2  sing N N 132 
HIS CE1 NE2  sing Y N 133 
HIS CE1 HE1  sing N N 134 
HIS NE2 HE2  sing N N 135 
HIS OXT HXT  sing N N 136 
HOH O   H1   sing N N 137 
HOH O   H2   sing N N 138 
ILE N   CA   sing N N 139 
ILE N   H    sing N N 140 
ILE N   H2   sing N N 141 
ILE CA  C    sing N N 142 
ILE CA  CB   sing N N 143 
ILE CA  HA   sing N N 144 
ILE C   O    doub N N 145 
ILE C   OXT  sing N N 146 
ILE CB  CG1  sing N N 147 
ILE CB  CG2  sing N N 148 
ILE CB  HB   sing N N 149 
ILE CG1 CD1  sing N N 150 
ILE CG1 HG12 sing N N 151 
ILE CG1 HG13 sing N N 152 
ILE CG2 HG21 sing N N 153 
ILE CG2 HG22 sing N N 154 
ILE CG2 HG23 sing N N 155 
ILE CD1 HD11 sing N N 156 
ILE CD1 HD12 sing N N 157 
ILE CD1 HD13 sing N N 158 
ILE OXT HXT  sing N N 159 
LEU N   CA   sing N N 160 
LEU N   H    sing N N 161 
LEU N   H2   sing N N 162 
LEU CA  C    sing N N 163 
LEU CA  CB   sing N N 164 
LEU CA  HA   sing N N 165 
LEU C   O    doub N N 166 
LEU C   OXT  sing N N 167 
LEU CB  CG   sing N N 168 
LEU CB  HB2  sing N N 169 
LEU CB  HB3  sing N N 170 
LEU CG  CD1  sing N N 171 
LEU CG  CD2  sing N N 172 
LEU CG  HG   sing N N 173 
LEU CD1 HD11 sing N N 174 
LEU CD1 HD12 sing N N 175 
LEU CD1 HD13 sing N N 176 
LEU CD2 HD21 sing N N 177 
LEU CD2 HD22 sing N N 178 
LEU CD2 HD23 sing N N 179 
LEU OXT HXT  sing N N 180 
LYS N   CA   sing N N 181 
LYS N   H    sing N N 182 
LYS N   H2   sing N N 183 
LYS CA  C    sing N N 184 
LYS CA  CB   sing N N 185 
LYS CA  HA   sing N N 186 
LYS C   O    doub N N 187 
LYS C   OXT  sing N N 188 
LYS CB  CG   sing N N 189 
LYS CB  HB2  sing N N 190 
LYS CB  HB3  sing N N 191 
LYS CG  CD   sing N N 192 
LYS CG  HG2  sing N N 193 
LYS CG  HG3  sing N N 194 
LYS CD  CE   sing N N 195 
LYS CD  HD2  sing N N 196 
LYS CD  HD3  sing N N 197 
LYS CE  NZ   sing N N 198 
LYS CE  HE2  sing N N 199 
LYS CE  HE3  sing N N 200 
LYS NZ  HZ1  sing N N 201 
LYS NZ  HZ2  sing N N 202 
LYS NZ  HZ3  sing N N 203 
LYS OXT HXT  sing N N 204 
MET N   CA   sing N N 205 
MET N   H    sing N N 206 
MET N   H2   sing N N 207 
MET CA  C    sing N N 208 
MET CA  CB   sing N N 209 
MET CA  HA   sing N N 210 
MET C   O    doub N N 211 
MET C   OXT  sing N N 212 
MET CB  CG   sing N N 213 
MET CB  HB2  sing N N 214 
MET CB  HB3  sing N N 215 
MET CG  SD   sing N N 216 
MET CG  HG2  sing N N 217 
MET CG  HG3  sing N N 218 
MET SD  CE   sing N N 219 
MET CE  HE1  sing N N 220 
MET CE  HE2  sing N N 221 
MET CE  HE3  sing N N 222 
MET OXT HXT  sing N N 223 
PHE N   CA   sing N N 224 
PHE N   H    sing N N 225 
PHE N   H2   sing N N 226 
PHE CA  C    sing N N 227 
PHE CA  CB   sing N N 228 
PHE CA  HA   sing N N 229 
PHE C   O    doub N N 230 
PHE C   OXT  sing N N 231 
PHE CB  CG   sing N N 232 
PHE CB  HB2  sing N N 233 
PHE CB  HB3  sing N N 234 
PHE CG  CD1  doub Y N 235 
PHE CG  CD2  sing Y N 236 
PHE CD1 CE1  sing Y N 237 
PHE CD1 HD1  sing N N 238 
PHE CD2 CE2  doub Y N 239 
PHE CD2 HD2  sing N N 240 
PHE CE1 CZ   doub Y N 241 
PHE CE1 HE1  sing N N 242 
PHE CE2 CZ   sing Y N 243 
PHE CE2 HE2  sing N N 244 
PHE CZ  HZ   sing N N 245 
PHE OXT HXT  sing N N 246 
PRO N   CA   sing N N 247 
PRO N   CD   sing N N 248 
PRO N   H    sing N N 249 
PRO CA  C    sing N N 250 
PRO CA  CB   sing N N 251 
PRO CA  HA   sing N N 252 
PRO C   O    doub N N 253 
PRO C   OXT  sing N N 254 
PRO CB  CG   sing N N 255 
PRO CB  HB2  sing N N 256 
PRO CB  HB3  sing N N 257 
PRO CG  CD   sing N N 258 
PRO CG  HG2  sing N N 259 
PRO CG  HG3  sing N N 260 
PRO CD  HD2  sing N N 261 
PRO CD  HD3  sing N N 262 
PRO OXT HXT  sing N N 263 
SER N   CA   sing N N 264 
SER N   H    sing N N 265 
SER N   H2   sing N N 266 
SER CA  C    sing N N 267 
SER CA  CB   sing N N 268 
SER CA  HA   sing N N 269 
SER C   O    doub N N 270 
SER C   OXT  sing N N 271 
SER CB  OG   sing N N 272 
SER CB  HB2  sing N N 273 
SER CB  HB3  sing N N 274 
SER OG  HG   sing N N 275 
SER OXT HXT  sing N N 276 
THR N   CA   sing N N 277 
THR N   H    sing N N 278 
THR N   H2   sing N N 279 
THR CA  C    sing N N 280 
THR CA  CB   sing N N 281 
THR CA  HA   sing N N 282 
THR C   O    doub N N 283 
THR C   OXT  sing N N 284 
THR CB  OG1  sing N N 285 
THR CB  CG2  sing N N 286 
THR CB  HB   sing N N 287 
THR OG1 HG1  sing N N 288 
THR CG2 HG21 sing N N 289 
THR CG2 HG22 sing N N 290 
THR CG2 HG23 sing N N 291 
THR OXT HXT  sing N N 292 
TYR N   CA   sing N N 293 
TYR N   H    sing N N 294 
TYR N   H2   sing N N 295 
TYR CA  C    sing N N 296 
TYR CA  CB   sing N N 297 
TYR CA  HA   sing N N 298 
TYR C   O    doub N N 299 
TYR C   OXT  sing N N 300 
TYR CB  CG   sing N N 301 
TYR CB  HB2  sing N N 302 
TYR CB  HB3  sing N N 303 
TYR CG  CD1  doub Y N 304 
TYR CG  CD2  sing Y N 305 
TYR CD1 CE1  sing Y N 306 
TYR CD1 HD1  sing N N 307 
TYR CD2 CE2  doub Y N 308 
TYR CD2 HD2  sing N N 309 
TYR CE1 CZ   doub Y N 310 
TYR CE1 HE1  sing N N 311 
TYR CE2 CZ   sing Y N 312 
TYR CE2 HE2  sing N N 313 
TYR CZ  OH   sing N N 314 
TYR OH  HH   sing N N 315 
TYR OXT HXT  sing N N 316 
VAL N   CA   sing N N 317 
VAL N   H    sing N N 318 
VAL N   H2   sing N N 319 
VAL CA  C    sing N N 320 
VAL CA  CB   sing N N 321 
VAL CA  HA   sing N N 322 
VAL C   O    doub N N 323 
VAL C   OXT  sing N N 324 
VAL CB  CG1  sing N N 325 
VAL CB  CG2  sing N N 326 
VAL CB  HB   sing N N 327 
VAL CG1 HG11 sing N N 328 
VAL CG1 HG12 sing N N 329 
VAL CG1 HG13 sing N N 330 
VAL CG2 HG21 sing N N 331 
VAL CG2 HG22 sing N N 332 
VAL CG2 HG23 sing N N 333 
VAL OXT HXT  sing N N 334 
# 
_atom_sites.entry_id                    5PAL 
_atom_sites.fract_transf_matrix[1][1]   -0.00722582 
_atom_sites.fract_transf_matrix[1][2]   0.02624556 
_atom_sites.fract_transf_matrix[1][3]   -0.02348025 
_atom_sites.fract_transf_matrix[2][1]   0.02367858 
_atom_sites.fract_transf_matrix[2][2]   0.00803135 
_atom_sites.fract_transf_matrix[2][3]   -0.02583069 
_atom_sites.fract_transf_matrix[3][1]   -0.00293426 
_atom_sites.fract_transf_matrix[3][2]   -0.00445285 
_atom_sites.fract_transf_matrix[3][3]   -0.00407428 
_atom_sites.fract_transf_vector[1]      -0.272063 
_atom_sites.fract_transf_vector[2]      0.469286 
_atom_sites.fract_transf_vector[3]      0.083911 
# 
loop_
_atom_type.symbol 
C  
CA 
N  
O  
S  
# 
loop_
_atom_site.group_PDB 
_atom_site.id 
_atom_site.type_symbol 
_atom_site.label_atom_id 
_atom_site.label_alt_id 
_atom_site.label_comp_id 
_atom_site.label_asym_id 
_atom_site.label_entity_id 
_atom_site.label_seq_id 
_atom_site.pdbx_PDB_ins_code 
_atom_site.Cartn_x 
_atom_site.Cartn_y 
_atom_site.Cartn_z 
_atom_site.occupancy 
_atom_site.B_iso_or_equiv 
_atom_site.pdbx_formal_charge 
_atom_site.auth_seq_id 
_atom_site.auth_comp_id 
_atom_site.auth_asym_id 
_atom_site.auth_atom_id 
_atom_site.pdbx_PDB_model_num 
ATOM   1   N  N   . PRO A 1 1   ? 3.257   -7.339  -11.295 1.00 20.02 ? 1   PRO A N   1 
ATOM   2   C  CA  . PRO A 1 1   ? 2.515   -8.256  -10.469 1.00 18.54 ? 1   PRO A CA  1 
ATOM   3   C  C   . PRO A 1 1   ? 3.299   -8.208  -9.176  1.00 16.67 ? 1   PRO A C   1 
ATOM   4   O  O   . PRO A 1 1   ? 4.541   -8.122  -9.216  1.00 16.36 ? 1   PRO A O   1 
ATOM   5   C  CB  . PRO A 1 1   ? 2.595   -9.575  -11.133 0.00 19.09 ? 1   PRO A CB  1 
ATOM   6   C  CG  . PRO A 1 1   ? 2.452   -9.176  -12.572 0.00 19.63 ? 1   PRO A CG  1 
ATOM   7   C  CD  . PRO A 1 1   ? 3.454   -8.056  -12.537 1.00 20.44 ? 1   PRO A CD  1 
ATOM   8   N  N   . MET A 1 2   ? 2.594   -8.213  -8.050  1.00 14.13 ? 2   MET A N   1 
ATOM   9   C  CA  . MET A 1 2   ? 3.240   -8.153  -6.764  1.00 11.18 ? 2   MET A CA  1 
ATOM   10  C  C   . MET A 1 2   ? 4.011   -9.416  -6.486  1.00 9.49  ? 2   MET A C   1 
ATOM   11  O  O   . MET A 1 2   ? 4.903   -9.359  -5.650  1.00 8.22  ? 2   MET A O   1 
ATOM   12  C  CB  . MET A 1 2   ? 2.224   -7.980  -5.652  1.00 12.40 ? 2   MET A CB  1 
ATOM   13  C  CG  . MET A 1 2   ? 1.509   -6.670  -5.704  1.00 13.06 ? 2   MET A CG  1 
ATOM   14  S  SD  . MET A 1 2   ? 2.683   -5.328  -5.430  1.00 13.48 ? 2   MET A SD  1 
ATOM   15  C  CE  . MET A 1 2   ? 1.459   -4.047  -5.497  1.00 13.29 ? 2   MET A CE  1 
ATOM   16  N  N   . THR A 1 3   ? 3.771   -10.560 -7.138  1.00 7.45  ? 3   THR A N   1 
ATOM   17  C  CA  . THR A 1 3   ? 4.532   -11.753 -6.824  1.00 7.39  ? 3   THR A CA  1 
ATOM   18  C  C   . THR A 1 3   ? 5.974   -11.732 -7.335  1.00 8.28  ? 3   THR A C   1 
ATOM   19  O  O   . THR A 1 3   ? 6.750   -12.665 -7.099  1.00 8.62  ? 3   THR A O   1 
ATOM   20  C  CB  . THR A 1 3   ? 3.776   -12.996 -7.354  1.00 7.37  ? 3   THR A CB  1 
ATOM   21  O  OG1 . THR A 1 3   ? 3.351   -12.694 -8.676  1.00 7.55  ? 3   THR A OG1 1 
ATOM   22  C  CG2 . THR A 1 3   ? 2.595   -13.362 -6.472  1.00 7.03  ? 3   THR A CG2 1 
ATOM   23  N  N   . LYS A 1 4   ? 6.377   -10.637 -8.001  1.00 8.34  ? 4   LYS A N   1 
ATOM   24  C  CA  . LYS A 1 4   ? 7.763   -10.420 -8.353  1.00 8.88  ? 4   LYS A CA  1 
ATOM   25  C  C   . LYS A 1 4   ? 8.508   -10.141 -7.059  1.00 8.09  ? 4   LYS A C   1 
ATOM   26  O  O   . LYS A 1 4   ? 9.706   -10.376 -6.958  1.00 7.28  ? 4   LYS A O   1 
ATOM   27  C  CB  . LYS A 1 4   ? 7.942   -9.194  -9.248  1.00 10.62 ? 4   LYS A CB  1 
ATOM   28  C  CG  . LYS A 1 4   ? 7.465   -9.237  -10.698 1.00 12.42 ? 4   LYS A CG  1 
ATOM   29  C  CD  . LYS A 1 4   ? 7.642   -7.774  -11.142 1.00 13.96 ? 4   LYS A CD  1 
ATOM   30  C  CE  . LYS A 1 4   ? 7.482   -7.405  -12.600 0.00 13.61 ? 4   LYS A CE  1 
ATOM   31  N  NZ  . LYS A 1 4   ? 7.797   -5.993  -12.752 0.00 13.73 ? 4   LYS A NZ  1 
ATOM   32  N  N   . VAL A 1 5   ? 7.819   -9.625  -6.031  1.00 7.56  ? 5   VAL A N   1 
ATOM   33  C  CA  . VAL A 1 5   ? 8.472   -9.251  -4.778  1.00 7.75  ? 5   VAL A CA  1 
ATOM   34  C  C   . VAL A 1 5   ? 7.961   -10.028 -3.574  1.00 7.32  ? 5   VAL A C   1 
ATOM   35  O  O   . VAL A 1 5   ? 8.742   -10.384 -2.671  1.00 8.19  ? 5   VAL A O   1 
ATOM   36  C  CB  . VAL A 1 5   ? 8.285   -7.734  -4.506  1.00 7.65  ? 5   VAL A CB  1 
ATOM   37  C  CG1 . VAL A 1 5   ? 8.904   -7.337  -3.150  1.00 8.41  ? 5   VAL A CG1 1 
ATOM   38  C  CG2 . VAL A 1 5   ? 8.948   -6.940  -5.615  1.00 8.35  ? 5   VAL A CG2 1 
ATOM   39  N  N   . LEU A 1 6   ? 6.663   -10.343 -3.568  1.00 7.10  ? 6   LEU A N   1 
ATOM   40  C  CA  . LEU A 1 6   ? 5.998   -10.896 -2.392  1.00 7.25  ? 6   LEU A CA  1 
ATOM   41  C  C   . LEU A 1 6   ? 5.434   -12.280 -2.633  1.00 6.54  ? 6   LEU A C   1 
ATOM   42  O  O   . LEU A 1 6   ? 5.172   -12.607 -3.782  1.00 7.55  ? 6   LEU A O   1 
ATOM   43  C  CB  . LEU A 1 6   ? 4.884   -9.945  -1.990  1.00 7.32  ? 6   LEU A CB  1 
ATOM   44  C  CG  . LEU A 1 6   ? 5.317   -8.501  -1.661  1.00 7.41  ? 6   LEU A CG  1 
ATOM   45  C  CD1 . LEU A 1 6   ? 4.078   -7.631  -1.599  1.00 8.34  ? 6   LEU A CD1 1 
ATOM   46  C  CD2 . LEU A 1 6   ? 6.140   -8.470  -0.386  1.00 7.34  ? 6   LEU A CD2 1 
ATOM   47  N  N   . LYS A 1 7   ? 5.321   -13.121 -1.626  1.00 6.02  ? 7   LYS A N   1 
ATOM   48  C  CA  . LYS A 1 7   ? 4.770   -14.455 -1.784  1.00 6.98  ? 7   LYS A CA  1 
ATOM   49  C  C   . LYS A 1 7   ? 3.264   -14.425 -2.024  1.00 6.64  ? 7   LYS A C   1 
ATOM   50  O  O   . LYS A 1 7   ? 2.513   -13.697 -1.365  1.00 6.16  ? 7   LYS A O   1 
ATOM   51  C  CB  . LYS A 1 7   ? 5.015   -15.281 -0.555  1.00 8.55  ? 7   LYS A CB  1 
ATOM   52  C  CG  . LYS A 1 7   ? 6.476   -15.588 -0.326  1.00 10.91 ? 7   LYS A CG  1 
ATOM   53  C  CD  . LYS A 1 7   ? 6.507   -16.606 0.799   1.00 12.81 ? 7   LYS A CD  1 
ATOM   54  C  CE  . LYS A 1 7   ? 7.937   -17.083 0.938   1.00 15.00 ? 7   LYS A CE  1 
ATOM   55  N  NZ  . LYS A 1 7   ? 8.135   -17.750 2.202   0.00 14.30 ? 7   LYS A NZ  1 
ATOM   56  N  N   . ALA A 1 8   ? 2.805   -15.225 -2.969  1.00 5.83  ? 8   ALA A N   1 
ATOM   57  C  CA  . ALA A 1 8   ? 1.385   -15.310 -3.304  1.00 6.03  ? 8   ALA A CA  1 
ATOM   58  C  C   . ALA A 1 8   ? 0.510   -15.568 -2.077  1.00 6.16  ? 8   ALA A C   1 
ATOM   59  O  O   . ALA A 1 8   ? -0.501  -14.878 -1.889  1.00 5.96  ? 8   ALA A O   1 
ATOM   60  C  CB  . ALA A 1 8   ? 1.164   -16.434 -4.304  1.00 5.66  ? 8   ALA A CB  1 
ATOM   61  N  N   . ASP A 1 9   ? 0.908   -16.476 -1.184  1.00 6.25  ? 9   ASP A N   1 
ATOM   62  C  CA  . ASP A 1 9   ? 0.074   -16.785 -0.017  1.00 7.96  ? 9   ASP A CA  1 
ATOM   63  C  C   . ASP A 1 9   ? 0.032   -15.653 1.005   1.00 7.38  ? 9   ASP A C   1 
ATOM   64  O  O   . ASP A 1 9   ? -1.005  -15.410 1.638   1.00 8.51  ? 9   ASP A O   1 
ATOM   65  C  CB  . ASP A 1 9   ? 0.563   -18.074 0.673   1.00 10.30 ? 9   ASP A CB  1 
ATOM   66  C  CG  . ASP A 1 9   ? 0.367   -19.350 -0.159  1.00 12.84 ? 9   ASP A CG  1 
ATOM   67  O  OD1 . ASP A 1 9   ? -0.563  -19.446 -0.968  1.00 13.81 ? 9   ASP A OD1 1 
ATOM   68  O  OD2 . ASP A 1 9   ? 1.201   -20.241 -0.012  1.00 15.43 ? 9   ASP A OD2 1 
ATOM   69  N  N   . ASP A 1 10  ? 1.110   -14.893 1.141   1.00 6.55  ? 10  ASP A N   1 
ATOM   70  C  CA  . ASP A 1 10  ? 1.132   -13.735 2.034   1.00 6.64  ? 10  ASP A CA  1 
ATOM   71  C  C   . ASP A 1 10  ? 0.196   -12.670 1.522   1.00 5.85  ? 10  ASP A C   1 
ATOM   72  O  O   . ASP A 1 10  ? -0.521  -12.041 2.302   1.00 5.94  ? 10  ASP A O   1 
ATOM   73  C  CB  . ASP A 1 10  ? 2.535   -13.145 2.123   1.00 7.20  ? 10  ASP A CB  1 
ATOM   74  C  CG  . ASP A 1 10  ? 3.487   -14.010 2.917   1.00 8.84  ? 10  ASP A CG  1 
ATOM   75  O  OD1 . ASP A 1 10  ? 3.061   -14.919 3.614   1.00 10.99 ? 10  ASP A OD1 1 
ATOM   76  O  OD2 . ASP A 1 10  ? 4.696   -13.834 2.854   1.00 9.88  ? 10  ASP A OD2 1 
ATOM   77  N  N   . ILE A 1 11  ? 0.122   -12.480 0.201   1.00 4.99  ? 11  ILE A N   1 
ATOM   78  C  CA  . ILE A 1 11  ? -0.830  -11.530 -0.369  1.00 5.63  ? 11  ILE A CA  1 
ATOM   79  C  C   . ILE A 1 11  ? -2.248  -11.975 -0.016  1.00 5.96  ? 11  ILE A C   1 
ATOM   80  O  O   . ILE A 1 11  ? -3.064  -11.141 0.412   1.00 5.35  ? 11  ILE A O   1 
ATOM   81  C  CB  . ILE A 1 11  ? -0.692  -11.441 -1.909  1.00 6.19  ? 11  ILE A CB  1 
ATOM   82  C  CG1 . ILE A 1 11  ? 0.633   -10.745 -2.238  1.00 6.63  ? 11  ILE A CG1 1 
ATOM   83  C  CG2 . ILE A 1 11  ? -1.867  -10.663 -2.523  1.00 6.51  ? 11  ILE A CG2 1 
ATOM   84  C  CD1 . ILE A 1 11  ? 1.119   -10.974 -3.680  1.00 7.66  ? 11  ILE A CD1 1 
ATOM   85  N  N   . ASN A 1 12  ? -2.558  -13.275 -0.147  1.00 6.44  ? 12  ASN A N   1 
ATOM   86  C  CA  . ASN A 1 12  ? -3.907  -13.705 0.158   1.00 7.40  ? 12  ASN A CA  1 
ATOM   87  C  C   . ASN A 1 12  ? -4.236  -13.596 1.630   1.00 7.43  ? 12  ASN A C   1 
ATOM   88  O  O   . ASN A 1 12  ? -5.348  -13.248 2.019   1.00 6.82  ? 12  ASN A O   1 
ATOM   89  C  CB  . ASN A 1 12  ? -4.093  -15.123 -0.343  1.00 8.93  ? 12  ASN A CB  1 
ATOM   90  C  CG  . ASN A 1 12  ? -4.677  -15.035 -1.745  1.00 10.19 ? 12  ASN A CG  1 
ATOM   91  O  OD1 . ASN A 1 12  ? -5.617  -14.268 -1.956  1.00 11.89 ? 12  ASN A OD1 1 
ATOM   92  N  ND2 . ASN A 1 12  ? -4.228  -15.765 -2.755  1.00 10.52 ? 12  ASN A ND2 1 
ATOM   93  N  N   . LYS A 1 13  ? -3.243  -13.777 2.484   1.00 8.02  ? 13  LYS A N   1 
ATOM   94  C  CA  . LYS A 1 13  ? -3.430  -13.639 3.923   1.00 8.74  ? 13  LYS A CA  1 
ATOM   95  C  C   . LYS A 1 13  ? -3.815  -12.206 4.256   1.00 8.07  ? 13  LYS A C   1 
ATOM   96  O  O   . LYS A 1 13  ? -4.777  -11.947 4.994   1.00 8.17  ? 13  LYS A O   1 
ATOM   97  C  CB  . LYS A 1 13  ? -2.125  -14.041 4.603   1.00 10.18 ? 13  LYS A CB  1 
ATOM   98  C  CG  . LYS A 1 13  ? -2.242  -14.089 6.109   1.00 13.50 ? 13  LYS A CG  1 
ATOM   99  C  CD  . LYS A 1 13  ? -1.065  -14.895 6.661   1.00 14.73 ? 13  LYS A CD  1 
ATOM   100 C  CE  . LYS A 1 13  ? -1.516  -16.036 7.563   0.00 14.42 ? 13  LYS A CE  1 
ATOM   101 N  NZ  . LYS A 1 13  ? -2.144  -15.550 8.779   0.00 14.54 ? 13  LYS A NZ  1 
ATOM   102 N  N   . ALA A 1 14  ? -3.102  -11.258 3.665   1.00 7.92  ? 14  ALA A N   1 
ATOM   103 C  CA  . ALA A 1 14  ? -3.347  -9.865  3.941   1.00 8.70  ? 14  ALA A CA  1 
ATOM   104 C  C   . ALA A 1 14  ? -4.685  -9.399  3.378   1.00 9.57  ? 14  ALA A C   1 
ATOM   105 O  O   . ALA A 1 14  ? -5.421  -8.663  4.058   1.00 9.99  ? 14  ALA A O   1 
ATOM   106 C  CB  . ALA A 1 14  ? -2.212  -9.023  3.356   1.00 9.03  ? 14  ALA A CB  1 
ATOM   107 N  N   . ILE A 1 15  ? -5.091  -9.877  2.192   1.00 8.86  ? 15  ILE A N   1 
ATOM   108 C  CA  . ILE A 1 15  ? -6.387  -9.508  1.605   1.00 10.12 ? 15  ILE A CA  1 
ATOM   109 C  C   . ILE A 1 15  ? -7.562  -9.979  2.469   1.00 9.59  ? 15  ILE A C   1 
ATOM   110 O  O   . ILE A 1 15  ? -8.580  -9.295  2.626   1.00 10.04 ? 15  ILE A O   1 
ATOM   111 C  CB  . ILE A 1 15  ? -6.467  -10.114 0.163   1.00 10.39 ? 15  ILE A CB  1 
ATOM   112 C  CG1 . ILE A 1 15  ? -5.452  -9.364  -0.714  1.00 11.90 ? 15  ILE A CG1 1 
ATOM   113 C  CG2 . ILE A 1 15  ? -7.877  -10.032 -0.424  1.00 11.05 ? 15  ILE A CG2 1 
ATOM   114 C  CD1 . ILE A 1 15  ? -5.559  -7.826  -0.775  1.00 11.93 ? 15  ILE A CD1 1 
ATOM   115 N  N   . SER A 1 16  ? -7.409  -11.175 3.036   1.00 8.49  ? 16  SER A N   1 
ATOM   116 C  CA  . SER A 1 16  ? -8.412  -11.745 3.904   1.00 8.86  ? 16  SER A CA  1 
ATOM   117 C  C   . SER A 1 16  ? -8.573  -10.907 5.175   1.00 7.89  ? 16  SER A C   1 
ATOM   118 O  O   . SER A 1 16  ? -9.709  -10.643 5.591   1.00 7.46  ? 16  SER A O   1 
ATOM   119 C  CB  . SER A 1 16  ? -7.982  -13.129 4.254   1.00 10.15 ? 16  SER A CB  1 
ATOM   120 O  OG  . SER A 1 16  ? -9.047  -13.737 4.965   1.00 15.19 ? 16  SER A OG  1 
ATOM   121 N  N   . ALA A 1 17  ? -7.450  -10.479 5.765   1.00 6.28  ? 17  ALA A N   1 
ATOM   122 C  CA  . ALA A 1 17  ? -7.497  -9.695  6.983   1.00 6.53  ? 17  ALA A CA  1 
ATOM   123 C  C   . ALA A 1 17  ? -8.290  -8.407  6.819   1.00 6.80  ? 17  ALA A C   1 
ATOM   124 O  O   . ALA A 1 17  ? -8.957  -7.940  7.747   1.00 7.63  ? 17  ALA A O   1 
ATOM   125 C  CB  . ALA A 1 17  ? -6.096  -9.323  7.419   1.00 6.20  ? 17  ALA A CB  1 
ATOM   126 N  N   . PHE A 1 18  ? -8.273  -7.840  5.608   1.00 6.10  ? 18  PHE A N   1 
ATOM   127 C  CA  . PHE A 1 18  ? -8.942  -6.570  5.369   1.00 6.64  ? 18  PHE A CA  1 
ATOM   128 C  C   . PHE A 1 18  ? -10.112 -6.690  4.412   1.00 7.13  ? 18  PHE A C   1 
ATOM   129 O  O   . PHE A 1 18  ? -10.449 -5.745  3.688   1.00 7.65  ? 18  PHE A O   1 
ATOM   130 C  CB  . PHE A 1 18  ? -7.909  -5.560  4.835   1.00 6.43  ? 18  PHE A CB  1 
ATOM   131 C  CG  . PHE A 1 18  ? -6.785  -5.425  5.840   1.00 6.34  ? 18  PHE A CG  1 
ATOM   132 C  CD1 . PHE A 1 18  ? -7.053  -4.876  7.081   1.00 6.76  ? 18  PHE A CD1 1 
ATOM   133 C  CD2 . PHE A 1 18  ? -5.521  -5.907  5.534   1.00 7.07  ? 18  PHE A CD2 1 
ATOM   134 C  CE1 . PHE A 1 18  ? -6.044  -4.822  8.021   1.00 6.72  ? 18  PHE A CE1 1 
ATOM   135 C  CE2 . PHE A 1 18  ? -4.532  -5.846  6.493   1.00 6.72  ? 18  PHE A CE2 1 
ATOM   136 C  CZ  . PHE A 1 18  ? -4.790  -5.304  7.727   1.00 6.68  ? 18  PHE A CZ  1 
ATOM   137 N  N   . LYS A 1 19  ? -10.822 -7.819  4.454   1.00 7.64  ? 19  LYS A N   1 
ATOM   138 C  CA  . LYS A 1 19  ? -11.922 -8.007  3.532   1.00 8.92  ? 19  LYS A CA  1 
ATOM   139 C  C   . LYS A 1 19  ? -13.126 -7.107  3.827   1.00 8.80  ? 19  LYS A C   1 
ATOM   140 O  O   . LYS A 1 19  ? -13.881 -6.768  2.904   1.00 9.54  ? 19  LYS A O   1 
ATOM   141 C  CB  . LYS A 1 19  ? -12.324 -9.483  3.561   1.00 10.98 ? 19  LYS A CB  1 
ATOM   142 C  CG  . LYS A 1 19  ? -12.887 -9.979  4.889   1.00 14.06 ? 19  LYS A CG  1 
ATOM   143 C  CD  . LYS A 1 19  ? -13.194 -11.473 4.803   1.00 17.04 ? 19  LYS A CD  1 
ATOM   144 C  CE  . LYS A 1 19  ? -14.441 -11.776 5.633   1.00 19.04 ? 19  LYS A CE  1 
ATOM   145 N  NZ  . LYS A 1 19  ? -15.593 -11.037 5.114   1.00 20.72 ? 19  LYS A NZ  1 
ATOM   146 N  N   . ASP A 1 20  ? -13.305 -6.699  5.086   1.00 7.65  ? 20  ASP A N   1 
ATOM   147 C  CA  . ASP A 1 20  ? -14.442 -5.902  5.470   1.00 8.91  ? 20  ASP A CA  1 
ATOM   148 C  C   . ASP A 1 20  ? -14.093 -4.432  5.627   1.00 8.71  ? 20  ASP A C   1 
ATOM   149 O  O   . ASP A 1 20  ? -12.976 -4.130  6.092   1.00 8.09  ? 20  ASP A O   1 
ATOM   150 C  CB  . ASP A 1 20  ? -15.003 -6.428  6.771   1.00 9.83  ? 20  ASP A CB  1 
ATOM   151 C  CG  . ASP A 1 20  ? -15.661 -7.777  6.621   1.00 12.36 ? 20  ASP A CG  1 
ATOM   152 O  OD1 . ASP A 1 20  ? -16.176 -8.160  5.563   1.00 12.87 ? 20  ASP A OD1 1 
ATOM   153 O  OD2 . ASP A 1 20  ? -15.649 -8.518  7.587   1.00 12.39 ? 20  ASP A OD2 1 
ATOM   154 N  N   . PRO A 1 21  ? -14.958 -3.487  5.203   1.00 8.81  ? 21  PRO A N   1 
ATOM   155 C  CA  . PRO A 1 21  ? -14.633 -2.051  5.128   1.00 8.57  ? 21  PRO A CA  1 
ATOM   156 C  C   . PRO A 1 21  ? -14.320 -1.443  6.484   1.00 8.37  ? 21  PRO A C   1 
ATOM   157 O  O   . PRO A 1 21  ? -14.890 -1.846  7.495   1.00 9.18  ? 21  PRO A O   1 
ATOM   158 C  CB  . PRO A 1 21  ? -15.846 -1.448  4.439   1.00 8.63  ? 21  PRO A CB  1 
ATOM   159 C  CG  . PRO A 1 21  ? -16.969 -2.388  4.787   1.00 9.30  ? 21  PRO A CG  1 
ATOM   160 C  CD  . PRO A 1 21  ? -16.315 -3.763  4.706   1.00 8.85  ? 21  PRO A CD  1 
ATOM   161 N  N   . GLY A 1 22  ? -13.366 -0.532  6.582   1.00 7.28  ? 22  GLY A N   1 
ATOM   162 C  CA  . GLY A 1 22  ? -13.102 0.098   7.861   1.00 7.77  ? 22  GLY A CA  1 
ATOM   163 C  C   . GLY A 1 22  ? -12.028 -0.574  8.700   1.00 7.70  ? 22  GLY A C   1 
ATOM   164 O  O   . GLY A 1 22  ? -11.684 -0.054  9.774   1.00 8.81  ? 22  GLY A O   1 
ATOM   165 N  N   . THR A 1 23  ? -11.473 -1.712  8.282   1.00 7.31  ? 23  THR A N   1 
ATOM   166 C  CA  . THR A 1 23  ? -10.488 -2.438  9.061   1.00 7.70  ? 23  THR A CA  1 
ATOM   167 C  C   . THR A 1 23  ? -9.019  -2.120  8.752   1.00 7.87  ? 23  THR A C   1 
ATOM   168 O  O   . THR A 1 23  ? -8.126  -2.631  9.427   1.00 8.96  ? 23  THR A O   1 
ATOM   169 C  CB  . THR A 1 23  ? -10.720 -3.964  8.860   1.00 7.30  ? 23  THR A CB  1 
ATOM   170 O  OG1 . THR A 1 23  ? -10.642 -4.245  7.450   1.00 7.33  ? 23  THR A OG1 1 
ATOM   171 C  CG2 . THR A 1 23  ? -12.065 -4.399  9.437   1.00 8.25  ? 23  THR A CG2 1 
ATOM   172 N  N   . PHE A 1 24  ? -8.697  -1.324  7.741   1.00 6.82  ? 24  PHE A N   1 
ATOM   173 C  CA  . PHE A 1 24  ? -7.319  -1.229  7.317   1.00 7.50  ? 24  PHE A CA  1 
ATOM   174 C  C   . PHE A 1 24  ? -6.410  -0.570  8.329   1.00 8.04  ? 24  PHE A C   1 
ATOM   175 O  O   . PHE A 1 24  ? -6.760  0.433   8.947   1.00 8.30  ? 24  PHE A O   1 
ATOM   176 C  CB  . PHE A 1 24  ? -7.258  -0.462  6.012   1.00 7.94  ? 24  PHE A CB  1 
ATOM   177 C  CG  . PHE A 1 24  ? -5.934  -0.604  5.266   1.00 7.62  ? 24  PHE A CG  1 
ATOM   178 C  CD1 . PHE A 1 24  ? -5.666  -1.803  4.616   1.00 8.15  ? 24  PHE A CD1 1 
ATOM   179 C  CD2 . PHE A 1 24  ? -5.017  0.440   5.224   1.00 8.21  ? 24  PHE A CD2 1 
ATOM   180 C  CE1 . PHE A 1 24  ? -4.488  -1.957  3.902   1.00 7.76  ? 24  PHE A CE1 1 
ATOM   181 C  CE2 . PHE A 1 24  ? -3.841  0.278   4.508   1.00 8.47  ? 24  PHE A CE2 1 
ATOM   182 C  CZ  . PHE A 1 24  ? -3.574  -0.914  3.856   1.00 7.96  ? 24  PHE A CZ  1 
ATOM   183 N  N   . ASP A 1 25  ? -5.224  -1.148  8.464   1.00 7.37  ? 25  ASP A N   1 
ATOM   184 C  CA  . ASP A 1 25  ? -4.170  -0.601  9.300   1.00 8.40  ? 25  ASP A CA  1 
ATOM   185 C  C   . ASP A 1 25  ? -2.918  -0.797  8.446   1.00 7.23  ? 25  ASP A C   1 
ATOM   186 O  O   . ASP A 1 25  ? -2.569  -1.946  8.149   1.00 6.33  ? 25  ASP A O   1 
ATOM   187 C  CB  . ASP A 1 25  ? -4.092  -1.414  10.579  1.00 10.87 ? 25  ASP A CB  1 
ATOM   188 C  CG  . ASP A 1 25  ? -2.975  -1.015  11.514  1.00 13.66 ? 25  ASP A CG  1 
ATOM   189 O  OD1 . ASP A 1 25  ? -1.809  -0.960  11.153  1.00 13.52 ? 25  ASP A OD1 1 
ATOM   190 O  OD2 . ASP A 1 25  ? -3.294  -0.704  12.651  1.00 18.48 ? 25  ASP A OD2 1 
ATOM   191 N  N   . TYR A 1 26  ? -2.221  0.270   8.013   1.00 6.17  ? 26  TYR A N   1 
ATOM   192 C  CA  . TYR A 1 26  ? -1.091  0.088   7.111   1.00 6.24  ? 26  TYR A CA  1 
ATOM   193 C  C   . TYR A 1 26  ? 0.030   -0.692  7.771   1.00 6.30  ? 26  TYR A C   1 
ATOM   194 O  O   . TYR A 1 26  ? 0.703   -1.464  7.093   1.00 6.98  ? 26  TYR A O   1 
ATOM   195 C  CB  . TYR A 1 26  ? -0.565  1.463   6.612   1.00 6.34  ? 26  TYR A CB  1 
ATOM   196 C  CG  . TYR A 1 26  ? 0.364   2.272   7.508   1.00 6.99  ? 26  TYR A CG  1 
ATOM   197 C  CD1 . TYR A 1 26  ? -0.129  3.135   8.484   1.00 7.20  ? 26  TYR A CD1 1 
ATOM   198 C  CD2 . TYR A 1 26  ? 1.733   2.121   7.347   1.00 8.19  ? 26  TYR A CD2 1 
ATOM   199 C  CE1 . TYR A 1 26  ? 0.748   3.868   9.265   1.00 7.93  ? 26  TYR A CE1 1 
ATOM   200 C  CE2 . TYR A 1 26  ? 2.609   2.844   8.126   1.00 8.94  ? 26  TYR A CE2 1 
ATOM   201 C  CZ  . TYR A 1 26  ? 2.111   3.698   9.090   1.00 9.02  ? 26  TYR A CZ  1 
ATOM   202 O  OH  . TYR A 1 26  ? 2.999   4.377   9.888   1.00 10.87 ? 26  TYR A OH  1 
ATOM   203 N  N   . LYS A 1 27  ? 0.251   -0.536  9.082   1.00 6.46  ? 27  LYS A N   1 
ATOM   204 C  CA  . LYS A 1 27  ? 1.318   -1.243  9.758   1.00 7.59  ? 27  LYS A CA  1 
ATOM   205 C  C   . LYS A 1 27  ? 1.079   -2.746  9.763   1.00 6.21  ? 27  LYS A C   1 
ATOM   206 O  O   . LYS A 1 27  ? 1.967   -3.508  9.384   1.00 5.55  ? 27  LYS A O   1 
ATOM   207 C  CB  . LYS A 1 27  ? 1.462   -0.796  11.205  1.00 9.41  ? 27  LYS A CB  1 
ATOM   208 C  CG  . LYS A 1 27  ? 1.888   0.650   11.246  1.00 11.65 ? 27  LYS A CG  1 
ATOM   209 C  CD  . LYS A 1 27  ? 2.338   1.009   12.627  1.00 13.89 ? 27  LYS A CD  1 
ATOM   210 C  CE  . LYS A 1 27  ? 2.758   2.456   12.468  1.00 15.99 ? 27  LYS A CE  1 
ATOM   211 N  NZ  . LYS A 1 27  ? 3.731   2.777   13.481  1.00 18.79 ? 27  LYS A NZ  1 
ATOM   212 N  N   . ARG A 1 28  ? -0.138  -3.173  10.107  1.00 6.20  ? 28  ARG A N   1 
ATOM   213 C  CA  . ARG A 1 28  ? -0.443  -4.584  10.092  1.00 6.12  ? 28  ARG A CA  1 
ATOM   214 C  C   . ARG A 1 28  ? -0.403  -5.095  8.655   1.00 6.01  ? 28  ARG A C   1 
ATOM   215 O  O   . ARG A 1 28  ? 0.144   -6.177  8.441   1.00 5.82  ? 28  ARG A O   1 
ATOM   216 C  CB  . ARG A 1 28  ? -1.814  -4.814  10.702  1.00 7.36  ? 28  ARG A CB  1 
ATOM   217 C  CG  . ARG A 1 28  ? -2.243  -6.290  10.824  1.00 8.07  ? 28  ARG A CG  1 
ATOM   218 C  CD  . ARG A 1 28  ? -1.276  -7.119  11.718  1.00 10.06 ? 28  ARG A CD  1 
ATOM   219 N  NE  . ARG A 1 28  ? -1.876  -8.445  11.827  1.00 11.27 ? 28  ARG A NE  1 
ATOM   220 C  CZ  . ARG A 1 28  ? -1.304  -9.475  12.465  1.00 13.08 ? 28  ARG A CZ  1 
ATOM   221 N  NH1 . ARG A 1 28  ? -0.033  -9.508  12.886  1.00 14.27 ? 28  ARG A NH1 1 
ATOM   222 N  NH2 . ARG A 1 28  ? -2.057  -10.576 12.601  1.00 14.18 ? 28  ARG A NH2 1 
ATOM   223 N  N   . PHE A 1 29  ? -0.933  -4.352  7.681   1.00 5.56  ? 29  PHE A N   1 
ATOM   224 C  CA  . PHE A 1 29  ? -0.912  -4.773  6.282   1.00 5.86  ? 29  PHE A CA  1 
ATOM   225 C  C   . PHE A 1 29  ? 0.510   -5.034  5.801   1.00 5.91  ? 29  PHE A C   1 
ATOM   226 O  O   . PHE A 1 29  ? 0.747   -6.102  5.230   1.00 4.96  ? 29  PHE A O   1 
ATOM   227 C  CB  . PHE A 1 29  ? -1.557  -3.699  5.386   1.00 6.17  ? 29  PHE A CB  1 
ATOM   228 C  CG  . PHE A 1 29  ? -1.492  -4.041  3.907   1.00 7.07  ? 29  PHE A CG  1 
ATOM   229 C  CD1 . PHE A 1 29  ? -2.258  -5.087  3.410   1.00 7.42  ? 29  PHE A CD1 1 
ATOM   230 C  CD2 . PHE A 1 29  ? -0.633  -3.333  3.085   1.00 7.72  ? 29  PHE A CD2 1 
ATOM   231 C  CE1 . PHE A 1 29  ? -2.157  -5.435  2.062   1.00 8.45  ? 29  PHE A CE1 1 
ATOM   232 C  CE2 . PHE A 1 29  ? -0.539  -3.683  1.746   1.00 8.74  ? 29  PHE A CE2 1 
ATOM   233 C  CZ  . PHE A 1 29  ? -1.297  -4.732  1.244   1.00 8.42  ? 29  PHE A CZ  1 
ATOM   234 N  N   . PHE A 1 30  ? 1.493   -4.153  6.046   1.00 5.84  ? 30  PHE A N   1 
ATOM   235 C  CA  . PHE A 1 30  ? 2.832   -4.379  5.513   1.00 7.35  ? 30  PHE A CA  1 
ATOM   236 C  C   . PHE A 1 30  ? 3.523   -5.534  6.203   1.00 8.07  ? 30  PHE A C   1 
ATOM   237 O  O   . PHE A 1 30  ? 4.376   -6.203  5.594   1.00 8.73  ? 30  PHE A O   1 
ATOM   238 C  CB  . PHE A 1 30  ? 3.684   -3.111  5.652   1.00 8.16  ? 30  PHE A CB  1 
ATOM   239 C  CG  . PHE A 1 30  ? 3.252   -1.960  4.737   1.00 9.73  ? 30  PHE A CG  1 
ATOM   240 C  CD1 . PHE A 1 30  ? 2.780   -2.191  3.450   1.00 10.71 ? 30  PHE A CD1 1 
ATOM   241 C  CD2 . PHE A 1 30  ? 3.328   -0.656  5.200   1.00 10.83 ? 30  PHE A CD2 1 
ATOM   242 C  CE1 . PHE A 1 30  ? 2.386   -1.131  2.650   1.00 11.79 ? 30  PHE A CE1 1 
ATOM   243 C  CE2 . PHE A 1 30  ? 2.928   0.388   4.381   1.00 11.35 ? 30  PHE A CE2 1 
ATOM   244 C  CZ  . PHE A 1 30  ? 2.460   0.161   3.114   1.00 11.58 ? 30  PHE A CZ  1 
ATOM   245 N  N   . HIS A 1 31  ? 3.163   -5.792  7.467   1.00 8.25  ? 31  HIS A N   1 
ATOM   246 C  CA  . HIS A 1 31  ? 3.665   -6.962  8.166   1.00 9.84  ? 31  HIS A CA  1 
ATOM   247 C  C   . HIS A 1 31  ? 3.059   -8.215  7.549   1.00 8.76  ? 31  HIS A C   1 
ATOM   248 O  O   . HIS A 1 31  ? 3.794   -9.134  7.196   1.00 9.52  ? 31  HIS A O   1 
ATOM   249 C  CB  . HIS A 1 31  ? 3.295   -6.908  9.649   1.00 13.18 ? 31  HIS A CB  1 
ATOM   250 C  CG  . HIS A 1 31  ? 4.318   -6.116  10.472  1.00 16.36 ? 31  HIS A CG  1 
ATOM   251 N  ND1 . HIS A 1 31  ? 5.417   -6.592  11.072  1.00 17.86 ? 31  HIS A ND1 1 
ATOM   252 C  CD2 . HIS A 1 31  ? 4.263   -4.759  10.718  1.00 17.73 ? 31  HIS A CD2 1 
ATOM   253 C  CE1 . HIS A 1 31  ? 6.015   -5.566  11.665  1.00 18.28 ? 31  HIS A CE1 1 
ATOM   254 N  NE2 . HIS A 1 31  ? 5.315   -4.472  11.446  1.00 18.51 ? 31  HIS A NE2 1 
ATOM   255 N  N   . LEU A 1 32  ? 1.751   -8.281  7.345   1.00 7.91  ? 32  LEU A N   1 
ATOM   256 C  CA  . LEU A 1 32  ? 1.142   -9.475  6.800   1.00 8.03  ? 32  LEU A CA  1 
ATOM   257 C  C   . LEU A 1 32  ? 1.552   -9.733  5.380   1.00 7.81  ? 32  LEU A C   1 
ATOM   258 O  O   . LEU A 1 32  ? 1.726   -10.887 5.020   1.00 9.02  ? 32  LEU A O   1 
ATOM   259 C  CB  . LEU A 1 32  ? -0.366  -9.374  6.836   1.00 8.04  ? 32  LEU A CB  1 
ATOM   260 C  CG  . LEU A 1 32  ? -0.982  -9.535  8.214   1.00 8.31  ? 32  LEU A CG  1 
ATOM   261 C  CD1 . LEU A 1 32  ? -2.469  -9.243  8.129   1.00 9.90  ? 32  LEU A CD1 1 
ATOM   262 C  CD2 . LEU A 1 32  ? -0.697  -10.945 8.738   1.00 9.47  ? 32  LEU A CD2 1 
ATOM   263 N  N   . VAL A 1 33  ? 1.720   -8.740  4.529   1.00 7.26  ? 33  VAL A N   1 
ATOM   264 C  CA  . VAL A 1 33  ? 2.016   -9.028  3.148   1.00 7.37  ? 33  VAL A CA  1 
ATOM   265 C  C   . VAL A 1 33  ? 3.501   -9.386  2.954   1.00 8.50  ? 33  VAL A C   1 
ATOM   266 O  O   . VAL A 1 33  ? 3.902   -9.792  1.860   1.00 9.03  ? 33  VAL A O   1 
ATOM   267 C  CB  . VAL A 1 33  ? 1.512   -7.772  2.345   1.00 7.36  ? 33  VAL A CB  1 
ATOM   268 C  CG1 . VAL A 1 33  ? 2.540   -6.629  2.264   1.00 5.91  ? 33  VAL A CG1 1 
ATOM   269 C  CG2 . VAL A 1 33  ? 1.065   -8.297  1.002   1.00 8.37  ? 33  VAL A CG2 1 
ATOM   270 N  N   . GLY A 1 34  ? 4.352   -9.185  3.973   1.00 8.46  ? 34  GLY A N   1 
ATOM   271 C  CA  . GLY A 1 34  ? 5.766   -9.532  3.918   1.00 9.68  ? 34  GLY A CA  1 
ATOM   272 C  C   . GLY A 1 34  ? 6.617   -8.429  3.291   1.00 11.33 ? 34  GLY A C   1 
ATOM   273 O  O   . GLY A 1 34  ? 7.729   -8.690  2.802   1.00 12.41 ? 34  GLY A O   1 
ATOM   274 N  N   . LEU A 1 35  ? 6.169   -7.165  3.293   1.00 12.52 ? 35  LEU A N   1 
ATOM   275 C  CA  . LEU A 1 35  ? 6.933   -6.082  2.678   1.00 14.09 ? 35  LEU A CA  1 
ATOM   276 C  C   . LEU A 1 35  ? 8.027   -5.561  3.598   1.00 15.39 ? 35  LEU A C   1 
ATOM   277 O  O   . LEU A 1 35  ? 9.031   -4.980  3.153   1.00 14.01 ? 35  LEU A O   1 
ATOM   278 C  CB  . LEU A 1 35  ? 5.956   -4.987  2.277   1.00 14.52 ? 35  LEU A CB  1 
ATOM   279 C  CG  . LEU A 1 35  ? 6.388   -3.911  1.292   1.00 15.39 ? 35  LEU A CG  1 
ATOM   280 C  CD1 . LEU A 1 35  ? 7.154   -4.492  0.095   1.00 14.57 ? 35  LEU A CD1 1 
ATOM   281 C  CD2 . LEU A 1 35  ? 5.125   -3.162  0.891   1.00 15.67 ? 35  LEU A CD2 1 
ATOM   282 N  N   . LYS A 1 36  ? 7.867   -5.822  4.893   1.00 17.65 ? 36  LYS A N   1 
ATOM   283 C  CA  . LYS A 1 36  ? 8.943   -5.521  5.824   1.00 20.67 ? 36  LYS A CA  1 
ATOM   284 C  C   . LYS A 1 36  ? 10.146  -6.427  5.588   1.00 21.13 ? 36  LYS A C   1 
ATOM   285 O  O   . LYS A 1 36  ? 10.034  -7.629  5.332   1.00 22.27 ? 36  LYS A O   1 
ATOM   286 C  CB  . LYS A 1 36  ? 8.470   -5.687  7.264   1.00 21.93 ? 36  LYS A CB  1 
ATOM   287 C  CG  . LYS A 1 36  ? 7.499   -4.564  7.602   1.00 23.18 ? 36  LYS A CG  1 
ATOM   288 C  CD  . LYS A 1 36  ? 7.869   -3.818  8.872   1.00 24.35 ? 36  LYS A CD  1 
ATOM   289 C  CE  . LYS A 1 36  ? 9.110   -2.922  8.790   1.00 25.04 ? 36  LYS A CE  1 
ATOM   290 N  NZ  . LYS A 1 36  ? 9.071   -1.864  9.789   1.00 25.64 ? 36  LYS A NZ  1 
ATOM   291 N  N   . GLY A 1 37  ? 11.318  -5.802  5.613   1.00 21.63 ? 37  GLY A N   1 
ATOM   292 C  CA  . GLY A 1 37  ? 12.555  -6.542  5.436   1.00 21.66 ? 37  GLY A CA  1 
ATOM   293 C  C   . GLY A 1 37  ? 12.906  -6.756  3.972   1.00 20.83 ? 37  GLY A C   1 
ATOM   294 O  O   . GLY A 1 37  ? 13.651  -7.686  3.631   1.00 23.02 ? 37  GLY A O   1 
ATOM   295 N  N   . LYS A 1 38  ? 12.300  -5.983  3.083   1.00 18.43 ? 38  LYS A N   1 
ATOM   296 C  CA  . LYS A 1 38  ? 12.649  -6.068  1.694   1.00 16.19 ? 38  LYS A CA  1 
ATOM   297 C  C   . LYS A 1 38  ? 13.555  -4.892  1.410   1.00 15.10 ? 38  LYS A C   1 
ATOM   298 O  O   . LYS A 1 38  ? 13.535  -3.894  2.137   1.00 14.99 ? 38  LYS A O   1 
ATOM   299 C  CB  . LYS A 1 38  ? 11.418  -5.980  0.835   1.00 17.29 ? 38  LYS A CB  1 
ATOM   300 C  CG  . LYS A 1 38  ? 10.538  -7.229  0.913   1.00 18.70 ? 38  LYS A CG  1 
ATOM   301 C  CD  . LYS A 1 38  ? 11.238  -8.468  0.384   1.00 19.43 ? 38  LYS A CD  1 
ATOM   302 C  CE  . LYS A 1 38  ? 10.306  -9.673  0.341   1.00 20.38 ? 38  LYS A CE  1 
ATOM   303 N  NZ  . LYS A 1 38  ? 9.927   -10.051 1.680   1.00 20.87 ? 38  LYS A NZ  1 
ATOM   304 N  N   . THR A 1 39  ? 14.358  -4.980  0.361   1.00 13.30 ? 39  THR A N   1 
ATOM   305 C  CA  . THR A 1 39  ? 15.297  -3.909  0.043   1.00 11.48 ? 39  THR A CA  1 
ATOM   306 C  C   . THR A 1 39  ? 14.552  -2.670  -0.411  1.00 11.00 ? 39  THR A C   1 
ATOM   307 O  O   . THR A 1 39  ? 13.391  -2.741  -0.845  1.00 9.95  ? 39  THR A O   1 
ATOM   308 C  CB  . THR A 1 39  ? 16.278  -4.349  -1.090  1.00 11.32 ? 39  THR A CB  1 
ATOM   309 O  OG1 . THR A 1 39  ? 15.517  -4.402  -2.304  1.00 10.74 ? 39  THR A OG1 1 
ATOM   310 C  CG2 . THR A 1 39  ? 16.955  -5.694  -0.802  1.00 11.16 ? 39  THR A CG2 1 
ATOM   311 N  N   . ASP A 1 40  ? 15.260  -1.536  -0.450  1.00 11.00 ? 40  ASP A N   1 
ATOM   312 C  CA  . ASP A 1 40  ? 14.684  -0.295  -0.935  1.00 10.25 ? 40  ASP A CA  1 
ATOM   313 C  C   . ASP A 1 40  ? 14.238  -0.435  -2.392  1.00 8.80  ? 40  ASP A C   1 
ATOM   314 O  O   . ASP A 1 40  ? 13.167  0.010   -2.830  1.00 8.50  ? 40  ASP A O   1 
ATOM   315 C  CB  . ASP A 1 40  ? 15.737  0.795   -0.770  1.00 13.20 ? 40  ASP A CB  1 
ATOM   316 C  CG  . ASP A 1 40  ? 15.123  2.170   -0.917  1.00 15.96 ? 40  ASP A CG  1 
ATOM   317 O  OD1 . ASP A 1 40  ? 14.301  2.571   -0.074  1.00 17.64 ? 40  ASP A OD1 1 
ATOM   318 O  OD2 . ASP A 1 40  ? 15.473  2.857   -1.873  1.00 17.77 ? 40  ASP A OD2 1 
ATOM   319 N  N   . ALA A 1 41  ? 15.021  -1.170  -3.186  1.00 7.75  ? 41  ALA A N   1 
ATOM   320 C  CA  . ALA A 1 41  ? 14.668  -1.354  -4.580  1.00 6.92  ? 41  ALA A CA  1 
ATOM   321 C  C   . ALA A 1 41  ? 13.471  -2.287  -4.747  1.00 6.71  ? 41  ALA A C   1 
ATOM   322 O  O   . ALA A 1 41  ? 12.711  -2.116  -5.696  1.00 7.29  ? 41  ALA A O   1 
ATOM   323 C  CB  . ALA A 1 41  ? 15.849  -1.923  -5.358  1.00 6.87  ? 41  ALA A CB  1 
ATOM   324 N  N   . GLN A 1 42  ? 13.245  -3.257  -3.858  1.00 6.45  ? 42  GLN A N   1 
ATOM   325 C  CA  . GLN A 1 42  ? 12.044  -4.095  -3.910  1.00 6.47  ? 42  GLN A CA  1 
ATOM   326 C  C   . GLN A 1 42  ? 10.814  -3.281  -3.476  1.00 6.42  ? 42  GLN A C   1 
ATOM   327 O  O   . GLN A 1 42  ? 9.741   -3.383  -4.082  1.00 5.29  ? 42  GLN A O   1 
ATOM   328 C  CB  . GLN A 1 42  ? 12.174  -5.288  -2.981  1.00 7.43  ? 42  GLN A CB  1 
ATOM   329 C  CG  . GLN A 1 42  ? 13.139  -6.305  -3.522  1.00 7.99  ? 42  GLN A CG  1 
ATOM   330 C  CD  . GLN A 1 42  ? 13.330  -7.436  -2.543  1.00 9.46  ? 42  GLN A CD  1 
ATOM   331 O  OE1 . GLN A 1 42  ? 13.763  -7.220  -1.418  1.00 10.65 ? 42  GLN A OE1 1 
ATOM   332 N  NE2 . GLN A 1 42  ? 13.027  -8.670  -2.868  1.00 9.21  ? 42  GLN A NE2 1 
ATOM   333 N  N   . VAL A 1 43  ? 10.936  -2.428  -2.448  1.00 6.62  ? 43  VAL A N   1 
ATOM   334 C  CA  . VAL A 1 43  ? 9.811   -1.600  -2.013  1.00 7.48  ? 43  VAL A CA  1 
ATOM   335 C  C   . VAL A 1 43  ? 9.412   -0.659  -3.127  1.00 7.57  ? 43  VAL A C   1 
ATOM   336 O  O   . VAL A 1 43  ? 8.220   -0.459  -3.378  1.00 6.56  ? 43  VAL A O   1 
ATOM   337 C  CB  . VAL A 1 43  ? 10.231  -0.826  -0.741  1.00 8.39  ? 43  VAL A CB  1 
ATOM   338 C  CG1 . VAL A 1 43  ? 9.196   0.193   -0.320  1.00 8.67  ? 43  VAL A CG1 1 
ATOM   339 C  CG2 . VAL A 1 43  ? 10.395  -1.825  0.374   1.00 9.17  ? 43  VAL A CG2 1 
ATOM   340 N  N   . LYS A 1 44  ? 10.374  -0.096  -3.875  1.00 8.88  ? 44  LYS A N   1 
ATOM   341 C  CA  . LYS A 1 44  ? 10.031  0.841   -4.939  1.00 10.74 ? 44  LYS A CA  1 
ATOM   342 C  C   . LYS A 1 44  ? 9.427   0.141   -6.149  1.00 10.61 ? 44  LYS A C   1 
ATOM   343 O  O   . LYS A 1 44  ? 8.536   0.688   -6.795  1.00 11.01 ? 44  LYS A O   1 
ATOM   344 C  CB  . LYS A 1 44  ? 11.294  1.661   -5.242  1.00 12.18 ? 44  LYS A CB  1 
ATOM   345 C  CG  . LYS A 1 44  ? 11.488  2.530   -3.955  1.00 14.37 ? 44  LYS A CG  1 
ATOM   346 C  CD  . LYS A 1 44  ? 12.721  3.446   -3.886  1.00 15.57 ? 44  LYS A CD  1 
ATOM   347 C  CE  . LYS A 1 44  ? 12.510  4.913   -4.274  0.00 15.23 ? 44  LYS A CE  1 
ATOM   348 N  NZ  . LYS A 1 44  ? 12.599  5.829   -3.144  0.00 15.28 ? 44  LYS A NZ  1 
ATOM   349 N  N   . GLU A 1 45  ? 9.729   -1.155  -6.338  1.00 10.97 ? 45  GLU A N   1 
ATOM   350 C  CA  . GLU A 1 45  ? 9.060   -1.978  -7.332  1.00 10.49 ? 45  GLU A CA  1 
ATOM   351 C  C   . GLU A 1 45  ? 7.561   -2.073  -6.967  1.00 9.25  ? 45  GLU A C   1 
ATOM   352 O  O   . GLU A 1 45  ? 6.657   -1.925  -7.801  1.00 8.82  ? 45  GLU A O   1 
ATOM   353 C  CB  . GLU A 1 45  ? 9.726   -3.342  -7.298  1.00 12.26 ? 45  GLU A CB  1 
ATOM   354 C  CG  . GLU A 1 45  ? 9.342   -4.253  -8.425  1.00 14.66 ? 45  GLU A CG  1 
ATOM   355 C  CD  . GLU A 1 45  ? 9.839   -3.895  -9.830  1.00 16.03 ? 45  GLU A CD  1 
ATOM   356 O  OE1 . GLU A 1 45  ? 10.857  -3.196  -9.995  1.00 15.12 ? 45  GLU A OE1 1 
ATOM   357 O  OE2 . GLU A 1 45  ? 9.208   -4.407  -10.779 1.00 17.46 ? 45  GLU A OE2 1 
ATOM   358 N  N   . VAL A 1 46  ? 7.218   -2.308  -5.684  1.00 8.01  ? 46  VAL A N   1 
ATOM   359 C  CA  . VAL A 1 46  ? 5.814   -2.345  -5.268  1.00 6.32  ? 46  VAL A CA  1 
ATOM   360 C  C   . VAL A 1 46  ? 5.186   -0.980  -5.475  1.00 6.78  ? 46  VAL A C   1 
ATOM   361 O  O   . VAL A 1 46  ? 4.056   -0.875  -5.980  1.00 6.74  ? 46  VAL A O   1 
ATOM   362 C  CB  . VAL A 1 46  ? 5.712   -2.779  -3.789  1.00 7.43  ? 46  VAL A CB  1 
ATOM   363 C  CG1 . VAL A 1 46  ? 4.270   -2.746  -3.272  1.00 7.03  ? 46  VAL A CG1 1 
ATOM   364 C  CG2 . VAL A 1 46  ? 6.139   -4.242  -3.690  1.00 7.48  ? 46  VAL A CG2 1 
ATOM   365 N  N   . PHE A 1 47  ? 5.917   0.088   -5.149  1.00 6.88  ? 47  PHE A N   1 
ATOM   366 C  CA  . PHE A 1 47  ? 5.406   1.435   -5.314  1.00 7.70  ? 47  PHE A CA  1 
ATOM   367 C  C   . PHE A 1 47  ? 5.010   1.637   -6.769  1.00 8.60  ? 47  PHE A C   1 
ATOM   368 O  O   . PHE A 1 47  ? 3.899   2.100   -7.028  1.00 8.22  ? 47  PHE A O   1 
ATOM   369 C  CB  . PHE A 1 47  ? 6.470   2.475   -4.913  1.00 7.61  ? 47  PHE A CB  1 
ATOM   370 C  CG  . PHE A 1 47  ? 6.044   3.906   -5.197  1.00 8.46  ? 47  PHE A CG  1 
ATOM   371 C  CD1 . PHE A 1 47  ? 5.271   4.574   -4.274  1.00 9.12  ? 47  PHE A CD1 1 
ATOM   372 C  CD2 . PHE A 1 47  ? 6.374   4.519   -6.406  1.00 9.26  ? 47  PHE A CD2 1 
ATOM   373 C  CE1 . PHE A 1 47  ? 4.825   5.859   -4.562  1.00 10.22 ? 47  PHE A CE1 1 
ATOM   374 C  CE2 . PHE A 1 47  ? 5.922   5.796   -6.684  1.00 10.40 ? 47  PHE A CE2 1 
ATOM   375 C  CZ  . PHE A 1 47  ? 5.141   6.474   -5.765  1.00 10.61 ? 47  PHE A CZ  1 
ATOM   376 N  N   . GLU A 1 48  ? 5.862   1.241   -7.719  1.00 10.35 ? 48  GLU A N   1 
ATOM   377 C  CA  . GLU A 1 48  ? 5.560   1.395   -9.127  1.00 12.90 ? 48  GLU A CA  1 
ATOM   378 C  C   . GLU A 1 48  ? 4.304   0.650   -9.553  1.00 12.01 ? 48  GLU A C   1 
ATOM   379 O  O   . GLU A 1 48  ? 3.562   1.157   -10.382 1.00 11.79 ? 48  GLU A O   1 
ATOM   380 C  CB  . GLU A 1 48  ? 6.771   0.919   -9.918  1.00 16.75 ? 48  GLU A CB  1 
ATOM   381 C  CG  . GLU A 1 48  ? 7.891   1.924   -9.668  1.00 21.38 ? 48  GLU A CG  1 
ATOM   382 C  CD  . GLU A 1 48  ? 9.265   1.672   -10.308 1.00 24.60 ? 48  GLU A CD  1 
ATOM   383 O  OE1 . GLU A 1 48  ? 9.805   0.557   -10.276 1.00 26.12 ? 48  GLU A OE1 1 
ATOM   384 O  OE2 . GLU A 1 48  ? 9.820   2.650   -10.820 1.00 27.03 ? 48  GLU A OE2 1 
ATOM   385 N  N   . ILE A 1 49  ? 3.972   -0.531  -9.026  1.00 11.24 ? 49  ILE A N   1 
ATOM   386 C  CA  . ILE A 1 49  ? 2.702   -1.168  -9.388  1.00 11.57 ? 49  ILE A CA  1 
ATOM   387 C  C   . ILE A 1 49  ? 1.507   -0.371  -8.847  1.00 10.59 ? 49  ILE A C   1 
ATOM   388 O  O   . ILE A 1 49  ? 0.452   -0.273  -9.477  1.00 11.13 ? 49  ILE A O   1 
ATOM   389 C  CB  . ILE A 1 49  ? 2.703   -2.624  -8.841  1.00 12.99 ? 49  ILE A CB  1 
ATOM   390 C  CG1 . ILE A 1 49  ? 3.814   -3.391  -9.546  1.00 14.09 ? 49  ILE A CG1 1 
ATOM   391 C  CG2 . ILE A 1 49  ? 1.365   -3.328  -9.075  1.00 13.17 ? 49  ILE A CG2 1 
ATOM   392 C  CD1 . ILE A 1 49  ? 4.162   -4.752  -8.922  1.00 15.29 ? 49  ILE A CD1 1 
ATOM   393 N  N   . LEU A 1 50  ? 1.610   0.221   -7.656  1.00 9.26  ? 50  LEU A N   1 
ATOM   394 C  CA  . LEU A 1 50  ? 0.489   0.964   -7.086  1.00 8.82  ? 50  LEU A CA  1 
ATOM   395 C  C   . LEU A 1 50  ? 0.218   2.307   -7.770  1.00 8.56  ? 50  LEU A C   1 
ATOM   396 O  O   . LEU A 1 50  ? -0.903  2.817   -7.787  1.00 8.24  ? 50  LEU A O   1 
ATOM   397 C  CB  . LEU A 1 50  ? 0.746   1.173   -5.587  1.00 8.41  ? 50  LEU A CB  1 
ATOM   398 C  CG  . LEU A 1 50  ? 0.823   -0.131  -4.781  1.00 8.52  ? 50  LEU A CG  1 
ATOM   399 C  CD1 . LEU A 1 50  ? 1.168   0.224   -3.340  1.00 8.53  ? 50  LEU A CD1 1 
ATOM   400 C  CD2 . LEU A 1 50  ? -0.500  -0.921  -4.912  1.00 8.63  ? 50  LEU A CD2 1 
ATOM   401 N  N   . ASP A 1 51  ? 1.267   2.901   -8.324  1.00 8.99  ? 51  ASP A N   1 
ATOM   402 C  CA  . ASP A 1 51  ? 1.149   4.134   -9.080  1.00 9.30  ? 51  ASP A CA  1 
ATOM   403 C  C   . ASP A 1 51  ? 0.618   3.779   -10.493 1.00 9.81  ? 51  ASP A C   1 
ATOM   404 O  O   . ASP A 1 51  ? 1.315   3.768   -11.508 1.00 9.33  ? 51  ASP A O   1 
ATOM   405 C  CB  . ASP A 1 51  ? 2.549   4.790   -9.122  1.00 8.47  ? 51  ASP A CB  1 
ATOM   406 C  CG  . ASP A 1 51  ? 2.608   6.031   -9.984  1.00 8.73  ? 51  ASP A CG  1 
ATOM   407 O  OD1 . ASP A 1 51  ? 1.581   6.599   -10.341 1.00 8.97  ? 51  ASP A OD1 1 
ATOM   408 O  OD2 . ASP A 1 51  ? 3.684   6.465   -10.352 1.00 9.05  ? 51  ASP A OD2 1 
ATOM   409 N  N   . LYS A 1 52  ? -0.693  3.573   -10.546 1.00 11.58 ? 52  LYS A N   1 
ATOM   410 C  CA  . LYS A 1 52  ? -1.352  3.085   -11.757 1.00 13.38 ? 52  LYS A CA  1 
ATOM   411 C  C   . LYS A 1 52  ? -1.154  3.951   -12.994 1.00 13.33 ? 52  LYS A C   1 
ATOM   412 O  O   . LYS A 1 52  ? -0.873  3.420   -14.075 1.00 13.57 ? 52  LYS A O   1 
ATOM   413 C  CB  . LYS A 1 52  ? -2.855  2.930   -11.503 1.00 15.51 ? 52  LYS A CB  1 
ATOM   414 C  CG  . LYS A 1 52  ? -3.173  1.845   -10.496 1.00 17.99 ? 52  LYS A CG  1 
ATOM   415 C  CD  . LYS A 1 52  ? -4.681  1.695   -10.213 1.00 19.75 ? 52  LYS A CD  1 
ATOM   416 C  CE  . LYS A 1 52  ? -5.384  2.755   -9.336  1.00 20.41 ? 52  LYS A CE  1 
ATOM   417 N  NZ  . LYS A 1 52  ? -5.918  3.910   -10.051 0.00 20.22 ? 52  LYS A NZ  1 
ATOM   418 N  N   . ASP A 1 53  ? -1.288  5.280   -12.864 1.00 12.61 ? 53  ASP A N   1 
ATOM   419 C  CA  . ASP A 1 53  ? -1.151  6.158   -14.032 1.00 12.63 ? 53  ASP A CA  1 
ATOM   420 C  C   . ASP A 1 53  ? 0.295   6.586   -14.279 1.00 13.12 ? 53  ASP A C   1 
ATOM   421 O  O   . ASP A 1 53  ? 0.590   7.451   -15.106 1.00 14.50 ? 53  ASP A O   1 
ATOM   422 C  CB  . ASP A 1 53  ? -2.050  7.397   -13.858 1.00 12.00 ? 53  ASP A CB  1 
ATOM   423 C  CG  . ASP A 1 53  ? -1.639  8.340   -12.738 1.00 12.24 ? 53  ASP A CG  1 
ATOM   424 O  OD1 . ASP A 1 53  ? -0.643  8.082   -12.074 1.00 10.55 ? 53  ASP A OD1 1 
ATOM   425 O  OD2 . ASP A 1 53  ? -2.305  9.329   -12.488 1.00 13.30 ? 53  ASP A OD2 1 
ATOM   426 N  N   . GLN A 1 54  ? 1.251   6.042   -13.513 1.00 12.81 ? 54  GLN A N   1 
ATOM   427 C  CA  . GLN A 1 54  ? 2.672   6.297   -13.681 1.00 13.28 ? 54  GLN A CA  1 
ATOM   428 C  C   . GLN A 1 54  ? 3.037   7.768   -13.516 1.00 12.35 ? 54  GLN A C   1 
ATOM   429 O  O   . GLN A 1 54  ? 4.073   8.223   -14.017 1.00 11.90 ? 54  GLN A O   1 
ATOM   430 C  CB  . GLN A 1 54  ? 3.146   5.775   -15.077 1.00 16.18 ? 54  GLN A CB  1 
ATOM   431 C  CG  . GLN A 1 54  ? 2.661   4.353   -15.502 1.00 19.36 ? 54  GLN A CG  1 
ATOM   432 C  CD  . GLN A 1 54  ? 1.941   4.285   -16.882 1.00 22.12 ? 54  GLN A CD  1 
ATOM   433 O  OE1 . GLN A 1 54  ? 0.711   4.183   -17.026 1.00 23.16 ? 54  GLN A OE1 1 
ATOM   434 N  NE2 . GLN A 1 54  ? 2.637   4.343   -18.018 1.00 22.41 ? 54  GLN A NE2 1 
ATOM   435 N  N   . SER A 1 55  ? 2.274   8.514   -12.708 1.00 11.43 ? 55  SER A N   1 
ATOM   436 C  CA  . SER A 1 55  ? 2.580   9.923   -12.424 1.00 10.09 ? 55  SER A CA  1 
ATOM   437 C  C   . SER A 1 55  ? 3.815   10.172  -11.543 1.00 10.30 ? 55  SER A C   1 
ATOM   438 O  O   . SER A 1 55  ? 4.333   11.286  -11.452 1.00 10.46 ? 55  SER A O   1 
ATOM   439 C  CB  . SER A 1 55  ? 1.378   10.588  -11.748 1.00 9.51  ? 55  SER A CB  1 
ATOM   440 O  OG  . SER A 1 55  ? 1.150   9.973   -10.477 1.00 8.63  ? 55  SER A OG  1 
ATOM   441 N  N   . GLY A 1 56  ? 4.318   9.163   -10.836 1.00 9.48  ? 56  GLY A N   1 
ATOM   442 C  CA  . GLY A 1 56  ? 5.423   9.295   -9.917  1.00 8.47  ? 56  GLY A CA  1 
ATOM   443 C  C   . GLY A 1 56  ? 4.891   9.434   -8.490  1.00 7.91  ? 56  GLY A C   1 
ATOM   444 O  O   . GLY A 1 56  ? 5.675   9.489   -7.545  1.00 8.54  ? 56  GLY A O   1 
ATOM   445 N  N   . PHE A 1 57  ? 3.573   9.488   -8.277  1.00 7.70  ? 57  PHE A N   1 
ATOM   446 C  CA  . PHE A 1 57  ? 2.974   9.639   -6.952  1.00 7.95  ? 57  PHE A CA  1 
ATOM   447 C  C   . PHE A 1 57  ? 1.770   8.731   -6.823  1.00 7.57  ? 57  PHE A C   1 
ATOM   448 O  O   . PHE A 1 57  ? 1.144   8.426   -7.847  1.00 7.12  ? 57  PHE A O   1 
ATOM   449 C  CB  . PHE A 1 57  ? 2.436   11.024  -6.700  1.00 8.56  ? 57  PHE A CB  1 
ATOM   450 C  CG  . PHE A 1 57  ? 3.483   12.083  -6.839  1.00 10.30 ? 57  PHE A CG  1 
ATOM   451 C  CD1 . PHE A 1 57  ? 4.269   12.397  -5.737  1.00 10.35 ? 57  PHE A CD1 1 
ATOM   452 C  CD2 . PHE A 1 57  ? 3.628   12.725  -8.054  1.00 11.08 ? 57  PHE A CD2 1 
ATOM   453 C  CE1 . PHE A 1 57  ? 5.243   13.361  -5.861  1.00 11.77 ? 57  PHE A CE1 1 
ATOM   454 C  CE2 . PHE A 1 57  ? 4.609   13.687  -8.164  1.00 11.98 ? 57  PHE A CE2 1 
ATOM   455 C  CZ  . PHE A 1 57  ? 5.397   14.005  -7.071  1.00 11.96 ? 57  PHE A CZ  1 
ATOM   456 N  N   . ILE A 1 58  ? 1.416   8.296   -5.622  1.00 6.63  ? 58  ILE A N   1 
ATOM   457 C  CA  . ILE A 1 58  ? 0.169   7.603   -5.396  1.00 6.64  ? 58  ILE A CA  1 
ATOM   458 C  C   . ILE A 1 58  ? -0.792  8.686   -4.932  1.00 7.22  ? 58  ILE A C   1 
ATOM   459 O  O   . ILE A 1 58  ? -0.682  9.245   -3.816  1.00 7.24  ? 58  ILE A O   1 
ATOM   460 C  CB  . ILE A 1 58  ? 0.331   6.505   -4.324  1.00 6.98  ? 58  ILE A CB  1 
ATOM   461 C  CG1 . ILE A 1 58  ? 1.362   5.478   -4.768  1.00 7.23  ? 58  ILE A CG1 1 
ATOM   462 C  CG2 . ILE A 1 58  ? -1.019  5.812   -4.117  1.00 7.51  ? 58  ILE A CG2 1 
ATOM   463 C  CD1 . ILE A 1 58  ? 1.702   4.368   -3.725  1.00 8.69  ? 58  ILE A CD1 1 
ATOM   464 N  N   . GLU A 1 59  ? -1.671  9.093   -5.846  1.00 7.32  ? 59  GLU A N   1 
ATOM   465 C  CA  . GLU A 1 59  ? -2.675  10.074  -5.515  1.00 8.98  ? 59  GLU A CA  1 
ATOM   466 C  C   . GLU A 1 59  ? -3.759  9.396   -4.691  1.00 10.83 ? 59  GLU A C   1 
ATOM   467 O  O   . GLU A 1 59  ? -3.854  8.164   -4.604  1.00 10.01 ? 59  GLU A O   1 
ATOM   468 C  CB  . GLU A 1 59  ? -3.307  10.671  -6.761  1.00 9.06  ? 59  GLU A CB  1 
ATOM   469 C  CG  . GLU A 1 59  ? -2.369  11.587  -7.539  1.00 9.29  ? 59  GLU A CG  1 
ATOM   470 C  CD  . GLU A 1 59  ? -1.386  10.875  -8.425  1.00 9.82  ? 59  GLU A CD  1 
ATOM   471 O  OE1 . GLU A 1 59  ? -1.617  9.759   -8.846  1.00 9.78  ? 59  GLU A OE1 1 
ATOM   472 O  OE2 . GLU A 1 59  ? -0.322  11.391  -8.685  1.00 10.81 ? 59  GLU A OE2 1 
ATOM   473 N  N   . GLU A 1 60  ? -4.666  10.197  -4.127  1.00 13.33 ? 60  GLU A N   1 
ATOM   474 C  CA  . GLU A 1 60  ? -5.729  9.700   -3.272  1.00 15.84 ? 60  GLU A CA  1 
ATOM   475 C  C   . GLU A 1 60  ? -6.611  8.649   -3.955  1.00 15.65 ? 60  GLU A C   1 
ATOM   476 O  O   . GLU A 1 60  ? -6.947  7.613   -3.389  1.00 15.23 ? 60  GLU A O   1 
ATOM   477 C  CB  . GLU A 1 60  ? -6.556  10.875  -2.831  1.00 18.93 ? 60  GLU A CB  1 
ATOM   478 C  CG  . GLU A 1 60  ? -6.766  10.694  -1.349  1.00 23.48 ? 60  GLU A CG  1 
ATOM   479 C  CD  . GLU A 1 60  ? -7.783  11.650  -0.743  1.00 26.28 ? 60  GLU A CD  1 
ATOM   480 O  OE1 . GLU A 1 60  ? -7.465  12.820  -0.544  1.00 27.75 ? 60  GLU A OE1 1 
ATOM   481 O  OE2 . GLU A 1 60  ? -8.901  11.215  -0.464  1.00 28.15 ? 60  GLU A OE2 1 
ATOM   482 N  N   . GLU A 1 61  ? -6.876  8.860   -5.246  1.00 15.07 ? 61  GLU A N   1 
ATOM   483 C  CA  . GLU A 1 61  ? -7.670  7.948   -6.043  1.00 15.34 ? 61  GLU A CA  1 
ATOM   484 C  C   . GLU A 1 61  ? -6.995  6.587   -6.092  1.00 14.34 ? 61  GLU A C   1 
ATOM   485 O  O   . GLU A 1 61  ? -7.661  5.556   -5.979  1.00 15.37 ? 61  GLU A O   1 
ATOM   486 C  CB  . GLU A 1 61  ? -7.829  8.512   -7.463  1.00 16.07 ? 61  GLU A CB  1 
ATOM   487 C  CG  . GLU A 1 61  ? -8.866  7.721   -8.236  1.00 17.38 ? 61  GLU A CG  1 
ATOM   488 C  CD  . GLU A 1 61  ? -8.686  7.714   -9.738  0.00 17.07 ? 61  GLU A CD  1 
ATOM   489 O  OE1 . GLU A 1 61  ? -9.060  8.700   -10.377 0.00 17.15 ? 61  GLU A OE1 1 
ATOM   490 O  OE2 . GLU A 1 61  ? -8.215  6.685   -10.240 0.00 17.15 ? 61  GLU A OE2 1 
ATOM   491 N  N   . GLU A 1 62  ? -5.680  6.523   -6.256  1.00 12.76 ? 62  GLU A N   1 
ATOM   492 C  CA  . GLU A 1 62  ? -4.963  5.262   -6.266  1.00 11.39 ? 62  GLU A CA  1 
ATOM   493 C  C   . GLU A 1 62  ? -4.788  4.685   -4.870  1.00 11.18 ? 62  GLU A C   1 
ATOM   494 O  O   . GLU A 1 62  ? -4.687  3.466   -4.724  1.00 10.84 ? 62  GLU A O   1 
ATOM   495 C  CB  . GLU A 1 62  ? -3.583  5.416   -6.867  1.00 10.57 ? 62  GLU A CB  1 
ATOM   496 C  CG  . GLU A 1 62  ? -3.675  5.885   -8.295  1.00 9.93  ? 62  GLU A CG  1 
ATOM   497 C  CD  . GLU A 1 62  ? -2.342  6.311   -8.856  1.00 10.00 ? 62  GLU A CD  1 
ATOM   498 O  OE1 . GLU A 1 62  ? -1.414  6.643   -8.135  1.00 8.35  ? 62  GLU A OE1 1 
ATOM   499 O  OE2 . GLU A 1 62  ? -2.187  6.368   -10.064 1.00 10.23 ? 62  GLU A OE2 1 
ATOM   500 N  N   . LEU A 1 63  ? -4.719  5.510   -3.821  1.00 10.76 ? 63  LEU A N   1 
ATOM   501 C  CA  . LEU A 1 63  ? -4.639  5.003   -2.452  1.00 10.42 ? 63  LEU A CA  1 
ATOM   502 C  C   . LEU A 1 63  ? -5.902  4.220   -2.112  1.00 9.73  ? 63  LEU A C   1 
ATOM   503 O  O   . LEU A 1 63  ? -5.837  3.196   -1.426  1.00 9.32  ? 63  LEU A O   1 
ATOM   504 C  CB  . LEU A 1 63  ? -4.499  6.148   -1.437  1.00 11.29 ? 63  LEU A CB  1 
ATOM   505 C  CG  . LEU A 1 63  ? -3.126  6.701   -1.188  1.00 11.89 ? 63  LEU A CG  1 
ATOM   506 C  CD1 . LEU A 1 63  ? -3.281  7.850   -0.210  1.00 13.13 ? 63  LEU A CD1 1 
ATOM   507 C  CD2 . LEU A 1 63  ? -2.193  5.632   -0.619  1.00 12.08 ? 63  LEU A CD2 1 
ATOM   508 N  N   . LYS A 1 64  ? -7.041  4.688   -2.642  1.00 9.41  ? 64  LYS A N   1 
ATOM   509 C  CA  . LYS A 1 64  ? -8.317  4.017   -2.460  1.00 10.32 ? 64  LYS A CA  1 
ATOM   510 C  C   . LYS A 1 64  ? -8.254  2.609   -3.050  1.00 9.64  ? 64  LYS A C   1 
ATOM   511 O  O   . LYS A 1 64  ? -8.853  1.668   -2.523  1.00 9.22  ? 64  LYS A O   1 
ATOM   512 C  CB  . LYS A 1 64  ? -9.372  4.869   -3.146  1.00 12.75 ? 64  LYS A CB  1 
ATOM   513 C  CG  . LYS A 1 64  ? -10.795 4.361   -3.060  1.00 15.79 ? 64  LYS A CG  1 
ATOM   514 C  CD  . LYS A 1 64  ? -11.750 5.413   -3.630  1.00 17.69 ? 64  LYS A CD  1 
ATOM   515 C  CE  . LYS A 1 64  ? -13.213 5.064   -3.299  1.00 18.86 ? 64  LYS A CE  1 
ATOM   516 N  NZ  . LYS A 1 64  ? -13.657 5.633   -2.037  0.00 18.50 ? 64  LYS A NZ  1 
ATOM   517 N  N   . GLY A 1 65  ? -7.477  2.413   -4.105  1.00 9.00  ? 65  GLY A N   1 
ATOM   518 C  CA  . GLY A 1 65  ? -7.400  1.116   -4.754  1.00 9.56  ? 65  GLY A CA  1 
ATOM   519 C  C   . GLY A 1 65  ? -6.171  0.320   -4.337  1.00 9.33  ? 65  GLY A C   1 
ATOM   520 O  O   . GLY A 1 65  ? -5.829  -0.666  -5.002  1.00 9.83  ? 65  GLY A O   1 
ATOM   521 N  N   . VAL A 1 66  ? -5.525  0.621   -3.210  1.00 8.20  ? 66  VAL A N   1 
ATOM   522 C  CA  . VAL A 1 66  ? -4.294  -0.048  -2.837  1.00 8.87  ? 66  VAL A CA  1 
ATOM   523 C  C   . VAL A 1 66  ? -4.442  -1.572  -2.711  1.00 8.40  ? 66  VAL A C   1 
ATOM   524 O  O   . VAL A 1 66  ? -3.606  -2.311  -3.233  1.00 8.28  ? 66  VAL A O   1 
ATOM   525 C  CB  . VAL A 1 66  ? -3.777  0.628   -1.522  1.00 9.89  ? 66  VAL A CB  1 
ATOM   526 C  CG1 . VAL A 1 66  ? -4.672  0.342   -0.322  1.00 11.28 ? 66  VAL A CG1 1 
ATOM   527 C  CG2 . VAL A 1 66  ? -2.394  0.118   -1.248  1.00 11.18 ? 66  VAL A CG2 1 
ATOM   528 N  N   . LEU A 1 67  ? -5.500  -2.120  -2.099  1.00 8.04  ? 67  LEU A N   1 
ATOM   529 C  CA  . LEU A 1 67  ? -5.654  -3.562  -1.952  1.00 8.52  ? 67  LEU A CA  1 
ATOM   530 C  C   . LEU A 1 67  ? -5.878  -4.238  -3.291  1.00 9.37  ? 67  LEU A C   1 
ATOM   531 O  O   . LEU A 1 67  ? -5.343  -5.335  -3.499  1.00 10.08 ? 67  LEU A O   1 
ATOM   532 C  CB  . LEU A 1 67  ? -6.814  -3.839  -1.008  1.00 9.46  ? 67  LEU A CB  1 
ATOM   533 C  CG  . LEU A 1 67  ? -6.666  -3.386  0.457   1.00 9.92  ? 67  LEU A CG  1 
ATOM   534 C  CD1 . LEU A 1 67  ? -7.996  -3.570  1.176   1.00 10.10 ? 67  LEU A CD1 1 
ATOM   535 C  CD2 . LEU A 1 67  ? -5.595  -4.181  1.151   1.00 10.01 ? 67  LEU A CD2 1 
ATOM   536 N  N   . LYS A 1 68  ? -6.577  -3.599  -4.248  1.00 9.79  ? 68  LYS A N   1 
ATOM   537 C  CA  . LYS A 1 68  ? -6.793  -4.157  -5.573  1.00 10.55 ? 68  LYS A CA  1 
ATOM   538 C  C   . LYS A 1 68  ? -5.495  -4.187  -6.360  1.00 10.71 ? 68  LYS A C   1 
ATOM   539 O  O   . LYS A 1 68  ? -5.362  -4.977  -7.284  1.00 11.03 ? 68  LYS A O   1 
ATOM   540 C  CB  . LYS A 1 68  ? -7.848  -3.352  -6.318  1.00 11.40 ? 68  LYS A CB  1 
ATOM   541 C  CG  . LYS A 1 68  ? -9.213  -3.607  -5.681  1.00 13.38 ? 68  LYS A CG  1 
ATOM   542 C  CD  . LYS A 1 68  ? -10.330 -2.825  -6.362  1.00 16.15 ? 68  LYS A CD  1 
ATOM   543 C  CE  . LYS A 1 68  ? -11.672 -3.181  -5.700  1.00 18.61 ? 68  LYS A CE  1 
ATOM   544 N  NZ  . LYS A 1 68  ? -12.764 -2.252  -5.995  1.00 20.76 ? 68  LYS A NZ  1 
ATOM   545 N  N   . GLY A 1 69  ? -4.472  -3.408  -5.975  1.00 10.58 ? 69  GLY A N   1 
ATOM   546 C  CA  . GLY A 1 69  ? -3.159  -3.501  -6.592  1.00 10.43 ? 69  GLY A CA  1 
ATOM   547 C  C   . GLY A 1 69  ? -2.510  -4.836  -6.239  1.00 10.72 ? 69  GLY A C   1 
ATOM   548 O  O   . GLY A 1 69  ? -1.659  -5.350  -6.968  1.00 12.56 ? 69  GLY A O   1 
ATOM   549 N  N   . PHE A 1 70  ? -2.901  -5.452  -5.113  1.00 9.80  ? 70  PHE A N   1 
ATOM   550 C  CA  . PHE A 1 70  ? -2.317  -6.717  -4.676  1.00 9.04  ? 70  PHE A CA  1 
ATOM   551 C  C   . PHE A 1 70  ? -3.148  -7.878  -5.135  1.00 8.77  ? 70  PHE A C   1 
ATOM   552 O  O   . PHE A 1 70  ? -2.630  -8.957  -5.459  1.00 9.16  ? 70  PHE A O   1 
ATOM   553 C  CB  . PHE A 1 70  ? -2.200  -6.737  -3.150  1.00 8.16  ? 70  PHE A CB  1 
ATOM   554 C  CG  . PHE A 1 70  ? -1.118  -5.788  -2.634  1.00 8.20  ? 70  PHE A CG  1 
ATOM   555 C  CD1 . PHE A 1 70  ? -1.376  -4.442  -2.500  1.00 7.81  ? 70  PHE A CD1 1 
ATOM   556 C  CD2 . PHE A 1 70  ? 0.127   -6.288  -2.316  1.00 8.46  ? 70  PHE A CD2 1 
ATOM   557 C  CE1 . PHE A 1 70  ? -0.394  -3.601  -2.047  1.00 7.25  ? 70  PHE A CE1 1 
ATOM   558 C  CE2 . PHE A 1 70  ? 1.104   -5.433  -1.856  1.00 8.61  ? 70  PHE A CE2 1 
ATOM   559 C  CZ  . PHE A 1 70  ? 0.846   -4.089  -1.728  1.00 7.75  ? 70  PHE A CZ  1 
ATOM   560 N  N   . SER A 1 71  ? -4.463  -7.669  -5.145  1.00 8.70  ? 71  SER A N   1 
ATOM   561 C  CA  . SER A 1 71  ? -5.375  -8.699  -5.575  1.00 8.94  ? 71  SER A CA  1 
ATOM   562 C  C   . SER A 1 71  ? -6.675  -8.085  -6.050  1.00 9.04  ? 71  SER A C   1 
ATOM   563 O  O   . SER A 1 71  ? -7.271  -7.238  -5.395  1.00 9.30  ? 71  SER A O   1 
ATOM   564 C  CB  . SER A 1 71  ? -5.647  -9.655  -4.419  1.00 9.48  ? 71  SER A CB  1 
ATOM   565 O  OG  . SER A 1 71  ? -6.586  -10.648 -4.816  1.00 11.03 ? 71  SER A OG  1 
ATOM   566 N  N   . ALA A 1 72  ? -7.134  -8.621  -7.173  1.00 11.32 ? 72  ALA A N   1 
ATOM   567 C  CA  . ALA A 1 72  ? -8.442  -8.271  -7.710  1.00 11.93 ? 72  ALA A CA  1 
ATOM   568 C  C   . ALA A 1 72  ? -9.554  -8.725  -6.771  1.00 11.73 ? 72  ALA A C   1 
ATOM   569 O  O   . ALA A 1 72  ? -10.691 -8.307  -6.998  1.00 14.10 ? 72  ALA A O   1 
ATOM   570 C  CB  . ALA A 1 72  ? -8.703  -8.941  -9.052  1.00 13.43 ? 72  ALA A CB  1 
ATOM   571 N  N   . HIS A 1 73  ? -9.304  -9.617  -5.784  1.00 10.12 ? 73  HIS A N   1 
ATOM   572 C  CA  . HIS A 1 73  ? -10.343 -9.965  -4.812  1.00 9.33  ? 73  HIS A CA  1 
ATOM   573 C  C   . HIS A 1 73  ? -10.455 -8.937  -3.687  1.00 8.69  ? 73  HIS A C   1 
ATOM   574 O  O   . HIS A 1 73  ? -11.360 -9.035  -2.847  1.00 8.71  ? 73  HIS A O   1 
ATOM   575 C  CB  . HIS A 1 73  ? -10.090 -11.330 -4.167  1.00 9.04  ? 73  HIS A CB  1 
ATOM   576 C  CG  . HIS A 1 73  ? -9.971  -12.460 -5.190  1.00 10.66 ? 73  HIS A CG  1 
ATOM   577 N  ND1 . HIS A 1 73  ? -9.202  -13.539 -5.085  1.00 11.75 ? 73  HIS A ND1 1 
ATOM   578 C  CD2 . HIS A 1 73  ? -10.593 -12.534 -6.413  1.00 11.60 ? 73  HIS A CD2 1 
ATOM   579 C  CE1 . HIS A 1 73  ? -9.311  -14.257 -6.173  1.00 11.61 ? 73  HIS A CE1 1 
ATOM   580 N  NE2 . HIS A 1 73  ? -10.153 -13.643 -6.962  1.00 11.37 ? 73  HIS A NE2 1 
ATOM   581 N  N   . GLY A 1 74  ? -9.537  -7.959  -3.613  1.00 8.28  ? 74  GLY A N   1 
ATOM   582 C  CA  . GLY A 1 74  ? -9.608  -6.960  -2.564  1.00 8.53  ? 74  GLY A CA  1 
ATOM   583 C  C   . GLY A 1 74  ? -10.762 -5.991  -2.799  1.00 8.22  ? 74  GLY A C   1 
ATOM   584 O  O   . GLY A 1 74  ? -11.421 -5.957  -3.839  1.00 9.46  ? 74  GLY A O   1 
ATOM   585 N  N   . ARG A 1 75  ? -11.008 -5.184  -1.794  1.00 8.14  ? 75  ARG A N   1 
ATOM   586 C  CA  . ARG A 1 75  ? -12.041 -4.154  -1.818  1.00 8.08  ? 75  ARG A CA  1 
ATOM   587 C  C   . ARG A 1 75  ? -11.376 -2.780  -1.875  1.00 7.33  ? 75  ARG A C   1 
ATOM   588 O  O   . ARG A 1 75  ? -10.170 -2.670  -1.676  1.00 7.58  ? 75  ARG A O   1 
ATOM   589 C  CB  . ARG A 1 75  ? -12.889 -4.225  -0.546  1.00 7.85  ? 75  ARG A CB  1 
ATOM   590 C  CG  . ARG A 1 75  ? -12.012 -4.042  0.702   1.00 7.56  ? 75  ARG A CG  1 
ATOM   591 C  CD  . ARG A 1 75  ? -12.800 -3.582  1.916   1.00 7.55  ? 75  ARG A CD  1 
ATOM   592 N  NE  . ARG A 1 75  ? -11.935 -3.502  3.089   1.00 6.98  ? 75  ARG A NE  1 
ATOM   593 C  CZ  . ARG A 1 75  ? -11.478 -2.354  3.596   1.00 6.37  ? 75  ARG A CZ  1 
ATOM   594 N  NH1 . ARG A 1 75  ? -11.733 -1.180  2.985   1.00 6.30  ? 75  ARG A NH1 1 
ATOM   595 N  NH2 . ARG A 1 75  ? -10.738 -2.383  4.714   1.00 6.78  ? 75  ARG A NH2 1 
ATOM   596 N  N   . ASP A 1 76  ? -12.128 -1.732  -2.126  1.00 7.29  ? 76  ASP A N   1 
ATOM   597 C  CA  . ASP A 1 76  ? -11.591 -0.389  -2.062  1.00 9.01  ? 76  ASP A CA  1 
ATOM   598 C  C   . ASP A 1 76  ? -11.555 0.058   -0.610  1.00 8.63  ? 76  ASP A C   1 
ATOM   599 O  O   . ASP A 1 76  ? -12.296 -0.468  0.240   1.00 9.01  ? 76  ASP A O   1 
ATOM   600 C  CB  . ASP A 1 76  ? -12.444 0.619   -2.788  1.00 11.28 ? 76  ASP A CB  1 
ATOM   601 C  CG  . ASP A 1 76  ? -12.348 0.631   -4.303  1.00 13.46 ? 76  ASP A CG  1 
ATOM   602 O  OD1 . ASP A 1 76  ? -11.423 0.104   -4.919  1.00 14.64 ? 76  ASP A OD1 1 
ATOM   603 O  OD2 . ASP A 1 76  ? -13.268 1.158   -4.905  1.00 15.64 ? 76  ASP A OD2 1 
ATOM   604 N  N   . LEU A 1 77  ? -10.652 0.986   -0.277  1.00 7.92  ? 77  LEU A N   1 
ATOM   605 C  CA  . LEU A 1 77  ? -10.614 1.587   1.057   1.00 6.92  ? 77  LEU A CA  1 
ATOM   606 C  C   . LEU A 1 77  ? -11.682 2.663   1.110   1.00 8.26  ? 77  LEU A C   1 
ATOM   607 O  O   . LEU A 1 77  ? -12.077 3.231   0.066   1.00 9.21  ? 77  LEU A O   1 
ATOM   608 C  CB  . LEU A 1 77  ? -9.273  2.246   1.343   1.00 7.18  ? 77  LEU A CB  1 
ATOM   609 C  CG  . LEU A 1 77  ? -8.022  1.394   1.294   1.00 7.88  ? 77  LEU A CG  1 
ATOM   610 C  CD1 . LEU A 1 77  ? -6.866  2.199   1.897   1.00 8.71  ? 77  LEU A CD1 1 
ATOM   611 C  CD2 . LEU A 1 77  ? -8.211  0.108   2.077   1.00 8.15  ? 77  LEU A CD2 1 
ATOM   612 N  N   . ASN A 1 78  ? -12.253 2.933   2.289   1.00 7.85  ? 78  ASN A N   1 
ATOM   613 C  CA  . ASN A 1 78  ? -13.244 3.979   2.373   1.00 7.92  ? 78  ASN A CA  1 
ATOM   614 C  C   . ASN A 1 78  ? -12.536 5.291   2.658   1.00 9.10  ? 78  ASN A C   1 
ATOM   615 O  O   . ASN A 1 78  ? -11.297 5.333   2.789   1.00 8.50  ? 78  ASN A O   1 
ATOM   616 C  CB  . ASN A 1 78  ? -14.312 3.654   3.448   1.00 8.21  ? 78  ASN A CB  1 
ATOM   617 C  CG  . ASN A 1 78  ? -13.905 3.663   4.908   1.00 7.99  ? 78  ASN A CG  1 
ATOM   618 O  OD1 . ASN A 1 78  ? -12.885 4.219   5.315   1.00 8.44  ? 78  ASN A OD1 1 
ATOM   619 N  ND2 . ASN A 1 78  ? -14.729 3.041   5.729   1.00 8.44  ? 78  ASN A ND2 1 
ATOM   620 N  N   . ASP A 1 79  ? -13.253 6.408   2.738   1.00 10.33 ? 79  ASP A N   1 
ATOM   621 C  CA  . ASP A 1 79  ? -12.566 7.689   2.804   1.00 11.74 ? 79  ASP A CA  1 
ATOM   622 C  C   . ASP A 1 79  ? -11.843 7.859   4.124   1.00 10.44 ? 79  ASP A C   1 
ATOM   623 O  O   . ASP A 1 79  ? -10.748 8.424   4.140   1.00 10.64 ? 79  ASP A O   1 
ATOM   624 C  CB  . ASP A 1 79  ? -13.597 8.831   2.558   1.00 15.60 ? 79  ASP A CB  1 
ATOM   625 C  CG  . ASP A 1 79  ? -14.144 8.938   1.112   1.00 18.33 ? 79  ASP A CG  1 
ATOM   626 O  OD1 . ASP A 1 79  ? -13.916 8.046   0.249   1.00 21.59 ? 79  ASP A OD1 1 
ATOM   627 O  OD2 . ASP A 1 79  ? -14.833 9.911   0.828   0.00 18.43 ? 79  ASP A OD2 1 
ATOM   628 N  N   . THR A 1 80  ? -12.341 7.293   5.227   1.00 8.51  ? 80  THR A N   1 
ATOM   629 C  CA  . THR A 1 80  ? -11.642 7.425   6.496   1.00 8.59  ? 80  THR A CA  1 
ATOM   630 C  C   . THR A 1 80  ? -10.308 6.687   6.441   1.00 7.00  ? 80  THR A C   1 
ATOM   631 O  O   . THR A 1 80  ? -9.274  7.183   6.897   1.00 5.94  ? 80  THR A O   1 
ATOM   632 C  CB  . THR A 1 80  ? -12.515 6.870   7.626   1.00 9.19  ? 80  THR A CB  1 
ATOM   633 O  OG1 . THR A 1 80  ? -13.753 7.579   7.561   1.00 9.99  ? 80  THR A OG1 1 
ATOM   634 C  CG2 . THR A 1 80  ? -11.873 7.029   9.006   1.00 9.05  ? 80  THR A CG2 1 
ATOM   635 N  N   . GLU A 1 81  ? -10.299 5.519   5.797   1.00 6.57  ? 81  GLU A N   1 
ATOM   636 C  CA  . GLU A 1 81  ? -9.076  4.739   5.661   1.00 6.88  ? 81  GLU A CA  1 
ATOM   637 C  C   . GLU A 1 81  ? -8.062  5.413   4.721   1.00 6.36  ? 81  GLU A C   1 
ATOM   638 O  O   . GLU A 1 81  ? -6.860  5.422   4.983   1.00 5.91  ? 81  GLU A O   1 
ATOM   639 C  CB  . GLU A 1 81  ? -9.406  3.340   5.134   1.00 5.56  ? 81  GLU A CB  1 
ATOM   640 C  CG  . GLU A 1 81  ? -10.164 2.447   6.091   1.00 5.64  ? 81  GLU A CG  1 
ATOM   641 C  CD  . GLU A 1 81  ? -10.659 1.157   5.446   1.00 5.32  ? 81  GLU A CD  1 
ATOM   642 O  OE1 . GLU A 1 81  ? -11.244 1.155   4.377   1.00 6.37  ? 81  GLU A OE1 1 
ATOM   643 O  OE2 . GLU A 1 81  ? -10.518 0.093   6.002   1.00 5.24  ? 81  GLU A OE2 1 
ATOM   644 N  N   . THR A 1 82  ? -8.546  6.035   3.649   1.00 6.94  ? 82  THR A N   1 
ATOM   645 C  CA  . THR A 1 82  ? -7.674  6.736   2.725   1.00 8.65  ? 82  THR A CA  1 
ATOM   646 C  C   . THR A 1 82  ? -7.058  7.962   3.411   1.00 8.47  ? 82  THR A C   1 
ATOM   647 O  O   . THR A 1 82  ? -5.844  8.172   3.353   1.00 8.99  ? 82  THR A O   1 
ATOM   648 C  CB  . THR A 1 82  ? -8.532  7.106   1.503   1.00 10.69 ? 82  THR A CB  1 
ATOM   649 O  OG1 . THR A 1 82  ? -9.003  5.848   0.960   1.00 12.77 ? 82  THR A OG1 1 
ATOM   650 C  CG2 . THR A 1 82  ? -7.768  7.810   0.425   1.00 12.17 ? 82  THR A CG2 1 
ATOM   651 N  N   . LYS A 1 83  ? -7.850  8.748   4.145   1.00 8.75  ? 83  LYS A N   1 
ATOM   652 C  CA  . LYS A 1 83  ? -7.331  9.903   4.894   1.00 9.36  ? 83  LYS A CA  1 
ATOM   653 C  C   . LYS A 1 83  ? -6.312  9.497   5.945   1.00 7.99  ? 83  LYS A C   1 
ATOM   654 O  O   . LYS A 1 83  ? -5.300  10.167  6.106   1.00 7.28  ? 83  LYS A O   1 
ATOM   655 C  CB  . LYS A 1 83  ? -8.466  10.659  5.592   1.00 11.78 ? 83  LYS A CB  1 
ATOM   656 C  CG  . LYS A 1 83  ? -9.266  11.497  4.621   1.00 14.32 ? 83  LYS A CG  1 
ATOM   657 C  CD  . LYS A 1 83  ? -9.892  12.695  5.357   1.00 15.82 ? 83  LYS A CD  1 
ATOM   658 C  CE  . LYS A 1 83  ? -9.496  13.950  4.559   0.00 15.48 ? 83  LYS A CE  1 
ATOM   659 N  NZ  . LYS A 1 83  ? -10.394 15.060  4.809   0.00 15.63 ? 83  LYS A NZ  1 
ATOM   660 N  N   . ALA A 1 84  ? -6.505  8.370   6.637   1.00 7.67  ? 84  ALA A N   1 
ATOM   661 C  CA  . ALA A 1 84  ? -5.543  7.924   7.617   1.00 7.33  ? 84  ALA A CA  1 
ATOM   662 C  C   . ALA A 1 84  ? -4.218  7.593   6.944   1.00 7.28  ? 84  ALA A C   1 
ATOM   663 O  O   . ALA A 1 84  ? -3.154  7.873   7.501   1.00 7.35  ? 84  ALA A O   1 
ATOM   664 C  CB  . ALA A 1 84  ? -6.049  6.692   8.315   1.00 7.52  ? 84  ALA A CB  1 
ATOM   665 N  N   . LEU A 1 85  ? -4.213  7.036   5.719   1.00 7.11  ? 85  LEU A N   1 
ATOM   666 C  CA  . LEU A 1 85  ? -2.947  6.774   5.042   1.00 7.64  ? 85  LEU A CA  1 
ATOM   667 C  C   . LEU A 1 85  ? -2.234  8.074   4.726   1.00 7.42  ? 85  LEU A C   1 
ATOM   668 O  O   . LEU A 1 85  ? -1.018  8.135   4.900   1.00 7.24  ? 85  LEU A O   1 
ATOM   669 C  CB  . LEU A 1 85  ? -3.165  6.005   3.756   1.00 7.69  ? 85  LEU A CB  1 
ATOM   670 C  CG  . LEU A 1 85  ? -3.558  4.555   3.958   1.00 8.90  ? 85  LEU A CG  1 
ATOM   671 C  CD1 . LEU A 1 85  ? -3.784  3.902   2.610   1.00 10.19 ? 85  LEU A CD1 1 
ATOM   672 C  CD2 . LEU A 1 85  ? -2.461  3.818   4.680   1.00 9.24  ? 85  LEU A CD2 1 
ATOM   673 N  N   . LEU A 1 86  ? -2.953  9.125   4.306   1.00 7.43  ? 86  LEU A N   1 
ATOM   674 C  CA  . LEU A 1 86  ? -2.300  10.422  4.088   1.00 8.21  ? 86  LEU A CA  1 
ATOM   675 C  C   . LEU A 1 86  ? -1.824  11.015  5.407   1.00 8.30  ? 86  LEU A C   1 
ATOM   676 O  O   . LEU A 1 86  ? -0.703  11.525  5.491   1.00 7.98  ? 86  LEU A O   1 
ATOM   677 C  CB  . LEU A 1 86  ? -3.261  11.362  3.409   1.00 8.75  ? 86  LEU A CB  1 
ATOM   678 C  CG  . LEU A 1 86  ? -3.626  11.033  1.977   1.00 10.00 ? 86  LEU A CG  1 
ATOM   679 C  CD1 . LEU A 1 86  ? -4.734  11.953  1.504   1.00 10.76 ? 86  LEU A CD1 1 
ATOM   680 C  CD2 . LEU A 1 86  ? -2.405  11.207  1.094   1.00 10.72 ? 86  LEU A CD2 1 
ATOM   681 N  N   . ALA A 1 87  ? -2.594  10.881  6.484   1.00 8.07  ? 87  ALA A N   1 
ATOM   682 C  CA  . ALA A 1 87  ? -2.191  11.371  7.795   1.00 8.28  ? 87  ALA A CA  1 
ATOM   683 C  C   . ALA A 1 87  ? -0.866  10.773  8.269   1.00 8.38  ? 87  ALA A C   1 
ATOM   684 O  O   . ALA A 1 87  ? 0.041   11.460  8.764   1.00 9.53  ? 87  ALA A O   1 
ATOM   685 C  CB  . ALA A 1 87  ? -3.290  11.040  8.794   1.00 7.94  ? 87  ALA A CB  1 
ATOM   686 N  N   . ALA A 1 88  ? -0.676  9.488   8.011   1.00 9.32  ? 88  ALA A N   1 
ATOM   687 C  CA  . ALA A 1 88  ? 0.535   8.797   8.400   1.00 8.84  ? 88  ALA A CA  1 
ATOM   688 C  C   . ALA A 1 88  ? 1.687   8.920   7.419   1.00 8.81  ? 88  ALA A C   1 
ATOM   689 O  O   . ALA A 1 88  ? 2.839   8.860   7.861   1.00 10.44 ? 88  ALA A O   1 
ATOM   690 C  CB  . ALA A 1 88  ? 0.281   7.311   8.573   1.00 9.24  ? 88  ALA A CB  1 
ATOM   691 N  N   . GLY A 1 89  ? 1.451   9.096   6.125   1.00 7.36  ? 89  GLY A N   1 
ATOM   692 C  CA  . GLY A 1 89  ? 2.544   9.023   5.172   1.00 7.03  ? 89  GLY A CA  1 
ATOM   693 C  C   . GLY A 1 89  ? 2.886   10.279  4.411   1.00 6.73  ? 89  GLY A C   1 
ATOM   694 O  O   . GLY A 1 89  ? 4.002   10.383  3.885   1.00 6.75  ? 89  GLY A O   1 
ATOM   695 N  N   . ASP A 1 90  ? 1.967   11.237  4.295   1.00 6.69  ? 90  ASP A N   1 
ATOM   696 C  CA  . ASP A 1 90  ? 2.225   12.410  3.498   1.00 6.77  ? 90  ASP A CA  1 
ATOM   697 C  C   . ASP A 1 90  ? 3.019   13.494  4.246   1.00 7.11  ? 90  ASP A C   1 
ATOM   698 O  O   . ASP A 1 90  ? 2.495   14.505  4.706   1.00 8.33  ? 90  ASP A O   1 
ATOM   699 C  CB  . ASP A 1 90  ? 0.883   12.941  3.009   1.00 7.22  ? 90  ASP A CB  1 
ATOM   700 C  CG  . ASP A 1 90  ? 1.009   14.132  2.101   1.00 7.33  ? 90  ASP A CG  1 
ATOM   701 O  OD1 . ASP A 1 90  ? 2.070   14.381  1.549   1.00 7.90  ? 90  ASP A OD1 1 
ATOM   702 O  OD2 . ASP A 1 90  ? 0.067   14.860  1.919   1.00 7.53  ? 90  ASP A OD2 1 
ATOM   703 N  N   . SER A 1 91  ? 4.316   13.274  4.292   1.00 7.90  ? 91  SER A N   1 
ATOM   704 C  CA  . SER A 1 91  ? 5.277   14.127  4.968   1.00 10.40 ? 91  SER A CA  1 
ATOM   705 C  C   . SER A 1 91  ? 5.334   15.572  4.533   1.00 10.40 ? 91  SER A C   1 
ATOM   706 O  O   . SER A 1 91  ? 5.438   16.468  5.373   1.00 10.32 ? 91  SER A O   1 
ATOM   707 C  CB  . SER A 1 91  ? 6.665   13.546  4.805   1.00 11.92 ? 91  SER A CB  1 
ATOM   708 O  OG  . SER A 1 91  ? 6.639   12.307  5.485   1.00 15.80 ? 91  SER A OG  1 
ATOM   709 N  N   . ASP A 1 92  ? 5.287   15.801  3.222   1.00 10.72 ? 92  ASP A N   1 
ATOM   710 C  CA  . ASP A 1 92  ? 5.394   17.158  2.702   1.00 11.17 ? 92  ASP A CA  1 
ATOM   711 C  C   . ASP A 1 92  ? 4.049   17.801  2.449   1.00 10.90 ? 92  ASP A C   1 
ATOM   712 O  O   . ASP A 1 92  ? 3.979   18.890  1.898   1.00 12.07 ? 92  ASP A O   1 
ATOM   713 C  CB  . ASP A 1 92  ? 6.233   17.183  1.400   1.00 10.04 ? 92  ASP A CB  1 
ATOM   714 C  CG  . ASP A 1 92  ? 5.733   16.319  0.278   1.00 10.77 ? 92  ASP A CG  1 
ATOM   715 O  OD1 . ASP A 1 92  ? 4.585   15.869  0.322   1.00 9.56  ? 92  ASP A OD1 1 
ATOM   716 O  OD2 . ASP A 1 92  ? 6.498   16.012  -0.615  1.00 11.59 ? 92  ASP A OD2 1 
ATOM   717 N  N   . HIS A 1 93  ? 2.964   17.159  2.878   1.00 11.10 ? 93  HIS A N   1 
ATOM   718 C  CA  . HIS A 1 93  ? 1.612   17.707  2.815   1.00 12.30 ? 93  HIS A CA  1 
ATOM   719 C  C   . HIS A 1 93  ? 1.127   18.170  1.442   1.00 11.54 ? 93  HIS A C   1 
ATOM   720 O  O   . HIS A 1 93  ? 0.345   19.119  1.357   1.00 11.88 ? 93  HIS A O   1 
ATOM   721 C  CB  . HIS A 1 93  ? 1.455   18.887  3.779   1.00 15.00 ? 93  HIS A CB  1 
ATOM   722 C  CG  . HIS A 1 93  ? 1.953   18.623  5.189   1.00 18.04 ? 93  HIS A CG  1 
ATOM   723 N  ND1 . HIS A 1 93  ? 1.562   17.666  6.033   1.00 19.88 ? 93  HIS A ND1 1 
ATOM   724 C  CD2 . HIS A 1 93  ? 2.914   19.386  5.805   1.00 19.17 ? 93  HIS A CD2 1 
ATOM   725 C  CE1 . HIS A 1 93  ? 2.251   17.818  7.137   1.00 20.25 ? 93  HIS A CE1 1 
ATOM   726 N  NE2 . HIS A 1 93  ? 3.055   18.849  6.988   1.00 20.79 ? 93  HIS A NE2 1 
ATOM   727 N  N   . ASP A 1 94  ? 1.537   17.509  0.363   1.00 10.25 ? 94  ASP A N   1 
ATOM   728 C  CA  . ASP A 1 94  ? 1.046   17.857  -0.971  1.00 10.28 ? 94  ASP A CA  1 
ATOM   729 C  C   . ASP A 1 94  ? -0.194  17.045  -1.357  1.00 10.90 ? 94  ASP A C   1 
ATOM   730 O  O   . ASP A 1 94  ? -0.721  17.153  -2.467  1.00 11.22 ? 94  ASP A O   1 
ATOM   731 C  CB  . ASP A 1 94  ? 2.173   17.644  -1.994  1.00 10.23 ? 94  ASP A CB  1 
ATOM   732 C  CG  . ASP A 1 94  ? 2.597   16.209  -2.250  1.00 10.87 ? 94  ASP A CG  1 
ATOM   733 O  OD1 . ASP A 1 94  ? 2.187   15.296  -1.526  1.00 9.90  ? 94  ASP A OD1 1 
ATOM   734 O  OD2 . ASP A 1 94  ? 3.339   15.950  -3.188  1.00 10.41 ? 94  ASP A OD2 1 
ATOM   735 N  N   . GLY A 1 95  ? -0.660  16.176  -0.451  1.00 10.19 ? 95  GLY A N   1 
ATOM   736 C  CA  . GLY A 1 95  ? -1.887  15.424  -0.659  1.00 11.00 ? 95  GLY A CA  1 
ATOM   737 C  C   . GLY A 1 95  ? -1.711  14.114  -1.400  1.00 10.86 ? 95  GLY A C   1 
ATOM   738 O  O   . GLY A 1 95  ? -2.694  13.491  -1.794  1.00 10.76 ? 95  GLY A O   1 
ATOM   739 N  N   . LYS A 1 96  ? -0.491  13.660  -1.628  1.00 10.58 ? 96  LYS A N   1 
ATOM   740 C  CA  . LYS A 1 96  ? -0.265  12.379  -2.300  1.00 10.78 ? 96  LYS A CA  1 
ATOM   741 C  C   . LYS A 1 96  ? 0.988   11.715  -1.753  1.00 9.59  ? 96  LYS A C   1 
ATOM   742 O  O   . LYS A 1 96  ? 1.778   12.357  -1.043  1.00 9.59  ? 96  LYS A O   1 
ATOM   743 C  CB  . LYS A 1 96  ? -0.159  12.596  -3.831  1.00 13.19 ? 96  LYS A CB  1 
ATOM   744 C  CG  . LYS A 1 96  ? 0.732   13.725  -4.213  1.00 14.86 ? 96  LYS A CG  1 
ATOM   745 C  CD  . LYS A 1 96  ? 0.403   14.157  -5.606  1.00 16.57 ? 96  LYS A CD  1 
ATOM   746 C  CE  . LYS A 1 96  ? 0.772   15.622  -5.625  1.00 19.04 ? 96  LYS A CE  1 
ATOM   747 N  NZ  . LYS A 1 96  ? 1.384   15.951  -6.888  1.00 20.03 ? 96  LYS A NZ  1 
ATOM   748 N  N   . ILE A 1 97  ? 1.224   10.430  -2.020  1.00 8.07  ? 97  ILE A N   1 
ATOM   749 C  CA  . ILE A 1 97  ? 2.360   9.700   -1.479  1.00 7.82  ? 97  ILE A CA  1 
ATOM   750 C  C   . ILE A 1 97  ? 3.442   9.496   -2.528  1.00 8.00  ? 97  ILE A C   1 
ATOM   751 O  O   . ILE A 1 97  ? 3.206   8.881   -3.562  1.00 7.35  ? 97  ILE A O   1 
ATOM   752 C  CB  . ILE A 1 97  ? 1.877   8.323   -0.944  1.00 9.17  ? 97  ILE A CB  1 
ATOM   753 C  CG1 . ILE A 1 97  ? 0.829   8.541   0.163   1.00 9.90  ? 97  ILE A CG1 1 
ATOM   754 C  CG2 . ILE A 1 97  ? 3.068   7.501   -0.426  1.00 9.08  ? 97  ILE A CG2 1 
ATOM   755 C  CD1 . ILE A 1 97  ? 1.292   9.393   1.355   1.00 11.19 ? 97  ILE A CD1 1 
ATOM   756 N  N   . GLY A 1 98  ? 4.611   10.068  -2.305  1.00 7.95  ? 98  GLY A N   1 
ATOM   757 C  CA  . GLY A 1 98  ? 5.732   9.872   -3.199  1.00 8.53  ? 98  GLY A CA  1 
ATOM   758 C  C   . GLY A 1 98  ? 6.470   8.600   -2.837  1.00 8.42  ? 98  GLY A C   1 
ATOM   759 O  O   . GLY A 1 98  ? 6.231   7.979   -1.806  1.00 8.04  ? 98  GLY A O   1 
ATOM   760 N  N   . ALA A 1 99  ? 7.434   8.222   -3.669  1.00 9.00  ? 99  ALA A N   1 
ATOM   761 C  CA  . ALA A 1 99  ? 8.205   7.008   -3.470  1.00 9.60  ? 99  ALA A CA  1 
ATOM   762 C  C   . ALA A 1 99  ? 8.968   6.964   -2.162  1.00 10.18 ? 99  ALA A C   1 
ATOM   763 O  O   . ALA A 1 99  ? 8.951   5.942   -1.472  1.00 9.82  ? 99  ALA A O   1 
ATOM   764 C  CB  . ALA A 1 99  ? 9.192   6.842   -4.616  1.00 9.29  ? 99  ALA A CB  1 
ATOM   765 N  N   . ASP A 1 100 ? 9.654   8.024   -1.739  1.00 11.01 ? 100 ASP A N   1 
ATOM   766 C  CA  . ASP A 1 100 ? 10.369  7.925   -0.479  1.00 12.24 ? 100 ASP A CA  1 
ATOM   767 C  C   . ASP A 1 100 ? 9.417   8.040   0.685   1.00 9.50  ? 100 ASP A C   1 
ATOM   768 O  O   . ASP A 1 100 ? 9.697   7.502   1.761   1.00 10.17 ? 100 ASP A O   1 
ATOM   769 C  CB  . ASP A 1 100 ? 11.485  8.993   -0.427  1.00 16.93 ? 100 ASP A CB  1 
ATOM   770 C  CG  . ASP A 1 100 ? 12.512  8.601   -1.499  1.00 21.11 ? 100 ASP A CG  1 
ATOM   771 O  OD1 . ASP A 1 100 ? 13.277  7.644   -1.322  1.00 22.93 ? 100 ASP A OD1 1 
ATOM   772 O  OD2 . ASP A 1 100 ? 12.414  9.062   -2.642  1.00 23.78 ? 100 ASP A OD2 1 
ATOM   773 N  N   . GLU A 1 101 ? 8.250   8.671   0.532   1.00 7.85  ? 101 GLU A N   1 
ATOM   774 C  CA  . GLU A 1 101 ? 7.251   8.649   1.599   1.00 7.12  ? 101 GLU A CA  1 
ATOM   775 C  C   . GLU A 1 101 ? 6.718   7.241   1.785   1.00 6.15  ? 101 GLU A C   1 
ATOM   776 O  O   . GLU A 1 101 ? 6.624   6.752   2.907   1.00 6.21  ? 101 GLU A O   1 
ATOM   777 C  CB  . GLU A 1 101 ? 6.076   9.555   1.310   1.00 6.49  ? 101 GLU A CB  1 
ATOM   778 C  CG  . GLU A 1 101 ? 6.520   11.018  1.420   1.00 7.14  ? 101 GLU A CG  1 
ATOM   779 C  CD  . GLU A 1 101 ? 5.436   11.960  1.003   1.00 7.98  ? 101 GLU A CD  1 
ATOM   780 O  OE1 . GLU A 1 101 ? 4.643   11.647  0.114   1.00 7.84  ? 101 GLU A OE1 1 
ATOM   781 O  OE2 . GLU A 1 101 ? 5.313   13.065  1.503   1.00 9.29  ? 101 GLU A OE2 1 
ATOM   782 N  N   . PHE A 1 102 ? 6.495   6.535   0.683   1.00 6.08  ? 102 PHE A N   1 
ATOM   783 C  CA  . PHE A 1 102 ? 6.032   5.161   0.732   1.00 5.54  ? 102 PHE A CA  1 
ATOM   784 C  C   . PHE A 1 102 ? 7.082   4.274   1.392   1.00 5.39  ? 102 PHE A C   1 
ATOM   785 O  O   . PHE A 1 102 ? 6.759   3.445   2.249   1.00 4.99  ? 102 PHE A O   1 
ATOM   786 C  CB  . PHE A 1 102 ? 5.746   4.651   -0.691  1.00 5.39  ? 102 PHE A CB  1 
ATOM   787 C  CG  . PHE A 1 102 ? 5.132   3.263   -0.703  1.00 6.20  ? 102 PHE A CG  1 
ATOM   788 C  CD1 . PHE A 1 102 ? 3.793   3.086   -0.401  1.00 7.15  ? 102 PHE A CD1 1 
ATOM   789 C  CD2 . PHE A 1 102 ? 5.935   2.181   -1.032  1.00 7.03  ? 102 PHE A CD2 1 
ATOM   790 C  CE1 . PHE A 1 102 ? 3.264   1.795   -0.428  1.00 7.08  ? 102 PHE A CE1 1 
ATOM   791 C  CE2 . PHE A 1 102 ? 5.402   0.910   -1.058  1.00 7.49  ? 102 PHE A CE2 1 
ATOM   792 C  CZ  . PHE A 1 102 ? 4.072   0.723   -0.759  1.00 7.00  ? 102 PHE A CZ  1 
ATOM   793 N  N   . ALA A 1 103 ? 8.349   4.427   1.022   1.00 5.80  ? 103 ALA A N   1 
ATOM   794 C  CA  . ALA A 1 103 ? 9.411   3.625   1.617   1.00 7.11  ? 103 ALA A CA  1 
ATOM   795 C  C   . ALA A 1 103 ? 9.501   3.847   3.134   1.00 7.33  ? 103 ALA A C   1 
ATOM   796 O  O   . ALA A 1 103 ? 9.777   2.935   3.925   1.00 6.51  ? 103 ALA A O   1 
ATOM   797 C  CB  . ALA A 1 103 ? 10.729  4.006   0.930   1.00 7.65  ? 103 ALA A CB  1 
ATOM   798 N  N   . LYS A 1 104 ? 9.262   5.095   3.567   1.00 8.00  ? 104 LYS A N   1 
ATOM   799 C  CA  . LYS A 1 104 ? 9.257   5.437   4.992   1.00 10.31 ? 104 LYS A CA  1 
ATOM   800 C  C   . LYS A 1 104 ? 8.137   4.744   5.735   1.00 9.94  ? 104 LYS A C   1 
ATOM   801 O  O   . LYS A 1 104 ? 8.397   4.217   6.820   1.00 9.20  ? 104 LYS A O   1 
ATOM   802 C  CB  . LYS A 1 104 ? 9.078   6.911   5.192   1.00 12.41 ? 104 LYS A CB  1 
ATOM   803 C  CG  . LYS A 1 104 ? 9.461   7.338   6.599   1.00 15.78 ? 104 LYS A CG  1 
ATOM   804 C  CD  . LYS A 1 104 ? 9.877   8.818   6.641   1.00 17.93 ? 104 LYS A CD  1 
ATOM   805 C  CE  . LYS A 1 104 ? 11.288  9.104   6.073   1.00 18.87 ? 104 LYS A CE  1 
ATOM   806 N  NZ  . LYS A 1 104 ? 11.490  8.491   4.769   0.00 18.54 ? 104 LYS A NZ  1 
ATOM   807 N  N   . MET A 1 105 ? 6.936   4.743   5.137   1.00 9.10  ? 105 MET A N   1 
ATOM   808 C  CA  . MET A 1 105 ? 5.804   4.079   5.745   1.00 9.08  ? 105 MET A CA  1 
ATOM   809 C  C   . MET A 1 105 ? 6.103   2.616   5.935   1.00 8.95  ? 105 MET A C   1 
ATOM   810 O  O   . MET A 1 105 ? 5.847   2.085   7.010   1.00 8.64  ? 105 MET A O   1 
ATOM   811 C  CB  . MET A 1 105 ? 4.552   4.206   4.889   1.00 10.40 ? 105 MET A CB  1 
ATOM   812 C  CG  . MET A 1 105 ? 4.030   5.610   4.801   1.00 12.09 ? 105 MET A CG  1 
ATOM   813 S  SD  . MET A 1 105 ? 2.616   5.665   3.665   1.00 14.60 ? 105 MET A SD  1 
ATOM   814 C  CE  . MET A 1 105 ? 1.410   5.119   4.832   1.00 14.50 ? 105 MET A CE  1 
ATOM   815 N  N   . VAL A 1 106 ? 6.700   1.945   4.940   1.00 8.48  ? 106 VAL A N   1 
ATOM   816 C  CA  . VAL A 1 106 ? 7.072   0.546   5.105   1.00 8.89  ? 106 VAL A CA  1 
ATOM   817 C  C   . VAL A 1 106 ? 8.132   0.411   6.214   1.00 9.99  ? 106 VAL A C   1 
ATOM   818 O  O   . VAL A 1 106 ? 8.073   -0.514  7.035   1.00 11.21 ? 106 VAL A O   1 
ATOM   819 C  CB  . VAL A 1 106 ? 7.607   0.005   3.764   1.00 8.40  ? 106 VAL A CB  1 
ATOM   820 C  CG1 . VAL A 1 106 ? 8.064   -1.447  3.899   1.00 9.00  ? 106 VAL A CG1 1 
ATOM   821 C  CG2 . VAL A 1 106 ? 6.504   0.081   2.739   1.00 8.72  ? 106 VAL A CG2 1 
ATOM   822 N  N   . ALA A 1 107 ? 9.099   1.325   6.315   1.00 10.78 ? 107 ALA A N   1 
ATOM   823 C  CA  . ALA A 1 107 ? 10.151  1.250   7.326   1.00 12.31 ? 107 ALA A CA  1 
ATOM   824 C  C   . ALA A 1 107 ? 9.615   1.395   8.747   1.00 13.33 ? 107 ALA A C   1 
ATOM   825 O  O   . ALA A 1 107 ? 10.058  0.666   9.642   1.00 13.10 ? 107 ALA A O   1 
ATOM   826 C  CB  . ALA A 1 107 ? 11.191  2.342   7.133   1.00 11.25 ? 107 ALA A CB  1 
ATOM   827 N  N   . GLN A 1 108 ? 8.605   2.232   8.949   1.00 15.24 ? 108 GLN A N   1 
ATOM   828 C  CA  . GLN A 1 108 ? 8.059   2.442   10.269  1.00 17.79 ? 108 GLN A CA  1 
ATOM   829 C  C   . GLN A 1 108 ? 6.981   1.487   10.736  1.00 19.16 ? 108 GLN A C   1 
ATOM   830 O  O   . GLN A 1 108 ? 6.525   1.610   11.889  1.00 19.75 ? 108 GLN A O   1 
ATOM   831 C  CB  . GLN A 1 108 ? 7.520   3.851   10.366  1.00 19.09 ? 108 GLN A CB  1 
ATOM   832 C  CG  . GLN A 1 108 ? 6.330   4.188   9.520   1.00 20.70 ? 108 GLN A CG  1 
ATOM   833 C  CD  . GLN A 1 108 ? 6.163   5.690   9.386   1.00 22.16 ? 108 GLN A CD  1 
ATOM   834 O  OE1 . GLN A 1 108 ? 5.081   6.191   9.072   1.00 23.48 ? 108 GLN A OE1 1 
ATOM   835 N  NE2 . GLN A 1 108 ? 7.191   6.497   9.583   1.00 22.39 ? 108 GLN A NE2 1 
ATOM   836 N  N   . ALA A 1 109 ? 6.555   0.598   9.837   1.00 20.12 ? 109 ALA A N   1 
ATOM   837 C  CA  . ALA A 1 109 ? 5.496   -0.344  10.128  1.00 22.00 ? 109 ALA A CA  1 
ATOM   838 C  C   . ALA A 1 109 ? 5.866   -1.365  11.214  1.00 22.85 ? 109 ALA A C   1 
ATOM   839 O  O   . ALA A 1 109 ? 6.976   -1.884  11.211  1.00 23.81 ? 109 ALA A O   1 
ATOM   840 C  CB  . ALA A 1 109 ? 5.122   -1.085  8.833   1.00 20.55 ? 109 ALA A CB  1 
ATOM   841 O  OXT . ALA A 1 109 ? 5.046   -1.689  12.069  1.00 24.19 ? 109 ALA A OXT 1 
HETATM 842 CA CA  . CA  B 2 .   ? 3.537   13.835  -0.229  1.00 6.06  ? 110 CA  A CA  1 
HETATM 843 CA CA  . CA  C 2 .   ? -0.231  8.019   -9.753  1.00 7.74  ? 111 CA  A CA  1 
HETATM 844 O  O   . HOH D 3 .   ? -1.451  -2.787  13.992  1.00 79.75 ? 201 HOH A O   1 
HETATM 845 O  O   . HOH D 3 .   ? 5.645   -11.923 0.965   1.00 8.18  ? 202 HOH A O   1 
HETATM 846 O  O   . HOH D 3 .   ? -3.117  1.843   -6.510  1.00 15.51 ? 203 HOH A O   1 
HETATM 847 O  O   . HOH D 3 .   ? -8.034  -0.935  -2.107  1.00 11.43 ? 204 HOH A O   1 
HETATM 848 O  O   . HOH D 3 .   ? -6.832  10.844  9.395   1.00 12.54 ? 205 HOH A O   1 
HETATM 849 O  O   . HOH D 3 .   ? -8.987  9.061   8.992   1.00 13.73 ? 206 HOH A O   1 
HETATM 850 O  O   . HOH D 3 .   ? -6.536  -13.225 -4.314  1.00 12.70 ? 207 HOH A O   1 
HETATM 851 O  O   . HOH D 3 .   ? 1.657   -4.017  12.756  1.00 30.42 ? 208 HOH A O   1 
HETATM 852 O  O   . HOH D 3 .   ? -3.763  2.800   8.236   1.00 12.56 ? 209 HOH A O   1 
HETATM 853 O  O   . HOH D 3 .   ? -7.959  3.674   8.988   1.00 16.58 ? 210 HOH A O   1 
HETATM 854 O  O   . HOH D 3 .   ? -6.131  3.274   6.878   1.00 9.38  ? 211 HOH A O   1 
HETATM 855 O  O   . HOH D 3 .   ? 5.547   -12.743 -10.406 1.00 10.39 ? 212 HOH A O   1 
HETATM 856 O  O   . HOH D 3 .   ? -9.556  -6.936  1.025   1.00 10.89 ? 213 HOH A O   1 
HETATM 857 O  O   . HOH D 3 .   ? -16.215 -3.915  8.948   1.00 10.63 ? 214 HOH A O   1 
HETATM 858 O  O   . HOH D 3 .   ? -11.733 -7.504  7.502   1.00 17.53 ? 215 HOH A O   1 
HETATM 859 O  O   . HOH D 3 .   ? 3.258   -18.264 -1.584  1.00 12.56 ? 216 HOH A O   1 
HETATM 860 O  O   . HOH D 3 .   ? -2.262  -17.872 -2.914  1.00 12.82 ? 217 HOH A O   1 
HETATM 861 O  O   . HOH D 3 .   ? -7.930  -4.626  11.428  1.00 22.40 ? 218 HOH A O   1 
HETATM 862 O  O   . HOH D 3 .   ? 2.403   5.958   11.936  1.00 16.88 ? 219 HOH A O   1 
HETATM 863 O  O   . HOH D 3 .   ? 1.685   -6.746  13.340  1.00 23.65 ? 220 HOH A O   1 
HETATM 864 O  O   . HOH D 3 .   ? 18.457  2.963   -2.818  1.00 18.86 ? 221 HOH A O   1 
HETATM 865 O  O   . HOH D 3 .   ? -6.618  11.616  -12.214 1.00 40.90 ? 222 HOH A O   1 
HETATM 866 O  O   . HOH D 3 .   ? 0.281   10.388  -15.164 1.00 18.51 ? 223 HOH A O   1 
HETATM 867 O  O   . HOH D 3 .   ? -0.063  14.266  -9.237  1.00 21.46 ? 224 HOH A O   1 
HETATM 868 O  O   . HOH D 3 .   ? 18.010  -1.785  -2.754  1.00 14.05 ? 225 HOH A O   1 
HETATM 869 O  O   . HOH D 3 .   ? 15.445  -9.081  0.295   1.00 25.21 ? 226 HOH A O   1 
HETATM 870 O  O   . HOH D 3 .   ? 11.264  -3.937  -13.058 1.00 36.94 ? 227 HOH A O   1 
HETATM 871 O  O   . HOH D 3 .   ? 6.199   5.081   -10.484 1.00 29.61 ? 228 HOH A O   1 
HETATM 872 O  O   . HOH D 3 .   ? -14.995 -1.790  -2.581  1.00 25.63 ? 229 HOH A O   1 
HETATM 873 O  O   . HOH D 3 .   ? -15.468 6.878   5.245   1.00 31.52 ? 230 HOH A O   1 
HETATM 874 O  O   . HOH D 3 .   ? -2.515  5.379   8.954   1.00 8.56  ? 231 HOH A O   1 
HETATM 875 O  O   . HOH D 3 .   ? -2.317  15.300  3.123   1.00 34.38 ? 232 HOH A O   1 
HETATM 876 O  O   . HOH D 3 .   ? 8.223   14.041  1.686   1.00 20.83 ? 233 HOH A O   1 
HETATM 877 O  O   . HOH D 3 .   ? 0.656   14.139  6.884   1.00 26.40 ? 234 HOH A O   1 
HETATM 878 O  O   . HOH D 3 .   ? 11.471  0.714   3.149   1.00 20.57 ? 235 HOH A O   1 
HETATM 879 O  O   . HOH D 3 .   ? 6.145   8.814   4.918   1.00 11.17 ? 236 HOH A O   1 
HETATM 880 O  O   . HOH D 3 .   ? 8.807   11.034  4.722   1.00 32.61 ? 237 HOH A O   1 
HETATM 881 O  O   . HOH D 3 .   ? -6.931  11.228  -15.197 1.00 54.37 ? 238 HOH A O   1 
HETATM 882 O  O   . HOH D 3 .   ? 3.844   17.503  -5.596  1.00 32.06 ? 239 HOH A O   1 
HETATM 883 O  O   . HOH D 3 .   ? 8.739   10.940  -1.431  1.00 18.11 ? 240 HOH A O   1 
HETATM 884 O  O   . HOH D 3 .   ? 6.237   15.646  -3.342  1.00 35.23 ? 241 HOH A O   1 
HETATM 885 O  O   . HOH D 3 .   ? 1.088   -10.973 -8.621  1.00 34.80 ? 242 HOH A O   1 
HETATM 886 O  O   . HOH D 3 .   ? 1.570   -13.266 6.032   1.00 56.64 ? 243 HOH A O   1 
HETATM 887 O  O   . HOH D 3 .   ? 6.673   -2.789  -10.915 1.00 40.92 ? 244 HOH A O   1 
HETATM 888 O  O   . HOH D 3 .   ? 1.138   -16.931 4.363   1.00 50.10 ? 245 HOH A O   1 
HETATM 889 O  O   . HOH D 3 .   ? 4.570   13.473  -2.539  1.00 11.54 ? 246 HOH A O   1 
HETATM 890 O  O   . HOH D 3 .   ? -4.816  6.488   -11.494 1.00 51.86 ? 247 HOH A O   1 
HETATM 891 O  O   . HOH D 3 .   ? -5.010  9.911   -13.721 1.00 29.17 ? 248 HOH A O   1 
HETATM 892 O  O   . HOH D 3 .   ? -10.902 -10.999 8.124   1.00 28.64 ? 249 HOH A O   1 
HETATM 893 O  O   . HOH D 3 .   ? -16.113 -11.045 8.528   1.00 30.19 ? 250 HOH A O   1 
HETATM 894 O  O   . HOH D 3 .   ? -9.257  1.406   10.117  1.00 20.24 ? 251 HOH A O   1 
HETATM 895 O  O   . HOH D 3 .   ? -8.675  5.643   10.990  1.00 17.09 ? 252 HOH A O   1 
HETATM 896 O  O   . HOH D 3 .   ? -7.442  0.652   12.124  1.00 30.31 ? 253 HOH A O   1 
HETATM 897 O  O   . HOH D 3 .   ? 3.390   8.534   10.810  1.00 32.11 ? 254 HOH A O   1 
HETATM 898 O  O   . HOH D 3 .   ? 8.312   -12.356 1.846   1.00 34.17 ? 255 HOH A O   1 
HETATM 899 O  O   . HOH D 3 .   ? -8.363  2.589   14.107  1.00 33.99 ? 256 HOH A O   1 
HETATM 900 O  O   . HOH D 3 .   ? 4.234   3.198   -12.372 1.00 40.02 ? 257 HOH A O   1 
HETATM 901 O  O   . HOH D 3 .   ? -4.199  -0.429  -7.360  1.00 22.02 ? 258 HOH A O   1 
HETATM 902 O  O   . HOH D 3 .   ? 1.129   -0.126  -12.499 1.00 42.67 ? 259 HOH A O   1 
HETATM 903 O  O   . HOH D 3 .   ? -8.059  3.141   -7.483  1.00 73.90 ? 260 HOH A O   1 
HETATM 904 O  O   . HOH D 3 .   ? -4.524  9.308   -9.902  1.00 24.62 ? 261 HOH A O   1 
HETATM 905 O  O   . HOH D 3 .   ? 9.931   4.608   -7.667  1.00 47.74 ? 262 HOH A O   1 
HETATM 906 O  O   . HOH D 3 .   ? 3.525   14.075  -11.762 1.00 41.06 ? 263 HOH A O   1 
HETATM 907 O  O   . HOH D 3 .   ? -4.166  13.119  -4.368  1.00 17.37 ? 264 HOH A O   1 
HETATM 908 O  O   . HOH D 3 .   ? 14.130  5.702   0.683   1.00 37.48 ? 265 HOH A O   1 
HETATM 909 O  O   . HOH D 3 .   ? -6.840  -5.594  -9.346  1.00 48.75 ? 266 HOH A O   1 
HETATM 910 O  O   . HOH D 3 .   ? -16.190 6.175   1.911   1.00 23.06 ? 267 HOH A O   1 
HETATM 911 O  O   . HOH D 3 .   ? -5.230  14.459  -1.132  1.00 24.92 ? 268 HOH A O   1 
HETATM 912 O  O   . HOH D 3 .   ? -0.666  -8.996  -7.611  1.00 55.75 ? 269 HOH A O   1 
HETATM 913 O  O   . HOH D 3 .   ? -13.440 -11.523 9.225   1.00 49.61 ? 270 HOH A O   1 
HETATM 914 O  O   . HOH D 3 .   ? -0.606  22.403  -6.389  1.00 31.15 ? 271 HOH A O   1 
HETATM 915 O  O   . HOH D 3 .   ? 7.827   10.053  -5.997  1.00 21.40 ? 272 HOH A O   1 
HETATM 916 O  O   . HOH D 3 .   ? -5.278  13.021  6.082   1.00 34.06 ? 273 HOH A O   1 
HETATM 917 O  O   . HOH D 3 .   ? -6.599  13.704  8.465   1.00 56.14 ? 274 HOH A O   1 
HETATM 918 O  O   . HOH D 3 .   ? -1.870  -14.110 -4.427  1.00 22.23 ? 275 HOH A O   1 
HETATM 919 O  O   . HOH D 3 .   ? -10.313 3.328   15.870  1.00 51.26 ? 276 HOH A O   1 
HETATM 920 O  O   . HOH D 3 .   ? -13.286 -8.811  9.248   1.00 41.05 ? 277 HOH A O   1 
HETATM 921 O  O   . HOH D 3 .   ? 16.663  -7.690  2.358   1.00 39.04 ? 278 HOH A O   1 
HETATM 922 O  O   . HOH D 3 .   ? 18.287  -5.392  3.003   1.00 52.92 ? 279 HOH A O   1 
HETATM 923 O  O   . HOH D 3 .   ? 13.118  -5.842  -13.768 1.00 27.36 ? 281 HOH A O   1 
HETATM 924 O  O   . HOH D 3 .   ? -5.890  11.731  -9.537  1.00 51.68 ? 282 HOH A O   1 
HETATM 925 O  O   . HOH D 3 .   ? 7.079   13.330  -2.517  1.00 37.50 ? 283 HOH A O   1 
HETATM 926 O  O   . HOH D 3 .   ? -16.242 0.821   -2.014  1.00 59.41 ? 285 HOH A O   1 
HETATM 927 O  O   . HOH D 3 .   ? -4.217  -7.077  -9.142  1.00 42.09 ? 287 HOH A O   1 
HETATM 928 O  O   . HOH D 3 .   ? -13.546 10.305  7.251   1.00 43.54 ? 288 HOH A O   1 
HETATM 929 O  O   . HOH D 3 .   ? -3.128  14.624  5.808   1.00 65.68 ? 289 HOH A O   1 
HETATM 930 O  O   . HOH D 3 .   ? 8.851   12.363  -4.771  1.00 46.34 ? 291 HOH A O   1 
HETATM 931 O  O   . HOH D 3 .   ? -6.669  11.753  -6.550  1.00 31.07 ? 292 HOH A O   1 
HETATM 932 O  O   . HOH D 3 .   ? -4.710  15.958  1.482   1.00 46.27 ? 293 HOH A O   1 
HETATM 933 O  O   . HOH D 3 .   ? -5.171  -16.882 3.559   1.00 56.78 ? 294 HOH A O   1 
HETATM 934 O  O   . HOH D 3 .   ? -2.805  -17.489 2.050   1.00 28.76 ? 297 HOH A O   1 
HETATM 935 O  O   . HOH D 3 .   ? 10.015  -10.902 4.248   1.00 41.89 ? 298 HOH A O   1 
# 
